data_2F6A
#
_entry.id   2F6A
#
_cell.length_a   90.547
_cell.length_b   193.820
_cell.length_c   205.189
_cell.angle_alpha   90.00
_cell.angle_beta   90.00
_cell.angle_gamma   90.00
#
_symmetry.space_group_name_H-M   'C 2 2 21'
#
loop_
_entity.id
_entity.type
_entity.pdbx_description
1 polymer 'Collagen adhesin'
2 polymer Collagen
#
loop_
_entity_poly.entity_id
_entity_poly.type
_entity_poly.pdbx_seq_one_letter_code
_entity_poly.pdbx_strand_id
1 'polypeptide(L)'
;GSARDISSTNVTDLTVSPSKIEDGGKTTVKMTFDDKNGKIQNGDMIKVAWPTSGTVKIEGYSKTVPLTVKGEQVGQAVIT
PDGATITFNDKVEKLSDVSGFAEFEVQGRNLTQTNTSDDKVATITSGNKSTNVTVHKSEAGTSSVFYYKTGDMLPEDTTH
VRWFLNINNEKSYVSKDITIKDQIQGGQQLDLSTLNINVTGTHSNYYSGQSAITDFEKAFPGSKITVDNTKNTIDVTIPQ
GYGSYNSFSINYKTKITNEQQKEFVNNSQAWYQEHGKEEVNGKSFNHTVHNINANAGIEGTVK
;
A,B,C,D
2 'polypeptide(L)' GP(HYP)GP(HYP)GP(HYP)GP(HYP)GPRGRTGP(HYP)GP(HYP)GP(HYP)GP(HYP) E,F,G,H,I,J
#
# COMPACT_ATOMS: atom_id res chain seq x y z
N GLY A 1 -18.93 -46.55 -18.51
CA GLY A 1 -17.81 -45.83 -17.84
C GLY A 1 -17.58 -46.31 -16.42
N SER A 2 -16.99 -47.49 -16.29
CA SER A 2 -16.70 -48.10 -15.00
C SER A 2 -15.35 -47.64 -14.44
N ALA A 3 -15.22 -47.64 -13.12
CA ALA A 3 -14.04 -47.10 -12.46
C ALA A 3 -13.47 -48.02 -11.36
N ARG A 4 -12.22 -47.78 -11.00
CA ARG A 4 -11.51 -48.56 -9.98
C ARG A 4 -10.82 -47.63 -8.97
N ASP A 5 -10.87 -48.00 -7.70
CA ASP A 5 -10.11 -47.30 -6.66
C ASP A 5 -8.79 -48.04 -6.45
N ILE A 6 -7.77 -47.65 -7.22
CA ILE A 6 -6.48 -48.33 -7.24
C ILE A 6 -5.44 -47.71 -6.31
N SER A 7 -5.90 -46.89 -5.37
CA SER A 7 -5.02 -46.20 -4.41
C SER A 7 -4.26 -47.17 -3.52
N SER A 8 -4.93 -48.26 -3.11
CA SER A 8 -4.35 -49.24 -2.20
C SER A 8 -3.28 -50.14 -2.84
N THR A 9 -3.14 -50.06 -4.16
CA THR A 9 -2.22 -50.93 -4.90
C THR A 9 -1.08 -50.18 -5.59
N ASN A 10 -1.26 -48.88 -5.83
CA ASN A 10 -0.32 -48.12 -6.67
C ASN A 10 0.41 -46.96 -6.01
N VAL A 11 -0.06 -46.53 -4.83
CA VAL A 11 0.56 -45.42 -4.11
C VAL A 11 1.92 -45.82 -3.53
N THR A 12 2.94 -45.00 -3.80
CA THR A 12 4.31 -45.26 -3.35
C THR A 12 4.60 -44.54 -2.03
N ASP A 13 4.49 -43.22 -2.04
CA ASP A 13 4.76 -42.39 -0.87
C ASP A 13 3.71 -41.31 -0.65
N LEU A 14 3.54 -40.90 0.59
CA LEU A 14 2.62 -39.81 0.95
C LEU A 14 3.34 -38.79 1.82
N THR A 15 3.75 -37.69 1.21
CA THR A 15 4.54 -36.65 1.89
C THR A 15 3.68 -35.44 2.23
N VAL A 16 3.86 -34.95 3.46
CA VAL A 16 3.26 -33.69 3.92
C VAL A 16 4.39 -32.79 4.41
N SER A 17 4.54 -31.63 3.75
CA SER A 17 5.69 -30.76 3.97
C SER A 17 5.82 -30.23 5.41
N PRO A 18 4.95 -29.28 5.82
CA PRO A 18 5.01 -28.89 7.23
C PRO A 18 4.14 -29.82 8.09
N SER A 19 4.78 -30.68 8.87
CA SER A 19 4.10 -31.63 9.74
C SER A 19 3.43 -30.95 10.93
N LYS A 20 3.87 -29.73 11.24
CA LYS A 20 3.29 -28.93 12.31
C LYS A 20 2.90 -27.54 11.80
N ILE A 21 1.60 -27.28 11.76
CA ILE A 21 1.07 -26.00 11.30
C ILE A 21 0.17 -25.35 12.35
N GLU A 22 -0.12 -24.06 12.16
CA GLU A 22 -1.05 -23.33 13.01
C GLU A 22 -2.48 -23.47 12.49
N ASP A 23 -3.46 -23.03 13.29
CA ASP A 23 -4.86 -23.11 12.93
C ASP A 23 -5.19 -22.19 11.75
N GLY A 24 -5.65 -22.79 10.66
CA GLY A 24 -5.91 -22.06 9.41
C GLY A 24 -4.71 -22.02 8.50
N GLY A 25 -3.66 -22.76 8.87
CA GLY A 25 -2.41 -22.82 8.10
C GLY A 25 -2.50 -23.70 6.87
N LYS A 26 -1.61 -23.46 5.91
CA LYS A 26 -1.58 -24.20 4.66
C LYS A 26 -0.52 -25.30 4.67
N THR A 27 -0.82 -26.41 4.01
CA THR A 27 0.02 -27.60 4.04
C THR A 27 0.16 -28.22 2.65
N THR A 28 1.41 -28.46 2.24
CA THR A 28 1.70 -29.08 0.94
C THR A 28 1.68 -30.60 1.04
N VAL A 29 0.69 -31.21 0.39
CA VAL A 29 0.53 -32.67 0.40
C VAL A 29 0.95 -33.25 -0.95
N LYS A 30 1.89 -34.20 -0.92
CA LYS A 30 2.41 -34.83 -2.12
C LYS A 30 2.15 -36.34 -2.10
N MET A 31 1.48 -36.82 -3.14
CA MET A 31 1.17 -38.24 -3.30
C MET A 31 1.90 -38.77 -4.53
N THR A 32 2.74 -39.79 -4.33
CA THR A 32 3.51 -40.40 -5.41
C THR A 32 2.96 -41.79 -5.74
N PHE A 33 2.89 -42.11 -7.03
CA PHE A 33 2.37 -43.40 -7.49
C PHE A 33 3.18 -44.00 -8.65
N ASP A 34 3.14 -45.32 -8.77
CA ASP A 34 3.76 -46.04 -9.89
C ASP A 34 3.00 -47.33 -10.24
N ASP A 35 3.20 -47.82 -11.46
CA ASP A 35 2.53 -49.05 -11.91
C ASP A 35 3.44 -50.29 -11.78
N LYS A 36 4.29 -50.28 -10.75
CA LYS A 36 5.19 -51.40 -10.48
C LYS A 36 4.48 -52.54 -9.75
N ASN A 37 3.19 -52.38 -9.50
CA ASN A 37 2.36 -53.39 -8.85
C ASN A 37 0.99 -53.58 -9.50
N GLY A 38 0.78 -52.93 -10.65
CA GLY A 38 -0.48 -53.01 -11.38
C GLY A 38 -0.58 -51.93 -12.44
N LYS A 39 -0.84 -52.35 -13.67
CA LYS A 39 -0.90 -51.44 -14.82
C LYS A 39 -2.09 -50.47 -14.73
N ILE A 40 -1.82 -49.19 -14.99
CA ILE A 40 -2.83 -48.15 -14.94
C ILE A 40 -3.70 -48.19 -16.19
N GLN A 41 -5.02 -48.30 -15.99
CA GLN A 41 -5.98 -48.42 -17.09
C GLN A 41 -6.99 -47.27 -17.09
N ASN A 42 -7.89 -47.28 -18.06
CA ASN A 42 -8.97 -46.30 -18.15
C ASN A 42 -10.03 -46.56 -17.07
N GLY A 43 -10.25 -45.57 -16.21
CA GLY A 43 -11.19 -45.69 -15.10
C GLY A 43 -10.52 -45.72 -13.74
N ASP A 44 -9.25 -46.11 -13.73
CA ASP A 44 -8.45 -46.18 -12.51
C ASP A 44 -8.42 -44.84 -11.76
N MET A 45 -8.56 -44.92 -10.44
CA MET A 45 -8.58 -43.71 -9.59
C MET A 45 -7.72 -43.86 -8.35
N ILE A 46 -6.89 -42.85 -8.09
CA ILE A 46 -6.15 -42.74 -6.85
C ILE A 46 -6.92 -41.77 -5.94
N LYS A 47 -7.27 -42.23 -4.75
CA LYS A 47 -8.08 -41.44 -3.82
C LYS A 47 -7.30 -41.07 -2.57
N VAL A 48 -7.16 -39.77 -2.34
CA VAL A 48 -6.50 -39.23 -1.14
C VAL A 48 -7.57 -38.74 -0.17
N ALA A 49 -7.58 -39.34 1.03
CA ALA A 49 -8.57 -39.02 2.05
C ALA A 49 -7.94 -38.37 3.29
N TRP A 50 -8.76 -37.63 4.03
CA TRP A 50 -8.34 -36.97 5.27
C TRP A 50 -9.57 -36.72 6.17
N PRO A 51 -9.33 -36.45 7.48
CA PRO A 51 -10.45 -36.17 8.39
C PRO A 51 -11.31 -34.99 7.91
N THR A 52 -12.62 -35.20 7.86
CA THR A 52 -13.55 -34.22 7.31
C THR A 52 -14.53 -33.66 8.35
N SER A 53 -14.63 -34.33 9.49
CA SER A 53 -15.55 -33.92 10.56
C SER A 53 -14.98 -34.17 11.95
N GLY A 54 -15.51 -33.44 12.93
CA GLY A 54 -15.10 -33.60 14.33
C GLY A 54 -14.32 -32.42 14.87
N THR A 55 -13.24 -32.73 15.60
CA THR A 55 -12.39 -31.71 16.20
C THR A 55 -11.22 -31.30 15.28
N VAL A 56 -10.88 -32.17 14.33
CA VAL A 56 -9.84 -31.87 13.35
C VAL A 56 -10.41 -31.96 11.94
N LYS A 57 -10.40 -30.83 11.24
CA LYS A 57 -10.90 -30.78 9.87
C LYS A 57 -9.80 -30.38 8.89
N ILE A 58 -9.71 -31.15 7.80
CA ILE A 58 -8.72 -30.90 6.76
C ILE A 58 -9.43 -30.52 5.47
N GLU A 59 -9.20 -29.30 5.00
CA GLU A 59 -9.88 -28.77 3.82
C GLU A 59 -8.89 -28.45 2.69
N GLY A 60 -8.90 -29.30 1.66
CA GLY A 60 -8.05 -29.10 0.49
C GLY A 60 -8.59 -28.04 -0.44
N TYR A 61 -7.72 -27.16 -0.91
CA TYR A 61 -8.12 -26.08 -1.81
C TYR A 61 -8.50 -26.59 -3.19
N SER A 62 -9.70 -26.20 -3.63
CA SER A 62 -10.27 -26.69 -4.89
C SER A 62 -9.46 -26.26 -6.11
N LYS A 63 -8.61 -27.16 -6.59
CA LYS A 63 -7.85 -26.95 -7.82
C LYS A 63 -7.89 -28.17 -8.73
N THR A 64 -7.62 -27.95 -10.01
CA THR A 64 -7.65 -29.02 -11.00
C THR A 64 -6.39 -28.99 -11.85
N VAL A 65 -5.46 -29.90 -11.56
CA VAL A 65 -4.21 -30.01 -12.31
C VAL A 65 -4.21 -31.29 -13.15
N PRO A 66 -4.17 -31.15 -14.49
CA PRO A 66 -4.22 -32.32 -15.37
C PRO A 66 -2.85 -32.99 -15.53
N LEU A 67 -2.84 -34.32 -15.40
CA LEU A 67 -1.64 -35.11 -15.67
C LEU A 67 -1.42 -35.20 -17.18
N THR A 68 -0.43 -34.48 -17.68
CA THR A 68 -0.16 -34.41 -19.11
C THR A 68 1.25 -34.84 -19.46
N VAL A 69 1.35 -35.69 -20.49
CA VAL A 69 2.63 -36.11 -21.04
C VAL A 69 2.61 -35.95 -22.57
N LYS A 70 3.67 -35.35 -23.12
CA LYS A 70 3.79 -35.03 -24.56
C LYS A 70 2.51 -34.52 -25.23
N GLY A 71 1.78 -33.65 -24.53
CA GLY A 71 0.57 -33.03 -25.06
C GLY A 71 -0.68 -33.90 -24.96
N GLU A 72 -0.57 -35.01 -24.23
CA GLU A 72 -1.70 -35.93 -24.06
C GLU A 72 -2.13 -35.98 -22.59
N GLN A 73 -3.39 -35.64 -22.34
CA GLN A 73 -3.95 -35.67 -21.00
C GLN A 73 -4.27 -37.11 -20.60
N VAL A 74 -3.32 -37.74 -19.92
CA VAL A 74 -3.45 -39.14 -19.51
C VAL A 74 -4.20 -39.30 -18.18
N GLY A 75 -4.26 -38.22 -17.41
CA GLY A 75 -4.96 -38.21 -16.13
C GLY A 75 -5.32 -36.81 -15.69
N GLN A 76 -6.04 -36.71 -14.56
CA GLN A 76 -6.45 -35.43 -14.01
C GLN A 76 -6.61 -35.50 -12.49
N ALA A 77 -5.99 -34.54 -11.80
CA ALA A 77 -6.10 -34.45 -10.35
C ALA A 77 -7.23 -33.51 -9.94
N VAL A 78 -8.24 -34.07 -9.28
CA VAL A 78 -9.39 -33.30 -8.80
C VAL A 78 -9.33 -33.16 -7.29
N ILE A 79 -9.24 -31.92 -6.82
CA ILE A 79 -9.10 -31.63 -5.39
C ILE A 79 -10.39 -30.99 -4.84
N THR A 80 -10.90 -31.57 -3.76
CA THR A 80 -12.10 -31.11 -3.09
C THR A 80 -11.81 -31.02 -1.58
N PRO A 81 -12.31 -29.97 -0.89
CA PRO A 81 -12.13 -29.81 0.55
C PRO A 81 -12.49 -31.03 1.40
N ASP A 82 -13.16 -32.02 0.79
CA ASP A 82 -13.54 -33.24 1.49
C ASP A 82 -12.74 -34.47 1.04
N GLY A 83 -11.93 -34.31 -0.01
CA GLY A 83 -11.09 -35.40 -0.51
C GLY A 83 -10.56 -35.17 -1.92
N ALA A 84 -9.40 -35.76 -2.21
CA ALA A 84 -8.78 -35.66 -3.52
C ALA A 84 -8.92 -36.96 -4.30
N THR A 85 -9.26 -36.86 -5.59
CA THR A 85 -9.43 -38.02 -6.45
C THR A 85 -8.75 -37.79 -7.80
N ILE A 86 -7.92 -38.77 -8.20
CA ILE A 86 -7.16 -38.67 -9.45
C ILE A 86 -7.70 -39.69 -10.46
N THR A 87 -8.27 -39.20 -11.55
CA THR A 87 -8.87 -40.06 -12.57
C THR A 87 -8.04 -40.09 -13.86
N PHE A 88 -7.75 -41.31 -14.34
CA PHE A 88 -6.95 -41.50 -15.54
C PHE A 88 -7.83 -41.75 -16.77
N ASN A 89 -7.41 -41.21 -17.91
CA ASN A 89 -8.13 -41.35 -19.17
C ASN A 89 -7.73 -42.61 -19.94
N ASP A 90 -8.36 -42.83 -21.09
CA ASP A 90 -8.03 -43.97 -21.96
C ASP A 90 -6.74 -43.71 -22.74
N LYS A 91 -6.23 -42.49 -22.64
CA LYS A 91 -5.00 -42.07 -23.32
C LYS A 91 -3.74 -42.58 -22.62
N VAL A 92 -3.92 -43.29 -21.50
CA VAL A 92 -2.81 -43.83 -20.72
C VAL A 92 -2.62 -45.34 -20.97
N GLU A 93 -3.60 -45.97 -21.61
CA GLU A 93 -3.55 -47.41 -21.90
C GLU A 93 -2.59 -47.79 -23.02
N LYS A 94 -1.63 -46.90 -23.29
CA LYS A 94 -0.59 -47.12 -24.30
C LYS A 94 0.80 -46.81 -23.74
N LEU A 95 0.87 -46.57 -22.43
CA LEU A 95 2.11 -46.23 -21.75
C LEU A 95 2.48 -47.26 -20.69
N SER A 96 3.77 -47.58 -20.61
CA SER A 96 4.30 -48.51 -19.62
C SER A 96 5.33 -47.81 -18.73
N ASP A 97 5.67 -48.45 -17.60
CA ASP A 97 6.57 -47.88 -16.58
C ASP A 97 6.10 -46.51 -16.09
N VAL A 98 4.79 -46.39 -15.87
CA VAL A 98 4.17 -45.13 -15.50
C VAL A 98 4.41 -44.79 -14.03
N SER A 99 4.96 -43.60 -13.79
CA SER A 99 5.23 -43.11 -12.44
C SER A 99 5.05 -41.60 -12.37
N GLY A 100 4.21 -41.15 -11.44
CA GLY A 100 3.91 -39.72 -11.29
C GLY A 100 3.56 -39.29 -9.89
N PHE A 101 3.06 -38.06 -9.76
CA PHE A 101 2.69 -37.50 -8.46
C PHE A 101 1.51 -36.53 -8.54
N ALA A 102 0.98 -36.18 -7.36
CA ALA A 102 -0.07 -35.17 -7.24
C ALA A 102 0.19 -34.29 -6.01
N GLU A 103 0.75 -33.11 -6.27
CA GLU A 103 1.11 -32.16 -5.21
C GLU A 103 0.09 -31.03 -5.13
N PHE A 104 -0.41 -30.77 -3.92
CA PHE A 104 -1.42 -29.74 -3.70
C PHE A 104 -1.40 -29.15 -2.29
N GLU A 105 -1.92 -27.93 -2.16
CA GLU A 105 -2.00 -27.26 -0.86
C GLU A 105 -3.34 -27.52 -0.16
N VAL A 106 -3.27 -27.80 1.13
CA VAL A 106 -4.44 -28.13 1.95
C VAL A 106 -4.44 -27.30 3.23
N GLN A 107 -5.58 -26.71 3.55
CA GLN A 107 -5.75 -25.96 4.80
C GLN A 107 -6.07 -26.89 5.96
N GLY A 108 -5.34 -26.75 7.05
CA GLY A 108 -5.57 -27.51 8.27
C GLY A 108 -6.32 -26.68 9.30
N ARG A 109 -7.32 -27.28 9.93
CA ARG A 109 -8.17 -26.56 10.88
C ARG A 109 -8.28 -27.27 12.23
N ASN A 110 -8.12 -26.50 13.30
CA ASN A 110 -8.31 -26.97 14.67
C ASN A 110 -9.66 -26.48 15.19
N LEU A 111 -10.48 -27.43 15.66
CA LEU A 111 -11.83 -27.11 16.12
C LEU A 111 -12.11 -27.57 17.56
N THR A 112 -11.05 -27.66 18.35
CA THR A 112 -11.16 -28.04 19.76
C THR A 112 -11.75 -26.89 20.57
N GLN A 113 -13.00 -27.03 20.99
CA GLN A 113 -13.70 -26.00 21.75
C GLN A 113 -13.33 -26.00 23.21
N THR A 114 -12.04 -25.82 23.49
CA THR A 114 -11.51 -25.83 24.85
C THR A 114 -10.49 -24.70 25.02
N ASN A 115 -10.34 -24.23 26.25
CA ASN A 115 -9.41 -23.14 26.59
C ASN A 115 -7.95 -23.55 26.50
N THR A 116 -7.06 -22.56 26.60
CA THR A 116 -5.59 -22.76 26.64
C THR A 116 -5.02 -23.25 25.29
N SER A 117 -3.69 -23.17 25.16
CA SER A 117 -2.95 -23.65 24.00
C SER A 117 -3.24 -25.12 23.73
N ASP A 118 -3.61 -25.44 22.49
CA ASP A 118 -4.03 -26.80 22.14
C ASP A 118 -3.34 -27.33 20.88
N ASP A 119 -2.98 -28.61 20.93
CA ASP A 119 -2.45 -29.33 19.77
C ASP A 119 -3.36 -30.51 19.44
N LYS A 120 -3.66 -30.68 18.15
CA LYS A 120 -4.52 -31.77 17.69
C LYS A 120 -4.02 -32.32 16.36
N VAL A 121 -3.93 -33.65 16.26
CA VAL A 121 -3.36 -34.32 15.10
C VAL A 121 -4.40 -34.72 14.05
N ALA A 122 -3.99 -34.71 12.79
CA ALA A 122 -4.84 -35.10 11.67
C ALA A 122 -4.07 -36.04 10.73
N THR A 123 -4.67 -37.19 10.45
CA THR A 123 -4.01 -38.23 9.65
C THR A 123 -4.56 -38.30 8.23
N ILE A 124 -3.76 -37.84 7.27
CA ILE A 124 -4.10 -37.90 5.85
C ILE A 124 -3.74 -39.29 5.30
N THR A 125 -4.71 -39.92 4.63
CA THR A 125 -4.55 -41.28 4.11
C THR A 125 -4.64 -41.35 2.59
N SER A 126 -3.79 -42.18 2.00
CA SER A 126 -3.83 -42.46 0.56
C SER A 126 -3.26 -43.85 0.30
N GLY A 127 -4.17 -44.82 0.16
CA GLY A 127 -3.79 -46.22 -0.06
C GLY A 127 -3.25 -46.87 1.19
N ASN A 128 -2.07 -47.48 1.06
CA ASN A 128 -1.40 -48.14 2.20
C ASN A 128 -0.72 -47.14 3.13
N LYS A 129 -0.19 -46.06 2.54
CA LYS A 129 0.56 -45.05 3.29
C LYS A 129 -0.36 -44.03 3.97
N SER A 130 0.01 -43.66 5.19
CA SER A 130 -0.73 -42.66 5.97
C SER A 130 0.23 -41.76 6.73
N THR A 131 -0.07 -40.46 6.73
CA THR A 131 0.80 -39.46 7.37
C THR A 131 0.08 -38.62 8.42
N ASN A 132 0.79 -38.31 9.51
CA ASN A 132 0.25 -37.53 10.62
C ASN A 132 0.64 -36.05 10.56
N VAL A 133 -0.35 -35.17 10.70
CA VAL A 133 -0.15 -33.73 10.64
C VAL A 133 -0.68 -33.05 11.91
N THR A 134 0.14 -32.21 12.52
CA THR A 134 -0.23 -31.52 13.75
C THR A 134 -0.74 -30.10 13.47
N VAL A 135 -1.90 -29.77 14.02
CA VAL A 135 -2.49 -28.45 13.90
C VAL A 135 -2.58 -27.80 15.28
N HIS A 136 -1.99 -26.62 15.41
CA HIS A 136 -1.93 -25.91 16.69
C HIS A 136 -2.92 -24.75 16.77
N LYS A 137 -3.64 -24.68 17.88
CA LYS A 137 -4.53 -23.57 18.18
C LYS A 137 -4.03 -22.84 19.42
N SER A 138 -3.36 -21.71 19.21
CA SER A 138 -2.79 -20.91 20.29
C SER A 138 -3.89 -20.22 21.09
N GLU A 139 -3.58 -19.89 22.35
CA GLU A 139 -4.53 -19.26 23.26
C GLU A 139 -5.01 -17.91 22.71
N ALA A 140 -6.32 -17.67 22.83
CA ALA A 140 -6.96 -16.47 22.27
C ALA A 140 -6.45 -15.18 22.91
N GLY A 141 -6.13 -14.20 22.07
CA GLY A 141 -5.67 -12.90 22.54
C GLY A 141 -6.79 -12.03 23.08
N THR A 142 -6.41 -10.96 23.76
CA THR A 142 -7.38 -10.02 24.34
C THR A 142 -8.04 -9.19 23.24
N SER A 143 -9.38 -9.21 23.22
CA SER A 143 -10.17 -8.51 22.21
C SER A 143 -10.13 -6.99 22.43
N SER A 144 -9.23 -6.33 21.71
CA SER A 144 -9.07 -4.87 21.82
C SER A 144 -8.50 -4.26 20.53
N VAL A 145 -9.09 -4.63 19.39
CA VAL A 145 -8.71 -4.08 18.09
C VAL A 145 -9.91 -3.42 17.43
N PHE A 146 -9.79 -2.13 17.14
CA PHE A 146 -10.88 -1.35 16.54
C PHE A 146 -11.07 -1.70 15.06
N TYR A 147 -10.12 -1.28 14.23
CA TYR A 147 -10.19 -1.51 12.78
C TYR A 147 -8.97 -2.28 12.28
N TYR A 148 -9.23 -3.27 11.44
CA TYR A 148 -8.18 -4.04 10.78
C TYR A 148 -8.70 -4.63 9.46
N LYS A 149 -7.77 -5.00 8.57
CA LYS A 149 -8.13 -5.58 7.29
C LYS A 149 -7.67 -7.03 7.18
N THR A 150 -8.53 -7.88 6.62
CA THR A 150 -8.23 -9.30 6.45
C THR A 150 -8.74 -9.84 5.12
N GLY A 151 -7.88 -10.61 4.46
CA GLY A 151 -8.23 -11.30 3.22
C GLY A 151 -8.24 -12.80 3.40
N ASP A 152 -9.22 -13.47 2.79
CA ASP A 152 -9.40 -14.91 2.93
C ASP A 152 -9.56 -15.61 1.58
N MET A 153 -9.17 -16.88 1.54
CA MET A 153 -9.36 -17.72 0.37
C MET A 153 -10.01 -19.02 0.80
N LEU A 154 -11.27 -19.22 0.40
CA LEU A 154 -12.03 -20.41 0.77
C LEU A 154 -11.62 -21.63 -0.05
N PRO A 155 -11.51 -22.80 0.61
CA PRO A 155 -11.25 -24.07 -0.07
C PRO A 155 -12.36 -24.48 -1.05
N GLU A 156 -13.52 -23.81 -0.95
CA GLU A 156 -14.64 -24.05 -1.87
C GLU A 156 -14.63 -23.07 -3.06
N ASP A 157 -13.78 -22.04 -2.98
CA ASP A 157 -13.67 -21.06 -4.07
C ASP A 157 -12.24 -20.50 -4.16
N THR A 158 -11.49 -21.00 -5.13
CA THR A 158 -10.11 -20.56 -5.36
C THR A 158 -10.01 -19.57 -6.54
N THR A 159 -11.16 -19.12 -7.03
CA THR A 159 -11.21 -18.15 -8.13
C THR A 159 -11.38 -16.73 -7.62
N HIS A 160 -11.89 -16.60 -6.39
CA HIS A 160 -12.12 -15.30 -5.77
C HIS A 160 -11.32 -15.13 -4.48
N VAL A 161 -10.95 -13.88 -4.19
CA VAL A 161 -10.27 -13.56 -2.94
C VAL A 161 -11.20 -12.71 -2.07
N ARG A 162 -11.55 -13.24 -0.89
CA ARG A 162 -12.38 -12.53 0.07
C ARG A 162 -11.61 -11.39 0.72
N TRP A 163 -12.29 -10.24 0.86
CA TRP A 163 -11.71 -9.08 1.53
C TRP A 163 -12.67 -8.56 2.60
N PHE A 164 -12.12 -8.25 3.77
CA PHE A 164 -12.93 -7.83 4.92
C PHE A 164 -12.48 -6.49 5.48
N LEU A 165 -13.44 -5.57 5.60
CA LEU A 165 -13.20 -4.26 6.21
C LEU A 165 -13.88 -4.20 7.58
N ASN A 166 -13.26 -4.85 8.56
CA ASN A 166 -13.81 -4.94 9.91
C ASN A 166 -13.66 -3.65 10.69
N ILE A 167 -14.78 -2.97 10.92
CA ILE A 167 -14.81 -1.66 11.57
C ILE A 167 -15.45 -1.75 12.96
N ASN A 168 -14.78 -1.17 13.96
CA ASN A 168 -15.26 -1.11 15.35
C ASN A 168 -15.69 -2.49 15.88
N ASN A 169 -14.72 -3.40 15.95
CA ASN A 169 -14.96 -4.79 16.33
C ASN A 169 -15.39 -5.02 17.77
N GLU A 170 -15.01 -4.09 18.66
CA GLU A 170 -15.31 -4.21 20.09
C GLU A 170 -16.52 -3.38 20.54
N LYS A 171 -17.42 -3.07 19.61
CA LYS A 171 -18.66 -2.34 19.87
C LYS A 171 -18.46 -1.07 20.72
N SER A 172 -17.29 -0.44 20.55
CA SER A 172 -16.92 0.72 21.35
C SER A 172 -17.57 2.00 20.83
N TYR A 173 -17.74 2.97 21.73
CA TYR A 173 -18.27 4.28 21.37
C TYR A 173 -17.24 5.03 20.51
N VAL A 174 -17.67 5.43 19.32
CA VAL A 174 -16.77 6.10 18.36
C VAL A 174 -16.97 7.61 18.42
N SER A 175 -15.89 8.32 18.71
CA SER A 175 -15.92 9.77 18.92
C SER A 175 -15.90 10.57 17.62
N LYS A 176 -15.42 9.95 16.54
CA LYS A 176 -15.36 10.61 15.23
C LYS A 176 -15.94 9.73 14.12
N ASP A 177 -16.20 10.34 12.97
CA ASP A 177 -16.70 9.62 11.79
C ASP A 177 -15.66 8.67 11.23
N ILE A 178 -16.10 7.50 10.78
CA ILE A 178 -15.19 6.46 10.31
C ILE A 178 -15.09 6.47 8.77
N THR A 179 -13.97 6.96 8.28
CA THR A 179 -13.71 7.02 6.83
C THR A 179 -12.59 6.06 6.45
N ILE A 180 -12.88 5.17 5.50
CA ILE A 180 -11.89 4.21 5.01
C ILE A 180 -11.81 4.19 3.48
N LYS A 181 -10.62 4.47 2.95
CA LYS A 181 -10.35 4.37 1.52
C LYS A 181 -9.68 3.04 1.22
N ASP A 182 -10.00 2.46 0.08
CA ASP A 182 -9.50 1.14 -0.29
C ASP A 182 -9.06 1.08 -1.75
N GLN A 183 -7.81 0.65 -1.97
CA GLN A 183 -7.27 0.49 -3.32
C GLN A 183 -6.85 -0.96 -3.55
N ILE A 184 -7.62 -1.66 -4.38
CA ILE A 184 -7.34 -3.06 -4.70
C ILE A 184 -6.26 -3.15 -5.78
N GLN A 185 -5.19 -3.89 -5.48
CA GLN A 185 -4.06 -4.04 -6.40
C GLN A 185 -4.35 -4.98 -7.57
N GLY A 186 -3.41 -5.02 -8.52
CA GLY A 186 -3.55 -5.80 -9.74
C GLY A 186 -3.56 -7.31 -9.55
N GLY A 187 -4.02 -8.02 -10.57
CA GLY A 187 -4.12 -9.48 -10.53
C GLY A 187 -5.53 -9.95 -10.20
N GLN A 188 -6.38 -9.02 -9.81
CA GLN A 188 -7.76 -9.32 -9.41
C GLN A 188 -8.74 -8.23 -9.86
N GLN A 189 -10.03 -8.54 -9.82
CA GLN A 189 -11.08 -7.61 -10.26
C GLN A 189 -12.26 -7.59 -9.29
N LEU A 190 -12.66 -6.39 -8.89
CA LEU A 190 -13.76 -6.19 -7.93
C LEU A 190 -15.12 -6.63 -8.48
N ASP A 191 -15.88 -7.31 -7.63
CA ASP A 191 -17.23 -7.76 -7.98
C ASP A 191 -18.24 -7.09 -7.05
N LEU A 192 -19.07 -6.22 -7.63
CA LEU A 192 -20.07 -5.46 -6.87
C LEU A 192 -21.22 -6.33 -6.34
N SER A 193 -21.59 -7.35 -7.12
CA SER A 193 -22.68 -8.25 -6.76
C SER A 193 -22.41 -9.08 -5.50
N THR A 194 -21.16 -9.08 -5.04
CA THR A 194 -20.75 -9.84 -3.87
C THR A 194 -20.67 -8.96 -2.60
N LEU A 195 -20.62 -7.64 -2.80
CA LEU A 195 -20.48 -6.68 -1.70
C LEU A 195 -21.61 -6.80 -0.67
N ASN A 196 -21.23 -7.09 0.57
CA ASN A 196 -22.19 -7.25 1.66
C ASN A 196 -21.73 -6.60 2.97
N ILE A 197 -22.68 -6.02 3.70
CA ILE A 197 -22.38 -5.36 4.97
C ILE A 197 -23.06 -6.09 6.12
N ASN A 198 -22.26 -6.51 7.10
CA ASN A 198 -22.78 -7.21 8.28
C ASN A 198 -22.58 -6.39 9.55
N VAL A 199 -23.58 -5.57 9.87
CA VAL A 199 -23.58 -4.78 11.10
C VAL A 199 -24.05 -5.66 12.26
N THR A 200 -23.35 -5.56 13.39
CA THR A 200 -23.70 -6.32 14.59
C THR A 200 -23.62 -5.44 15.83
N GLY A 201 -24.69 -5.42 16.60
CA GLY A 201 -24.78 -4.59 17.81
C GLY A 201 -26.16 -3.98 17.98
N THR A 202 -26.18 -2.67 18.21
CA THR A 202 -27.44 -1.93 18.43
C THR A 202 -28.26 -1.80 17.14
N HIS A 203 -27.56 -1.57 16.02
CA HIS A 203 -28.21 -1.39 14.73
C HIS A 203 -27.84 -2.53 13.77
N SER A 204 -27.98 -3.76 14.25
CA SER A 204 -27.56 -4.96 13.53
C SER A 204 -28.46 -5.31 12.36
N ASN A 205 -27.83 -5.62 11.22
CA ASN A 205 -28.53 -6.07 10.01
C ASN A 205 -27.55 -6.50 8.91
N TYR A 206 -27.98 -7.43 8.07
CA TYR A 206 -27.18 -7.92 6.96
C TYR A 206 -27.72 -7.40 5.62
N TYR A 207 -26.87 -6.68 4.89
CA TYR A 207 -27.23 -6.09 3.60
C TYR A 207 -26.43 -6.74 2.48
N SER A 208 -27.13 -7.36 1.53
CA SER A 208 -26.47 -8.08 0.43
C SER A 208 -27.31 -8.12 -0.85
N GLY A 209 -26.63 -8.07 -1.99
CA GLY A 209 -27.26 -8.24 -3.30
C GLY A 209 -27.94 -7.01 -3.86
N GLN A 210 -27.49 -6.57 -5.03
CA GLN A 210 -28.06 -5.44 -5.79
C GLN A 210 -28.25 -4.14 -4.98
N SER A 211 -29.31 -4.10 -4.18
CA SER A 211 -29.64 -2.95 -3.34
C SER A 211 -28.71 -2.83 -2.12
N ALA A 212 -27.78 -3.77 -2.00
CA ALA A 212 -26.84 -3.87 -0.86
C ALA A 212 -26.28 -2.53 -0.38
N ILE A 213 -25.80 -1.71 -1.32
CA ILE A 213 -25.21 -0.40 -1.01
C ILE A 213 -26.29 0.58 -0.56
N THR A 214 -27.36 0.67 -1.34
CA THR A 214 -28.46 1.62 -1.10
C THR A 214 -29.24 1.29 0.18
N ASP A 215 -29.38 -0.01 0.46
CA ASP A 215 -30.04 -0.47 1.69
C ASP A 215 -29.28 -0.04 2.95
N PHE A 216 -27.96 0.01 2.85
CA PHE A 216 -27.11 0.44 3.95
C PHE A 216 -27.10 1.97 4.09
N GLU A 217 -27.10 2.67 2.96
CA GLU A 217 -27.09 4.13 2.94
C GLU A 217 -28.40 4.74 3.41
N LYS A 218 -29.51 4.03 3.15
CA LYS A 218 -30.83 4.47 3.56
C LYS A 218 -31.10 4.17 5.04
N ALA A 219 -30.71 2.96 5.47
CA ALA A 219 -30.90 2.51 6.85
C ALA A 219 -30.01 3.26 7.83
N PHE A 220 -28.83 3.66 7.36
CA PHE A 220 -27.92 4.49 8.13
C PHE A 220 -27.79 5.86 7.44
N PRO A 221 -28.70 6.81 7.79
CA PRO A 221 -28.70 8.13 7.17
C PRO A 221 -27.39 8.89 7.37
N GLY A 222 -26.66 9.11 6.29
CA GLY A 222 -25.36 9.77 6.33
C GLY A 222 -24.22 8.91 5.82
N SER A 223 -24.37 7.59 5.95
CA SER A 223 -23.36 6.64 5.50
C SER A 223 -23.27 6.60 3.98
N LYS A 224 -22.06 6.37 3.47
CA LYS A 224 -21.81 6.37 2.03
C LYS A 224 -20.75 5.35 1.63
N ILE A 225 -21.10 4.50 0.67
CA ILE A 225 -20.16 3.56 0.07
C ILE A 225 -19.96 3.94 -1.40
N THR A 226 -18.72 4.26 -1.76
CA THR A 226 -18.38 4.73 -3.10
C THR A 226 -17.47 3.73 -3.81
N VAL A 227 -17.87 3.30 -5.00
CA VAL A 227 -17.14 2.26 -5.75
C VAL A 227 -16.68 2.74 -7.12
N ASP A 228 -15.40 2.58 -7.39
CA ASP A 228 -14.84 2.79 -8.73
C ASP A 228 -14.49 1.42 -9.31
N ASN A 229 -15.15 1.06 -10.40
CA ASN A 229 -15.06 -0.29 -10.96
C ASN A 229 -13.73 -0.61 -11.65
N THR A 230 -13.29 0.26 -12.55
CA THR A 230 -12.04 0.06 -13.28
C THR A 230 -10.79 0.30 -12.45
N LYS A 231 -10.85 1.31 -11.58
CA LYS A 231 -9.72 1.66 -10.72
C LYS A 231 -9.65 0.77 -9.48
N ASN A 232 -10.76 0.09 -9.18
CA ASN A 232 -10.89 -0.77 -8.00
C ASN A 232 -10.70 0.00 -6.70
N THR A 233 -11.58 0.98 -6.47
CA THR A 233 -11.49 1.87 -5.32
C THR A 233 -12.80 1.91 -4.53
N ILE A 234 -12.73 1.57 -3.24
CA ILE A 234 -13.91 1.58 -2.37
C ILE A 234 -13.71 2.53 -1.19
N ASP A 235 -14.39 3.67 -1.24
CA ASP A 235 -14.32 4.67 -0.17
C ASP A 235 -15.60 4.65 0.66
N VAL A 236 -15.48 4.25 1.92
CA VAL A 236 -16.62 4.12 2.82
C VAL A 236 -16.53 5.12 3.99
N THR A 237 -17.60 5.87 4.20
CA THR A 237 -17.70 6.81 5.31
C THR A 237 -18.93 6.50 6.16
N ILE A 238 -18.72 6.24 7.44
CA ILE A 238 -19.80 5.95 8.39
C ILE A 238 -19.82 7.01 9.49
N PRO A 239 -20.98 7.65 9.70
CA PRO A 239 -21.14 8.67 10.76
C PRO A 239 -20.95 8.08 12.16
N GLN A 240 -20.48 8.90 13.08
CA GLN A 240 -20.21 8.48 14.46
C GLN A 240 -21.48 8.18 15.26
N GLY A 241 -22.60 8.80 14.86
CA GLY A 241 -23.89 8.59 15.51
C GLY A 241 -24.47 7.21 15.25
N TYR A 242 -23.85 6.49 14.32
CA TYR A 242 -24.27 5.13 13.97
C TYR A 242 -23.10 4.16 14.12
N GLY A 243 -21.88 4.69 14.08
CA GLY A 243 -20.67 3.90 14.25
C GLY A 243 -20.49 3.38 15.67
N SER A 244 -21.02 4.11 16.63
CA SER A 244 -20.94 3.75 18.04
C SER A 244 -21.78 2.52 18.37
N TYR A 245 -21.19 1.60 19.14
CA TYR A 245 -21.85 0.36 19.59
C TYR A 245 -22.24 -0.61 18.47
N ASN A 246 -21.59 -0.49 17.32
CA ASN A 246 -21.85 -1.35 16.16
C ASN A 246 -20.57 -1.80 15.47
N SER A 247 -20.53 -3.07 15.07
CA SER A 247 -19.39 -3.62 14.35
C SER A 247 -19.72 -3.79 12.87
N PHE A 248 -19.07 -3.00 12.02
CA PHE A 248 -19.32 -2.99 10.58
C PHE A 248 -18.35 -3.89 9.84
N SER A 249 -18.91 -4.93 9.21
CA SER A 249 -18.10 -5.89 8.44
C SER A 249 -18.45 -5.82 6.96
N ILE A 250 -17.58 -5.18 6.19
CA ILE A 250 -17.77 -5.04 4.73
C ILE A 250 -16.98 -6.14 4.01
N ASN A 251 -17.70 -7.01 3.33
CA ASN A 251 -17.10 -8.14 2.62
C ASN A 251 -17.37 -8.12 1.12
N TYR A 252 -16.31 -8.32 0.33
CA TYR A 252 -16.41 -8.41 -1.12
C TYR A 252 -15.38 -9.37 -1.70
N LYS A 253 -15.78 -10.12 -2.72
CA LYS A 253 -14.88 -11.05 -3.40
C LYS A 253 -14.33 -10.43 -4.69
N THR A 254 -13.06 -10.71 -4.96
CA THR A 254 -12.40 -10.21 -6.16
C THR A 254 -11.98 -11.36 -7.08
N LYS A 255 -12.51 -11.34 -8.30
CA LYS A 255 -12.25 -12.39 -9.28
C LYS A 255 -10.80 -12.35 -9.77
N ILE A 256 -10.09 -13.46 -9.58
CA ILE A 256 -8.69 -13.60 -9.97
C ILE A 256 -8.55 -13.63 -11.50
N THR A 257 -7.77 -12.70 -12.03
CA THR A 257 -7.50 -12.63 -13.47
C THR A 257 -6.14 -13.24 -13.82
N ASN A 258 -5.37 -13.61 -12.80
CA ASN A 258 -4.05 -14.22 -12.99
C ASN A 258 -3.74 -15.26 -11.92
N GLU A 259 -3.89 -16.54 -12.27
CA GLU A 259 -3.61 -17.64 -11.37
C GLU A 259 -2.09 -17.83 -11.18
N GLN A 260 -1.32 -17.35 -12.15
CA GLN A 260 0.14 -17.43 -12.11
C GLN A 260 0.74 -16.43 -11.13
N GLN A 261 -0.04 -15.43 -10.73
CA GLN A 261 0.35 -14.47 -9.70
C GLN A 261 0.30 -15.15 -8.33
N LYS A 262 1.43 -15.11 -7.62
CA LYS A 262 1.60 -15.89 -6.39
C LYS A 262 0.89 -15.34 -5.14
N GLU A 263 0.67 -14.02 -5.11
CA GLU A 263 -0.03 -13.39 -3.98
C GLU A 263 -0.78 -12.12 -4.36
N PHE A 264 -1.83 -11.80 -3.59
CA PHE A 264 -2.72 -10.68 -3.89
C PHE A 264 -2.73 -9.66 -2.76
N VAL A 265 -2.63 -8.39 -3.14
CA VAL A 265 -2.54 -7.28 -2.18
C VAL A 265 -3.75 -6.36 -2.29
N ASN A 266 -4.13 -5.75 -1.17
CA ASN A 266 -5.16 -4.72 -1.13
C ASN A 266 -4.85 -3.68 -0.06
N ASN A 267 -4.58 -2.45 -0.52
CA ASN A 267 -4.21 -1.35 0.37
C ASN A 267 -5.43 -0.58 0.89
N SER A 268 -5.36 -0.20 2.17
CA SER A 268 -6.45 0.53 2.82
C SER A 268 -5.94 1.59 3.80
N GLN A 269 -6.69 2.68 3.92
CA GLN A 269 -6.38 3.75 4.86
C GLN A 269 -7.57 3.92 5.82
N ALA A 270 -7.29 4.43 7.02
CA ALA A 270 -8.32 4.54 8.06
C ALA A 270 -8.36 5.90 8.76
N TRP A 271 -9.56 6.39 9.00
CA TRP A 271 -9.80 7.62 9.75
C TRP A 271 -10.88 7.38 10.81
N TYR A 272 -10.47 7.28 12.07
CA TYR A 272 -11.40 7.02 13.17
C TYR A 272 -10.90 7.51 14.54
N GLN A 273 -11.79 7.51 15.53
CA GLN A 273 -11.44 7.80 16.91
C GLN A 273 -12.34 7.03 17.88
N GLU A 274 -11.75 6.08 18.59
CA GLU A 274 -12.44 5.35 19.65
C GLU A 274 -12.38 6.19 20.93
N HIS A 275 -13.54 6.44 21.53
CA HIS A 275 -13.63 7.29 22.73
C HIS A 275 -12.85 6.69 23.89
N GLY A 276 -11.88 7.45 24.38
CA GLY A 276 -10.94 6.98 25.40
C GLY A 276 -9.56 6.77 24.81
N LYS A 277 -9.51 6.04 23.70
CA LYS A 277 -8.27 5.80 22.97
C LYS A 277 -7.93 6.96 22.04
N GLU A 278 -6.74 6.92 21.45
CA GLU A 278 -6.27 7.98 20.57
C GLU A 278 -6.86 7.86 19.17
N GLU A 279 -6.93 9.00 18.46
CA GLU A 279 -7.48 9.03 17.11
C GLU A 279 -6.48 8.56 16.05
N VAL A 280 -7.02 8.06 14.94
CA VAL A 280 -6.22 7.58 13.82
C VAL A 280 -6.53 8.41 12.57
N ASN A 281 -5.49 8.94 11.94
CA ASN A 281 -5.63 9.79 10.76
C ASN A 281 -4.79 9.31 9.58
N GLY A 282 -5.41 8.51 8.71
CA GLY A 282 -4.77 8.03 7.49
C GLY A 282 -3.69 6.98 7.68
N LYS A 283 -3.88 6.10 8.67
CA LYS A 283 -2.94 5.00 8.91
C LYS A 283 -3.20 3.88 7.91
N SER A 284 -2.12 3.35 7.34
CA SER A 284 -2.21 2.32 6.31
C SER A 284 -2.40 0.92 6.89
N PHE A 285 -3.50 0.28 6.49
CA PHE A 285 -3.78 -1.10 6.86
C PHE A 285 -3.80 -1.97 5.61
N ASN A 286 -2.63 -2.51 5.26
CA ASN A 286 -2.47 -3.31 4.03
C ASN A 286 -2.34 -4.79 4.35
N HIS A 287 -3.03 -5.62 3.57
CA HIS A 287 -3.04 -7.06 3.79
C HIS A 287 -2.75 -7.85 2.52
N THR A 288 -2.03 -8.97 2.68
CA THR A 288 -1.64 -9.82 1.56
C THR A 288 -2.21 -11.22 1.70
N VAL A 289 -2.80 -11.73 0.61
CA VAL A 289 -3.36 -13.08 0.57
C VAL A 289 -2.57 -13.95 -0.40
N HIS A 290 -2.11 -15.09 0.09
CA HIS A 290 -1.33 -16.03 -0.71
C HIS A 290 -2.22 -16.88 -1.60
N ASN A 291 -1.76 -17.14 -2.83
CA ASN A 291 -2.45 -18.03 -3.76
C ASN A 291 -2.14 -19.49 -3.42
N ILE A 292 -2.67 -20.42 -4.22
CA ILE A 292 -2.52 -21.85 -3.96
C ILE A 292 -1.61 -22.51 -4.99
N ASN A 293 -0.60 -23.24 -4.50
CA ASN A 293 0.32 -23.99 -5.35
C ASN A 293 -0.15 -25.43 -5.53
N ALA A 294 -0.24 -25.86 -6.78
CA ALA A 294 -0.68 -27.22 -7.11
C ALA A 294 -0.05 -27.73 -8.41
N ASN A 295 0.48 -28.96 -8.36
CA ASN A 295 1.11 -29.60 -9.51
C ASN A 295 0.84 -31.09 -9.59
N ALA A 296 0.88 -31.62 -10.83
CA ALA A 296 0.69 -33.04 -11.08
C ALA A 296 1.50 -33.51 -12.28
N GLY A 297 2.67 -34.07 -12.00
CA GLY A 297 3.57 -34.59 -13.04
C GLY A 297 3.43 -36.09 -13.22
N ILE A 298 3.75 -36.55 -14.42
CA ILE A 298 3.63 -37.97 -14.76
C ILE A 298 4.68 -38.40 -15.81
N GLU A 299 5.38 -39.50 -15.52
CA GLU A 299 6.36 -40.06 -16.45
C GLU A 299 5.89 -41.40 -16.99
N GLY A 300 6.09 -41.62 -18.29
CA GLY A 300 5.66 -42.86 -18.94
C GLY A 300 6.46 -43.18 -20.19
N THR A 301 6.53 -44.48 -20.52
CA THR A 301 7.26 -44.95 -21.69
C THR A 301 6.29 -45.58 -22.69
N VAL A 302 6.39 -45.15 -23.95
CA VAL A 302 5.48 -45.59 -25.01
C VAL A 302 6.02 -46.86 -25.72
N LYS A 303 5.20 -47.41 -26.62
CA LYS A 303 5.53 -48.57 -27.47
C LYS A 303 6.31 -49.72 -26.82
N ARG B 4 -6.80 56.11 -22.92
CA ARG B 4 -7.50 57.24 -22.24
C ARG B 4 -8.95 56.87 -21.91
N ASP B 5 -9.24 56.73 -20.62
CA ASP B 5 -10.59 56.43 -20.17
C ASP B 5 -11.44 57.70 -20.20
N ILE B 6 -12.51 57.66 -21.01
CA ILE B 6 -13.38 58.83 -21.20
C ILE B 6 -14.85 58.55 -20.85
N SER B 7 -15.10 57.46 -20.12
CA SER B 7 -16.46 57.04 -19.78
C SER B 7 -17.22 58.08 -18.95
N SER B 8 -16.57 58.64 -17.94
CA SER B 8 -17.20 59.61 -17.03
C SER B 8 -17.62 60.91 -17.71
N THR B 9 -16.84 61.32 -18.71
CA THR B 9 -17.07 62.60 -19.40
C THR B 9 -17.97 62.49 -20.62
N ASN B 10 -18.25 61.28 -21.08
CA ASN B 10 -18.93 61.08 -22.37
C ASN B 10 -20.19 60.21 -22.38
N VAL B 11 -20.35 59.35 -21.37
CA VAL B 11 -21.55 58.49 -21.29
C VAL B 11 -22.80 59.31 -20.95
N THR B 12 -23.81 59.19 -21.81
CA THR B 12 -25.05 59.95 -21.68
C THR B 12 -26.07 59.22 -20.81
N ASP B 13 -26.31 57.94 -21.11
CA ASP B 13 -27.32 57.15 -20.43
C ASP B 13 -26.91 55.70 -20.27
N LEU B 14 -27.40 55.05 -19.23
CA LEU B 14 -27.18 53.62 -18.99
C LEU B 14 -28.50 52.98 -18.55
N THR B 15 -29.02 52.08 -19.38
CA THR B 15 -30.34 51.50 -19.17
C THR B 15 -30.31 49.97 -19.16
N VAL B 16 -31.14 49.39 -18.30
CA VAL B 16 -31.33 47.94 -18.24
C VAL B 16 -32.79 47.63 -18.61
N SER B 17 -32.97 46.77 -19.61
CA SER B 17 -34.30 46.45 -20.14
C SER B 17 -35.24 45.80 -19.12
N PRO B 18 -34.87 44.61 -18.59
CA PRO B 18 -35.70 44.07 -17.51
C PRO B 18 -35.17 44.48 -16.14
N SER B 19 -35.89 45.37 -15.47
CA SER B 19 -35.50 45.89 -14.15
C SER B 19 -35.40 44.78 -13.11
N LYS B 20 -36.30 43.79 -13.20
CA LYS B 20 -36.28 42.63 -12.31
C LYS B 20 -36.16 41.35 -13.12
N ILE B 21 -35.22 40.50 -12.72
CA ILE B 21 -34.99 39.20 -13.38
C ILE B 21 -34.83 38.07 -12.37
N GLU B 22 -34.97 36.84 -12.85
CA GLU B 22 -34.75 35.65 -12.04
C GLU B 22 -33.27 35.29 -11.98
N ASP B 23 -32.92 34.37 -11.09
CA ASP B 23 -31.53 33.94 -10.91
C ASP B 23 -31.04 33.16 -12.14
N GLY B 24 -29.97 33.68 -12.75
CA GLY B 24 -29.44 33.12 -13.99
C GLY B 24 -30.18 33.63 -15.21
N GLY B 25 -30.90 34.74 -15.03
CA GLY B 25 -31.72 35.31 -16.09
C GLY B 25 -30.96 36.22 -17.04
N LYS B 26 -31.52 36.40 -18.23
CA LYS B 26 -30.93 37.24 -19.27
C LYS B 26 -31.37 38.70 -19.13
N THR B 27 -30.48 39.62 -19.50
CA THR B 27 -30.72 41.06 -19.34
C THR B 27 -29.97 41.88 -20.39
N THR B 28 -30.70 42.76 -21.08
CA THR B 28 -30.11 43.67 -22.06
C THR B 28 -29.65 44.96 -21.40
N VAL B 29 -28.41 45.36 -21.66
CA VAL B 29 -27.85 46.60 -21.11
C VAL B 29 -27.54 47.60 -22.23
N LYS B 30 -28.28 48.70 -22.25
CA LYS B 30 -28.10 49.76 -23.23
C LYS B 30 -27.27 50.91 -22.65
N MET B 31 -26.38 51.47 -23.46
CA MET B 31 -25.52 52.57 -23.03
C MET B 31 -25.20 53.53 -24.17
N THR B 32 -25.63 54.79 -24.02
CA THR B 32 -25.43 55.82 -25.03
C THR B 32 -24.27 56.74 -24.65
N PHE B 33 -23.48 57.15 -25.64
CA PHE B 33 -22.37 58.09 -25.43
C PHE B 33 -22.39 59.26 -26.42
N ASP B 34 -21.84 60.39 -26.00
CA ASP B 34 -21.81 61.60 -26.81
C ASP B 34 -20.40 62.18 -26.95
N ASP B 35 -20.24 63.06 -27.94
CA ASP B 35 -19.03 63.87 -28.09
C ASP B 35 -19.32 65.30 -27.64
N LYS B 36 -20.53 65.51 -27.12
CA LYS B 36 -21.03 66.82 -26.72
C LYS B 36 -20.29 67.40 -25.52
N ASN B 37 -19.49 66.57 -24.85
CA ASN B 37 -18.73 66.99 -23.68
C ASN B 37 -17.27 66.50 -23.72
N GLY B 38 -16.73 66.37 -24.93
CA GLY B 38 -15.35 65.94 -25.13
C GLY B 38 -15.11 65.25 -26.46
N LYS B 39 -13.98 65.55 -27.09
CA LYS B 39 -13.62 64.99 -28.39
C LYS B 39 -13.14 63.54 -28.25
N ILE B 40 -13.55 62.69 -29.19
CA ILE B 40 -13.19 61.28 -29.19
C ILE B 40 -12.10 60.99 -30.23
N GLN B 41 -10.97 60.48 -29.77
CA GLN B 41 -9.82 60.20 -30.62
C GLN B 41 -9.35 58.74 -30.46
N ASN B 42 -8.26 58.39 -31.13
CA ASN B 42 -7.68 57.05 -31.06
C ASN B 42 -7.10 56.76 -29.67
N GLY B 43 -7.62 55.72 -29.03
CA GLY B 43 -7.18 55.33 -27.69
C GLY B 43 -8.20 55.63 -26.61
N ASP B 44 -9.24 56.37 -26.98
CA ASP B 44 -10.33 56.72 -26.05
C ASP B 44 -11.15 55.48 -25.71
N MET B 45 -11.47 55.33 -24.42
CA MET B 45 -12.14 54.13 -23.93
C MET B 45 -13.41 54.43 -23.14
N ILE B 46 -14.52 53.84 -23.60
CA ILE B 46 -15.78 53.86 -22.86
C ILE B 46 -15.90 52.52 -22.13
N LYS B 47 -15.86 52.57 -20.80
CA LYS B 47 -15.80 51.37 -19.98
C LYS B 47 -17.06 51.15 -19.14
N VAL B 48 -17.53 49.91 -19.12
CA VAL B 48 -18.71 49.51 -18.34
C VAL B 48 -18.27 48.53 -17.24
N ALA B 49 -18.65 48.82 -16.01
CA ALA B 49 -18.27 48.01 -14.85
C ALA B 49 -19.48 47.51 -14.06
N TRP B 50 -19.33 46.34 -13.46
CA TRP B 50 -20.38 45.72 -12.63
C TRP B 50 -19.76 44.80 -11.58
N PRO B 51 -20.55 44.39 -10.56
CA PRO B 51 -20.04 43.46 -9.52
C PRO B 51 -19.46 42.18 -10.12
N THR B 52 -18.18 41.96 -9.89
CA THR B 52 -17.45 40.83 -10.46
C THR B 52 -17.37 39.62 -9.52
N SER B 53 -17.66 39.85 -8.24
CA SER B 53 -17.62 38.80 -7.22
C SER B 53 -18.61 39.05 -6.09
N GLY B 54 -18.95 37.98 -5.36
CA GLY B 54 -19.85 38.06 -4.22
C GLY B 54 -21.09 37.20 -4.37
N THR B 55 -22.13 37.54 -3.60
CA THR B 55 -23.42 36.83 -3.67
C THR B 55 -24.25 37.32 -4.86
N VAL B 56 -24.05 38.57 -5.25
CA VAL B 56 -24.67 39.13 -6.44
C VAL B 56 -23.61 39.37 -7.52
N LYS B 57 -23.68 38.58 -8.59
CA LYS B 57 -22.68 38.61 -9.65
C LYS B 57 -23.31 38.89 -11.01
N ILE B 58 -22.62 39.71 -11.80
CA ILE B 58 -23.04 40.02 -13.17
C ILE B 58 -22.02 39.48 -14.17
N GLU B 59 -22.47 38.61 -15.07
CA GLU B 59 -21.61 38.04 -16.10
C GLU B 59 -22.16 38.30 -17.49
N GLY B 60 -21.49 39.20 -18.21
CA GLY B 60 -21.88 39.54 -19.58
C GLY B 60 -21.42 38.51 -20.59
N TYR B 61 -22.31 38.14 -21.50
CA TYR B 61 -22.00 37.15 -22.53
C TYR B 61 -20.99 37.71 -23.53
N SER B 62 -19.88 36.99 -23.68
CA SER B 62 -18.74 37.46 -24.47
C SER B 62 -19.02 37.54 -25.96
N LYS B 63 -19.01 38.76 -26.49
CA LYS B 63 -19.12 39.03 -27.92
C LYS B 63 -18.30 40.24 -28.34
N THR B 64 -18.03 40.34 -29.63
CA THR B 64 -17.30 41.47 -30.20
C THR B 64 -18.11 42.10 -31.32
N VAL B 65 -18.64 43.30 -31.06
CA VAL B 65 -19.46 44.02 -32.03
C VAL B 65 -18.71 45.26 -32.52
N PRO B 66 -18.44 45.33 -33.85
CA PRO B 66 -17.72 46.47 -34.42
C PRO B 66 -18.60 47.71 -34.62
N LEU B 67 -18.03 48.88 -34.34
CA LEU B 67 -18.70 50.15 -34.59
C LEU B 67 -18.28 50.68 -35.94
N THR B 68 -19.18 50.58 -36.92
CA THR B 68 -18.87 50.93 -38.30
C THR B 68 -19.68 52.12 -38.82
N VAL B 69 -19.03 52.97 -39.61
CA VAL B 69 -19.70 54.06 -40.31
C VAL B 69 -19.34 54.04 -41.79
N LYS B 70 -20.35 54.06 -42.64
CA LYS B 70 -20.22 53.93 -44.11
C LYS B 70 -19.11 52.99 -44.60
N GLY B 71 -19.00 51.83 -43.93
CA GLY B 71 -17.99 50.83 -44.26
C GLY B 71 -16.78 50.85 -43.34
N GLU B 72 -16.34 52.07 -43.00
CA GLU B 72 -15.18 52.27 -42.14
C GLU B 72 -15.48 51.94 -40.67
N GLN B 73 -14.74 50.98 -40.12
CA GLN B 73 -14.85 50.63 -38.69
C GLN B 73 -14.08 51.66 -37.86
N VAL B 74 -14.82 52.36 -37.00
CA VAL B 74 -14.22 53.42 -36.16
C VAL B 74 -14.04 53.00 -34.70
N GLY B 75 -14.77 51.97 -34.28
CA GLY B 75 -14.72 51.49 -32.90
C GLY B 75 -14.95 49.99 -32.75
N GLN B 76 -14.78 49.51 -31.52
CA GLN B 76 -14.94 48.09 -31.21
C GLN B 76 -15.52 47.91 -29.80
N ALA B 77 -16.62 47.17 -29.71
CA ALA B 77 -17.26 46.88 -28.43
C ALA B 77 -16.95 45.45 -27.99
N VAL B 78 -16.17 45.32 -26.93
CA VAL B 78 -15.77 44.01 -26.40
C VAL B 78 -16.44 43.75 -25.06
N ILE B 79 -17.28 42.71 -25.02
CA ILE B 79 -17.98 42.31 -23.81
C ILE B 79 -17.28 41.11 -23.17
N THR B 80 -17.01 41.22 -21.87
CA THR B 80 -16.35 40.17 -21.11
C THR B 80 -17.17 39.92 -19.83
N PRO B 81 -17.33 38.64 -19.43
CA PRO B 81 -17.99 38.25 -18.19
C PRO B 81 -17.69 39.13 -16.98
N ASP B 82 -16.56 39.84 -17.02
CA ASP B 82 -16.16 40.72 -15.92
C ASP B 82 -16.46 42.19 -16.20
N GLY B 83 -16.23 42.63 -17.45
CA GLY B 83 -16.47 44.02 -17.83
C GLY B 83 -16.51 44.28 -19.31
N ALA B 84 -17.44 45.14 -19.73
CA ALA B 84 -17.58 45.54 -21.14
C ALA B 84 -16.78 46.80 -21.44
N THR B 85 -15.99 46.75 -22.52
CA THR B 85 -15.13 47.87 -22.90
C THR B 85 -15.33 48.27 -24.36
N ILE B 86 -15.29 49.57 -24.63
CA ILE B 86 -15.39 50.10 -25.99
C ILE B 86 -14.16 50.94 -26.32
N THR B 87 -13.41 50.51 -27.34
CA THR B 87 -12.19 51.19 -27.78
C THR B 87 -12.41 51.81 -29.16
N PHE B 88 -11.81 52.98 -29.37
CA PHE B 88 -11.95 53.72 -30.64
C PHE B 88 -10.66 53.68 -31.47
N ASN B 89 -10.81 53.88 -32.77
CA ASN B 89 -9.69 53.86 -33.71
C ASN B 89 -9.46 55.20 -34.41
N ASP B 90 -8.25 55.39 -34.93
CA ASP B 90 -7.85 56.65 -35.60
C ASP B 90 -8.71 57.02 -36.81
N LYS B 91 -9.55 56.08 -37.24
CA LYS B 91 -10.48 56.29 -38.34
C LYS B 91 -11.68 57.15 -37.92
N VAL B 92 -11.73 57.50 -36.62
CA VAL B 92 -12.75 58.39 -36.07
C VAL B 92 -12.22 59.83 -35.90
N GLU B 93 -10.91 59.99 -36.04
CA GLU B 93 -10.25 61.30 -35.91
C GLU B 93 -10.73 62.32 -36.95
N LYS B 94 -11.45 61.83 -37.96
CA LYS B 94 -11.97 62.68 -39.04
C LYS B 94 -13.49 62.83 -38.97
N LEU B 95 -14.07 62.56 -37.80
CA LEU B 95 -15.51 62.67 -37.61
C LEU B 95 -15.89 63.71 -36.55
N SER B 96 -16.90 64.53 -36.86
CA SER B 96 -17.31 65.62 -35.98
C SER B 96 -18.30 65.16 -34.91
N ASP B 97 -19.59 65.17 -35.22
CA ASP B 97 -20.65 64.83 -34.27
C ASP B 97 -20.72 63.31 -34.06
N VAL B 98 -20.38 62.87 -32.86
CA VAL B 98 -20.38 61.43 -32.53
C VAL B 98 -21.49 61.08 -31.55
N SER B 99 -22.36 60.16 -31.97
CA SER B 99 -23.44 59.65 -31.14
C SER B 99 -23.62 58.15 -31.37
N GLY B 100 -23.31 57.35 -30.35
CA GLY B 100 -23.38 55.90 -30.46
C GLY B 100 -24.00 55.20 -29.26
N PHE B 101 -24.25 53.91 -29.41
CA PHE B 101 -24.88 53.10 -28.38
C PHE B 101 -24.35 51.66 -28.37
N ALA B 102 -24.65 50.94 -27.29
CA ALA B 102 -24.26 49.54 -27.16
C ALA B 102 -25.27 48.73 -26.35
N GLU B 103 -26.03 47.88 -27.05
CA GLU B 103 -26.99 46.98 -26.41
C GLU B 103 -26.44 45.56 -26.35
N PHE B 104 -25.85 45.21 -25.21
CA PHE B 104 -25.29 43.88 -25.00
C PHE B 104 -26.05 43.11 -23.92
N GLU B 105 -26.01 41.79 -23.98
CA GLU B 105 -26.70 40.94 -23.01
C GLU B 105 -25.87 40.60 -21.78
N VAL B 106 -26.55 40.35 -20.67
CA VAL B 106 -25.93 40.13 -19.36
C VAL B 106 -26.67 39.05 -18.58
N GLN B 107 -25.92 38.17 -17.93
CA GLN B 107 -26.48 37.14 -17.06
C GLN B 107 -26.38 37.57 -15.59
N GLY B 108 -27.53 37.90 -15.00
CA GLY B 108 -27.59 38.29 -13.60
C GLY B 108 -27.66 37.10 -12.68
N ARG B 109 -26.98 37.18 -11.54
CA ARG B 109 -26.92 36.07 -10.60
C ARG B 109 -27.06 36.51 -9.14
N ASN B 110 -27.89 35.78 -8.40
CA ASN B 110 -28.04 35.94 -6.96
C ASN B 110 -27.91 34.58 -6.29
N LEU B 111 -26.73 34.30 -5.76
CA LEU B 111 -26.36 32.98 -5.27
C LEU B 111 -26.98 32.57 -3.94
N THR B 112 -27.75 33.48 -3.34
CA THR B 112 -28.37 33.26 -2.03
C THR B 112 -29.33 32.06 -2.04
N GLN B 113 -28.78 30.87 -1.79
CA GLN B 113 -29.54 29.63 -1.92
C GLN B 113 -30.08 29.09 -0.61
N THR B 114 -30.81 29.93 0.11
CA THR B 114 -31.45 29.55 1.39
C THR B 114 -32.63 30.48 1.68
N ASN B 115 -33.39 30.15 2.72
CA ASN B 115 -34.48 30.98 3.26
C ASN B 115 -35.73 30.99 2.37
N THR B 116 -36.70 31.84 2.73
CA THR B 116 -37.98 31.91 2.03
C THR B 116 -37.83 32.44 0.60
N SER B 117 -37.42 33.70 0.48
CA SER B 117 -37.21 34.35 -0.82
C SER B 117 -36.18 35.46 -0.69
N ASP B 118 -35.49 35.76 -1.79
CA ASP B 118 -34.45 36.79 -1.78
C ASP B 118 -34.50 37.72 -2.98
N ASP B 119 -34.25 39.00 -2.73
CA ASP B 119 -34.18 40.02 -3.77
C ASP B 119 -33.05 41.00 -3.46
N LYS B 120 -31.94 40.86 -4.16
CA LYS B 120 -30.77 41.72 -3.96
C LYS B 120 -30.35 42.40 -5.26
N VAL B 121 -30.00 43.68 -5.16
CA VAL B 121 -29.69 44.51 -6.32
C VAL B 121 -28.22 44.46 -6.75
N ALA B 122 -27.99 44.60 -8.05
CA ALA B 122 -26.65 44.69 -8.62
C ALA B 122 -26.54 45.93 -9.49
N THR B 123 -25.67 46.86 -9.10
CA THR B 123 -25.53 48.15 -9.78
C THR B 123 -24.45 48.10 -10.87
N ILE B 124 -24.88 48.34 -12.10
CA ILE B 124 -23.97 48.46 -13.23
C ILE B 124 -23.59 49.92 -13.42
N THR B 125 -22.29 50.17 -13.57
CA THR B 125 -21.76 51.53 -13.69
C THR B 125 -21.03 51.75 -15.02
N SER B 126 -21.33 52.88 -15.66
CA SER B 126 -20.63 53.31 -16.86
C SER B 126 -20.44 54.82 -16.81
N GLY B 127 -19.30 55.25 -16.30
CA GLY B 127 -19.01 56.67 -16.13
C GLY B 127 -19.70 57.26 -14.92
N ASN B 128 -20.42 58.35 -15.13
CA ASN B 128 -21.17 59.02 -14.05
C ASN B 128 -22.56 58.43 -13.84
N LYS B 129 -23.12 57.82 -14.89
CA LYS B 129 -24.46 57.23 -14.84
C LYS B 129 -24.45 55.81 -14.27
N SER B 130 -25.53 55.44 -13.58
CA SER B 130 -25.66 54.12 -12.97
C SER B 130 -27.08 53.58 -13.08
N THR B 131 -27.21 52.26 -13.07
CA THR B 131 -28.52 51.59 -13.15
C THR B 131 -28.60 50.40 -12.19
N ASN B 132 -29.82 50.07 -11.76
CA ASN B 132 -30.05 48.99 -10.80
C ASN B 132 -30.74 47.78 -11.40
N VAL B 133 -30.24 46.59 -11.07
CA VAL B 133 -30.83 45.33 -11.52
C VAL B 133 -31.18 44.45 -10.32
N THR B 134 -32.47 44.13 -10.19
CA THR B 134 -32.93 43.26 -9.11
C THR B 134 -32.97 41.81 -9.58
N VAL B 135 -32.30 40.94 -8.84
CA VAL B 135 -32.26 39.51 -9.16
C VAL B 135 -33.03 38.71 -8.12
N HIS B 136 -34.17 38.16 -8.53
CA HIS B 136 -35.04 37.38 -7.66
C HIS B 136 -34.54 35.95 -7.52
N LYS B 137 -34.24 35.56 -6.28
CA LYS B 137 -33.91 34.17 -5.97
C LYS B 137 -35.05 33.54 -5.18
N SER B 138 -35.74 32.60 -5.81
CA SER B 138 -36.92 31.96 -5.21
C SER B 138 -36.57 30.70 -4.43
N GLU B 139 -37.56 30.18 -3.71
CA GLU B 139 -37.44 28.92 -2.98
C GLU B 139 -37.24 27.76 -3.96
N ALA B 140 -36.41 26.80 -3.58
CA ALA B 140 -36.13 25.62 -4.39
C ALA B 140 -37.31 24.64 -4.40
N GLY B 141 -37.32 23.74 -5.38
CA GLY B 141 -38.38 22.75 -5.51
C GLY B 141 -38.16 21.50 -4.66
N THR B 142 -38.96 20.48 -4.92
CA THR B 142 -38.89 19.21 -4.18
C THR B 142 -38.30 18.08 -5.04
N SER B 143 -37.59 18.47 -6.10
CA SER B 143 -36.89 17.55 -7.01
C SER B 143 -37.81 16.52 -7.68
N SER B 144 -37.36 15.26 -7.69
CA SER B 144 -38.12 14.12 -8.22
C SER B 144 -38.34 14.13 -9.73
N VAL B 145 -37.24 14.06 -10.48
CA VAL B 145 -37.26 13.91 -11.93
C VAL B 145 -36.26 12.83 -12.33
N PHE B 146 -36.72 11.84 -13.10
CA PHE B 146 -35.86 10.74 -13.55
C PHE B 146 -34.90 11.19 -14.65
N TYR B 147 -35.46 11.55 -15.80
CA TYR B 147 -34.67 12.01 -16.95
C TYR B 147 -35.14 13.37 -17.44
N TYR B 148 -34.19 14.30 -17.54
CA TYR B 148 -34.47 15.62 -18.09
C TYR B 148 -33.25 16.16 -18.85
N LYS B 149 -33.50 17.01 -19.83
CA LYS B 149 -32.42 17.62 -20.62
C LYS B 149 -32.36 19.12 -20.37
N THR B 150 -31.15 19.62 -20.15
CA THR B 150 -30.88 21.05 -20.03
C THR B 150 -29.61 21.46 -20.74
N GLY B 151 -29.63 22.67 -21.30
CA GLY B 151 -28.45 23.26 -21.92
C GLY B 151 -28.33 24.72 -21.53
N ASP B 152 -27.12 25.25 -21.64
CA ASP B 152 -26.88 26.67 -21.34
C ASP B 152 -25.66 27.22 -22.08
N MET B 153 -25.75 28.49 -22.46
CA MET B 153 -24.64 29.19 -23.09
C MET B 153 -23.86 29.95 -22.02
N LEU B 154 -22.59 29.60 -21.87
CA LEU B 154 -21.73 30.22 -20.87
C LEU B 154 -21.25 31.61 -21.31
N PRO B 155 -21.11 32.55 -20.36
CA PRO B 155 -20.61 33.90 -20.67
C PRO B 155 -19.17 33.90 -21.19
N GLU B 156 -18.38 32.91 -20.77
CA GLU B 156 -16.98 32.79 -21.20
C GLU B 156 -16.83 32.10 -22.57
N ASP B 157 -17.90 31.45 -23.02
CA ASP B 157 -17.90 30.74 -24.29
C ASP B 157 -19.29 30.79 -24.96
N THR B 158 -19.46 31.75 -25.86
CA THR B 158 -20.72 31.95 -26.57
C THR B 158 -20.68 31.40 -28.00
N THR B 159 -19.64 30.65 -28.31
CA THR B 159 -19.47 30.02 -29.62
C THR B 159 -19.85 28.54 -29.57
N HIS B 160 -20.09 28.03 -28.37
CA HIS B 160 -20.52 26.64 -28.17
C HIS B 160 -21.75 26.56 -27.27
N VAL B 161 -22.59 25.56 -27.50
CA VAL B 161 -23.78 25.32 -26.68
C VAL B 161 -23.66 24.00 -25.93
N ARG B 162 -23.75 24.07 -24.61
CA ARG B 162 -23.72 22.88 -23.75
C ARG B 162 -25.03 22.12 -23.80
N TRP B 163 -24.94 20.80 -23.64
CA TRP B 163 -26.13 19.94 -23.54
C TRP B 163 -25.89 18.85 -22.50
N PHE B 164 -26.92 18.58 -21.70
CA PHE B 164 -26.81 17.60 -20.62
C PHE B 164 -27.90 16.52 -20.70
N LEU B 165 -27.46 15.27 -20.73
CA LEU B 165 -28.36 14.12 -20.72
C LEU B 165 -28.38 13.50 -19.32
N ASN B 166 -29.07 14.18 -18.41
CA ASN B 166 -29.14 13.74 -17.01
C ASN B 166 -30.12 12.58 -16.83
N ILE B 167 -29.55 11.39 -16.61
CA ILE B 167 -30.33 10.15 -16.49
C ILE B 167 -30.33 9.64 -15.04
N ASN B 168 -31.51 9.23 -14.58
CA ASN B 168 -31.70 8.67 -13.23
C ASN B 168 -31.14 9.58 -12.12
N ASN B 169 -31.62 10.82 -12.11
CA ASN B 169 -31.13 11.86 -11.19
C ASN B 169 -31.27 11.50 -9.71
N GLU B 170 -32.41 10.92 -9.35
CA GLU B 170 -32.68 10.52 -7.97
C GLU B 170 -32.19 9.10 -7.66
N LYS B 171 -31.21 8.64 -8.46
CA LYS B 171 -30.57 7.32 -8.31
C LYS B 171 -31.50 6.21 -7.78
N SER B 172 -32.60 5.99 -8.50
CA SER B 172 -33.59 4.98 -8.13
C SER B 172 -33.35 3.67 -8.86
N TYR B 173 -33.95 2.59 -8.36
CA TYR B 173 -33.83 1.27 -8.96
C TYR B 173 -34.59 1.19 -10.29
N VAL B 174 -33.84 0.90 -11.36
CA VAL B 174 -34.41 0.82 -12.70
C VAL B 174 -34.70 -0.63 -13.06
N SER B 175 -35.88 -0.87 -13.61
CA SER B 175 -36.36 -2.24 -13.90
C SER B 175 -36.21 -2.66 -15.37
N LYS B 176 -35.68 -1.76 -16.20
CA LYS B 176 -35.46 -2.04 -17.62
C LYS B 176 -34.31 -1.20 -18.18
N ASP B 177 -33.69 -1.69 -19.25
CA ASP B 177 -32.59 -0.99 -19.92
C ASP B 177 -32.98 0.41 -20.36
N ILE B 178 -32.17 1.40 -19.97
CA ILE B 178 -32.41 2.79 -20.33
C ILE B 178 -31.85 3.09 -21.72
N THR B 179 -32.73 3.49 -22.63
CA THR B 179 -32.34 3.84 -23.99
C THR B 179 -32.87 5.23 -24.34
N ILE B 180 -31.97 6.13 -24.72
CA ILE B 180 -32.34 7.48 -25.14
C ILE B 180 -31.75 7.87 -26.49
N LYS B 181 -32.63 8.08 -27.46
CA LYS B 181 -32.23 8.58 -28.78
C LYS B 181 -32.18 10.11 -28.74
N ASP B 182 -31.18 10.69 -29.41
CA ASP B 182 -30.99 12.13 -29.39
C ASP B 182 -30.74 12.69 -30.79
N GLN B 183 -31.47 13.75 -31.13
CA GLN B 183 -31.33 14.42 -32.43
C GLN B 183 -31.01 15.89 -32.23
N ILE B 184 -29.78 16.28 -32.57
CA ILE B 184 -29.34 17.68 -32.47
C ILE B 184 -29.78 18.45 -33.71
N GLN B 185 -30.48 19.56 -33.49
CA GLN B 185 -31.06 20.35 -34.58
C GLN B 185 -30.02 21.23 -35.30
N GLY B 186 -30.44 21.80 -36.42
CA GLY B 186 -29.57 22.64 -37.25
C GLY B 186 -29.20 23.97 -36.64
N GLY B 187 -28.22 24.64 -37.25
CA GLY B 187 -27.68 25.89 -36.74
C GLY B 187 -26.49 25.69 -35.82
N GLN B 188 -26.18 24.43 -35.54
CA GLN B 188 -25.07 24.04 -34.69
C GLN B 188 -24.55 22.67 -35.13
N GLN B 189 -23.41 22.26 -34.57
CA GLN B 189 -22.86 20.92 -34.84
C GLN B 189 -22.13 20.32 -33.63
N LEU B 190 -22.37 19.03 -33.42
CA LEU B 190 -21.78 18.28 -32.32
C LEU B 190 -20.25 18.20 -32.40
N ASP B 191 -19.60 18.43 -31.27
CA ASP B 191 -18.16 18.24 -31.14
C ASP B 191 -17.90 16.96 -30.34
N LEU B 192 -17.22 16.01 -30.96
CA LEU B 192 -16.99 14.68 -30.37
C LEU B 192 -15.94 14.72 -29.26
N SER B 193 -15.02 15.70 -29.35
CA SER B 193 -13.96 15.86 -28.36
C SER B 193 -14.49 16.37 -27.01
N THR B 194 -15.56 17.14 -27.05
CA THR B 194 -16.16 17.74 -25.85
C THR B 194 -17.02 16.75 -25.06
N LEU B 195 -17.34 15.61 -25.69
CA LEU B 195 -18.20 14.59 -25.08
C LEU B 195 -17.60 14.01 -23.80
N ASN B 196 -18.39 14.05 -22.72
CA ASN B 196 -17.98 13.53 -21.42
C ASN B 196 -19.10 12.90 -20.62
N ILE B 197 -18.80 11.79 -19.95
CA ILE B 197 -19.77 11.06 -19.13
C ILE B 197 -19.41 11.21 -17.65
N ASN B 198 -20.42 11.41 -16.81
CA ASN B 198 -20.24 11.54 -15.37
C ASN B 198 -21.19 10.65 -14.58
N VAL B 199 -20.63 9.68 -13.85
CA VAL B 199 -21.42 8.72 -13.09
C VAL B 199 -21.30 9.00 -11.59
N THR B 200 -22.44 9.03 -10.90
CA THR B 200 -22.49 9.27 -9.46
C THR B 200 -23.50 8.35 -8.79
N GLY B 201 -23.12 7.80 -7.64
CA GLY B 201 -23.98 6.89 -6.88
C GLY B 201 -23.20 5.73 -6.29
N THR B 202 -23.62 4.51 -6.62
CA THR B 202 -22.88 3.30 -6.23
C THR B 202 -21.57 3.23 -7.02
N HIS B 203 -21.67 3.41 -8.33
CA HIS B 203 -20.50 3.55 -9.20
C HIS B 203 -20.13 5.03 -9.33
N SER B 204 -18.83 5.31 -9.42
CA SER B 204 -18.34 6.69 -9.51
C SER B 204 -17.11 6.83 -10.40
N ASN B 205 -17.24 7.65 -11.44
CA ASN B 205 -16.14 8.03 -12.32
C ASN B 205 -16.55 9.10 -13.34
N TYR B 206 -15.55 9.72 -13.96
CA TYR B 206 -15.76 10.75 -14.97
C TYR B 206 -14.90 10.49 -16.20
N TYR B 207 -15.56 10.19 -17.32
CA TYR B 207 -14.88 9.83 -18.56
C TYR B 207 -14.94 10.99 -19.55
N SER B 208 -13.77 11.48 -19.96
CA SER B 208 -13.68 12.64 -20.85
C SER B 208 -12.47 12.57 -21.78
N GLY B 209 -12.68 12.98 -23.04
CA GLY B 209 -11.60 13.11 -24.01
C GLY B 209 -11.12 11.82 -24.64
N GLN B 210 -10.72 11.91 -25.91
CA GLN B 210 -10.14 10.79 -26.67
C GLN B 210 -10.94 9.49 -26.64
N SER B 211 -10.63 8.62 -25.68
CA SER B 211 -11.25 7.30 -25.56
C SER B 211 -12.49 7.31 -24.66
N ALA B 212 -13.00 8.51 -24.37
CA ALA B 212 -14.13 8.72 -23.45
C ALA B 212 -15.32 7.77 -23.68
N ILE B 213 -15.70 7.60 -24.94
CA ILE B 213 -16.83 6.74 -25.32
C ILE B 213 -16.49 5.27 -25.07
N THR B 214 -15.31 4.86 -25.50
CA THR B 214 -14.85 3.47 -25.36
C THR B 214 -14.59 3.11 -23.89
N ASP B 215 -14.05 4.06 -23.12
CA ASP B 215 -13.76 3.86 -21.70
C ASP B 215 -15.02 3.62 -20.88
N PHE B 216 -16.10 4.33 -21.22
CA PHE B 216 -17.39 4.17 -20.55
C PHE B 216 -18.04 2.83 -20.92
N GLU B 217 -17.84 2.41 -22.17
CA GLU B 217 -18.35 1.12 -22.65
C GLU B 217 -17.53 -0.04 -22.09
N LYS B 218 -16.26 0.23 -21.77
CA LYS B 218 -15.36 -0.77 -21.19
C LYS B 218 -15.63 -0.97 -19.70
N ALA B 219 -15.72 0.13 -18.96
CA ALA B 219 -15.95 0.10 -17.52
C ALA B 219 -17.34 -0.41 -17.15
N PHE B 220 -18.31 -0.13 -18.01
CA PHE B 220 -19.68 -0.61 -17.84
C PHE B 220 -20.05 -1.54 -19.00
N PRO B 221 -19.82 -2.85 -18.83
CA PRO B 221 -20.12 -3.85 -19.86
C PRO B 221 -21.62 -3.90 -20.19
N GLY B 222 -21.95 -3.60 -21.44
CA GLY B 222 -23.34 -3.55 -21.88
C GLY B 222 -23.77 -2.16 -22.32
N SER B 223 -23.21 -1.14 -21.67
CA SER B 223 -23.49 0.26 -22.02
C SER B 223 -22.94 0.57 -23.41
N LYS B 224 -23.80 1.15 -24.26
CA LYS B 224 -23.44 1.42 -25.64
C LYS B 224 -23.87 2.83 -26.06
N ILE B 225 -22.94 3.57 -26.66
CA ILE B 225 -23.22 4.90 -27.19
C ILE B 225 -22.91 4.94 -28.69
N THR B 226 -23.96 5.17 -29.49
CA THR B 226 -23.84 5.26 -30.94
C THR B 226 -23.89 6.72 -31.37
N VAL B 227 -22.86 7.17 -32.09
CA VAL B 227 -22.75 8.57 -32.50
C VAL B 227 -22.60 8.72 -34.01
N ASP B 228 -23.53 9.45 -34.61
CA ASP B 228 -23.42 9.86 -36.02
C ASP B 228 -23.12 11.36 -36.03
N ASN B 229 -21.86 11.70 -36.31
CA ASN B 229 -21.39 13.08 -36.25
C ASN B 229 -21.90 13.96 -37.39
N THR B 230 -22.00 13.39 -38.58
CA THR B 230 -22.46 14.11 -39.77
C THR B 230 -23.96 14.41 -39.72
N LYS B 231 -24.72 13.51 -39.09
CA LYS B 231 -26.17 13.65 -38.95
C LYS B 231 -26.55 14.26 -37.59
N ASN B 232 -25.56 14.39 -36.71
CA ASN B 232 -25.75 14.88 -35.34
C ASN B 232 -26.77 14.06 -34.54
N THR B 233 -26.58 12.74 -34.57
CA THR B 233 -27.48 11.80 -33.90
C THR B 233 -26.73 10.98 -32.85
N ILE B 234 -27.17 11.09 -31.60
CA ILE B 234 -26.56 10.35 -30.48
C ILE B 234 -27.57 9.36 -29.89
N ASP B 235 -27.15 8.11 -29.75
CA ASP B 235 -27.99 7.07 -29.17
C ASP B 235 -27.30 6.45 -27.95
N VAL B 236 -27.89 6.62 -26.78
CA VAL B 236 -27.30 6.10 -25.54
C VAL B 236 -28.12 4.93 -24.99
N THR B 237 -27.45 3.79 -24.81
CA THR B 237 -28.05 2.60 -24.23
C THR B 237 -27.31 2.22 -22.95
N ILE B 238 -28.06 2.07 -21.86
CA ILE B 238 -27.51 1.74 -20.55
C ILE B 238 -28.27 0.56 -19.94
N PRO B 239 -27.56 -0.50 -19.49
CA PRO B 239 -28.20 -1.67 -18.88
C PRO B 239 -28.82 -1.33 -17.54
N GLN B 240 -29.87 -2.07 -17.16
CA GLN B 240 -30.59 -1.83 -15.91
C GLN B 240 -29.77 -2.19 -14.66
N GLY B 241 -28.85 -3.15 -14.82
CA GLY B 241 -27.99 -3.57 -13.72
C GLY B 241 -27.02 -2.50 -13.26
N TYR B 242 -26.52 -1.72 -14.22
CA TYR B 242 -25.62 -0.60 -13.93
C TYR B 242 -26.38 0.72 -13.84
N GLY B 243 -27.55 0.77 -14.48
CA GLY B 243 -28.41 1.95 -14.49
C GLY B 243 -29.08 2.22 -13.15
N SER B 244 -29.22 1.18 -12.34
CA SER B 244 -29.82 1.29 -11.02
C SER B 244 -28.90 1.98 -10.03
N TYR B 245 -29.47 2.91 -9.26
CA TYR B 245 -28.77 3.65 -8.19
C TYR B 245 -27.60 4.52 -8.68
N ASN B 246 -27.56 4.79 -9.99
CA ASN B 246 -26.50 5.62 -10.58
C ASN B 246 -27.06 6.74 -11.44
N SER B 247 -26.60 7.97 -11.19
CA SER B 247 -27.03 9.13 -11.95
C SER B 247 -26.05 9.44 -13.08
N PHE B 248 -26.35 8.92 -14.26
CA PHE B 248 -25.52 9.11 -15.44
C PHE B 248 -25.75 10.50 -16.05
N SER B 249 -24.68 11.28 -16.16
CA SER B 249 -24.75 12.62 -16.74
C SER B 249 -23.84 12.72 -17.96
N ILE B 250 -24.45 12.94 -19.12
CA ILE B 250 -23.72 13.01 -20.39
C ILE B 250 -23.70 14.43 -20.92
N ASN B 251 -22.50 14.99 -21.03
CA ASN B 251 -22.32 16.37 -21.49
C ASN B 251 -21.55 16.45 -22.80
N TYR B 252 -22.01 17.33 -23.69
CA TYR B 252 -21.31 17.64 -24.93
C TYR B 252 -21.56 19.08 -25.38
N LYS B 253 -20.48 19.78 -25.74
CA LYS B 253 -20.57 21.14 -26.26
C LYS B 253 -20.68 21.11 -27.78
N THR B 254 -21.57 21.94 -28.31
CA THR B 254 -21.82 21.97 -29.76
C THR B 254 -21.39 23.31 -30.37
N LYS B 255 -20.50 23.23 -31.36
CA LYS B 255 -19.99 24.42 -32.05
C LYS B 255 -21.10 25.09 -32.86
N ILE B 256 -21.33 26.37 -32.58
CA ILE B 256 -22.37 27.15 -33.24
C ILE B 256 -21.99 27.47 -34.68
N THR B 257 -22.85 27.03 -35.62
CA THR B 257 -22.65 27.29 -37.04
C THR B 257 -23.69 28.29 -37.57
N ASN B 258 -24.34 29.01 -36.65
CA ASN B 258 -25.30 30.06 -36.98
C ASN B 258 -25.43 31.06 -35.83
N GLU B 259 -24.64 32.13 -35.91
CA GLU B 259 -24.61 33.16 -34.86
C GLU B 259 -25.87 34.01 -34.81
N GLN B 260 -26.49 34.19 -35.98
CA GLN B 260 -27.69 35.02 -36.10
C GLN B 260 -28.98 34.29 -35.72
N GLN B 261 -28.88 32.97 -35.54
CA GLN B 261 -30.02 32.14 -35.16
C GLN B 261 -30.54 32.50 -33.77
N LYS B 262 -31.86 32.58 -33.65
CA LYS B 262 -32.53 33.00 -32.41
C LYS B 262 -32.38 31.98 -31.28
N GLU B 263 -32.65 30.71 -31.58
CA GLU B 263 -32.61 29.66 -30.57
C GLU B 263 -32.04 28.33 -31.07
N PHE B 264 -31.45 27.58 -30.15
CA PHE B 264 -30.84 26.28 -30.47
C PHE B 264 -31.58 25.15 -29.74
N VAL B 265 -31.95 24.11 -30.49
CA VAL B 265 -32.80 23.04 -29.97
C VAL B 265 -32.10 21.68 -29.97
N ASN B 266 -32.43 20.86 -28.98
CA ASN B 266 -31.96 19.47 -28.92
C ASN B 266 -33.11 18.55 -28.53
N ASN B 267 -33.30 17.49 -29.32
CA ASN B 267 -34.44 16.59 -29.15
C ASN B 267 -34.05 15.18 -28.67
N SER B 268 -34.86 14.61 -27.80
CA SER B 268 -34.62 13.26 -27.28
C SER B 268 -35.91 12.50 -26.92
N GLN B 269 -35.81 11.18 -26.93
CA GLN B 269 -36.92 10.30 -26.53
C GLN B 269 -36.47 9.31 -25.46
N ALA B 270 -37.21 9.24 -24.36
CA ALA B 270 -36.83 8.41 -23.22
C ALA B 270 -37.56 7.07 -23.16
N TRP B 271 -36.81 6.02 -22.87
CA TRP B 271 -37.34 4.66 -22.77
C TRP B 271 -36.89 4.04 -21.44
N TYR B 272 -37.62 4.34 -20.36
CA TYR B 272 -37.24 3.88 -19.03
C TYR B 272 -38.42 3.36 -18.21
N GLN B 273 -38.12 2.50 -17.23
CA GLN B 273 -39.11 2.04 -16.26
C GLN B 273 -38.57 2.13 -14.84
N GLU B 274 -39.22 2.98 -14.04
CA GLU B 274 -38.86 3.14 -12.63
C GLU B 274 -39.53 2.04 -11.81
N HIS B 275 -38.91 1.70 -10.67
CA HIS B 275 -39.36 0.59 -9.81
C HIS B 275 -40.85 0.65 -9.42
N GLY B 276 -41.39 1.86 -9.32
CA GLY B 276 -42.77 2.08 -8.90
C GLY B 276 -43.83 1.34 -9.69
N LYS B 277 -44.29 1.94 -10.79
CA LYS B 277 -45.35 1.38 -11.63
C LYS B 277 -45.34 1.94 -13.05
N GLU B 278 -44.48 2.94 -13.29
CA GLU B 278 -44.46 3.66 -14.56
C GLU B 278 -43.44 3.12 -15.55
N GLU B 279 -43.93 2.63 -16.70
CA GLU B 279 -43.09 2.24 -17.82
C GLU B 279 -43.23 3.26 -18.94
N VAL B 280 -42.17 4.04 -19.16
CA VAL B 280 -42.16 5.05 -20.20
C VAL B 280 -41.60 4.45 -21.50
N ASN B 281 -42.42 4.49 -22.54
CA ASN B 281 -42.06 3.89 -23.84
C ASN B 281 -42.08 4.92 -24.97
N GLY B 282 -40.99 5.68 -25.09
CA GLY B 282 -40.83 6.65 -26.16
C GLY B 282 -41.54 7.98 -25.93
N LYS B 283 -41.29 8.58 -24.76
CA LYS B 283 -41.83 9.89 -24.44
C LYS B 283 -40.82 10.99 -24.80
N SER B 284 -41.32 12.07 -25.39
CA SER B 284 -40.46 13.16 -25.88
C SER B 284 -39.92 14.04 -24.76
N PHE B 285 -38.62 14.35 -24.84
CA PHE B 285 -37.96 15.25 -23.92
C PHE B 285 -37.06 16.22 -24.68
N ASN B 286 -37.53 17.44 -24.85
CA ASN B 286 -36.83 18.45 -25.64
C ASN B 286 -36.58 19.74 -24.86
N HIS B 287 -35.37 20.30 -25.02
CA HIS B 287 -35.00 21.55 -24.38
C HIS B 287 -34.44 22.55 -25.39
N THR B 288 -34.71 23.84 -25.16
CA THR B 288 -34.31 24.90 -26.07
C THR B 288 -33.53 26.00 -25.33
N VAL B 289 -32.49 26.51 -25.97
CA VAL B 289 -31.68 27.60 -25.41
C VAL B 289 -31.74 28.85 -26.30
N HIS B 290 -31.68 30.01 -25.66
CA HIS B 290 -31.76 31.29 -26.36
C HIS B 290 -30.39 31.91 -26.60
N ASN B 291 -30.17 32.35 -27.84
CA ASN B 291 -28.93 33.04 -28.21
C ASN B 291 -29.01 34.51 -27.79
N ILE B 292 -27.85 35.10 -27.54
CA ILE B 292 -27.77 36.48 -27.07
C ILE B 292 -27.57 37.49 -28.21
N ASN B 293 -28.28 38.62 -28.13
CA ASN B 293 -28.25 39.63 -29.18
C ASN B 293 -27.46 40.89 -28.83
N ALA B 294 -26.13 40.77 -28.87
CA ALA B 294 -25.23 41.89 -28.62
C ALA B 294 -25.18 42.79 -29.86
N ASN B 295 -25.59 44.04 -29.69
CA ASN B 295 -25.66 45.00 -30.78
C ASN B 295 -25.06 46.35 -30.39
N ALA B 296 -24.32 46.95 -31.31
CA ALA B 296 -23.71 48.26 -31.09
C ALA B 296 -23.64 49.07 -32.39
N GLY B 297 -24.04 50.34 -32.31
CA GLY B 297 -24.03 51.24 -33.45
C GLY B 297 -23.37 52.58 -33.14
N ILE B 298 -22.95 53.27 -34.19
CA ILE B 298 -22.29 54.58 -34.06
C ILE B 298 -22.68 55.51 -35.21
N GLU B 299 -22.77 56.81 -34.89
CA GLU B 299 -23.08 57.82 -35.89
C GLU B 299 -22.02 58.92 -35.90
N GLY B 300 -21.59 59.31 -37.10
CA GLY B 300 -20.57 60.34 -37.27
C GLY B 300 -20.73 61.10 -38.57
N THR B 301 -20.97 62.41 -38.46
CA THR B 301 -21.15 63.27 -39.63
C THR B 301 -19.87 64.07 -39.91
N VAL B 302 -19.53 64.16 -41.21
CA VAL B 302 -18.34 64.87 -41.69
C VAL B 302 -17.03 64.32 -41.10
N ARG C 4 1.02 -7.49 59.53
CA ARG C 4 1.68 -6.83 60.69
C ARG C 4 3.15 -6.53 60.37
N ASP C 5 3.46 -5.26 60.17
CA ASP C 5 4.82 -4.82 59.90
C ASP C 5 5.54 -4.57 61.23
N ILE C 6 6.61 -5.33 61.47
CA ILE C 6 7.39 -5.22 62.71
C ILE C 6 8.86 -4.87 62.45
N SER C 7 9.14 -4.31 61.28
CA SER C 7 10.51 -3.96 60.88
C SER C 7 11.11 -2.88 61.78
N SER C 8 10.27 -1.91 62.17
CA SER C 8 10.73 -0.75 62.95
C SER C 8 11.09 -1.09 64.40
N THR C 9 10.49 -2.15 64.94
CA THR C 9 10.63 -2.46 66.36
C THR C 9 11.38 -3.76 66.66
N ASN C 10 12.01 -4.35 65.65
CA ASN C 10 12.71 -5.63 65.82
C ASN C 10 14.11 -5.70 65.21
N VAL C 11 14.36 -4.90 64.17
CA VAL C 11 15.66 -4.88 63.50
C VAL C 11 16.76 -4.35 64.42
N THR C 12 17.77 -5.19 64.65
CA THR C 12 18.89 -4.85 65.53
C THR C 12 19.97 -4.06 64.79
N ASP C 13 20.36 -4.56 63.61
CA ASP C 13 21.42 -3.96 62.81
C ASP C 13 21.28 -4.26 61.32
N LEU C 14 21.45 -3.24 60.49
CA LEU C 14 21.50 -3.39 59.04
C LEU C 14 22.93 -3.17 58.55
N THR C 15 23.44 -4.11 57.76
CA THR C 15 24.83 -4.09 57.34
C THR C 15 24.99 -4.26 55.83
N VAL C 16 25.95 -3.54 55.26
CA VAL C 16 26.32 -3.65 53.85
C VAL C 16 27.81 -4.03 53.77
N SER C 17 28.12 -5.06 52.98
CA SER C 17 29.48 -5.59 52.90
C SER C 17 30.47 -4.65 52.16
N PRO C 18 30.49 -4.67 50.81
CA PRO C 18 31.37 -3.70 50.15
C PRO C 18 30.72 -2.33 50.08
N SER C 19 31.34 -1.35 50.76
CA SER C 19 30.82 0.01 50.84
C SER C 19 30.93 0.76 49.51
N LYS C 20 32.05 0.57 48.83
CA LYS C 20 32.29 1.20 47.53
C LYS C 20 32.39 0.15 46.43
N ILE C 21 31.54 0.28 45.42
CA ILE C 21 31.48 -0.66 44.29
C ILE C 21 31.39 0.04 42.94
N GLU C 22 31.55 -0.74 41.87
CA GLU C 22 31.43 -0.24 40.50
C GLU C 22 30.01 -0.42 39.98
N ASP C 23 29.70 0.26 38.87
CA ASP C 23 28.38 0.17 38.23
C ASP C 23 28.19 -1.22 37.61
N GLY C 24 27.46 -2.07 38.33
CA GLY C 24 27.22 -3.45 37.91
C GLY C 24 27.71 -4.48 38.92
N GLY C 25 28.31 -4.01 40.01
CA GLY C 25 28.86 -4.88 41.05
C GLY C 25 27.81 -5.42 42.01
N LYS C 26 28.20 -6.45 42.76
CA LYS C 26 27.31 -7.07 43.75
C LYS C 26 27.65 -6.67 45.19
N THR C 27 26.65 -6.75 46.07
CA THR C 27 26.78 -6.30 47.45
C THR C 27 25.95 -7.17 48.40
N THR C 28 26.61 -7.76 49.40
CA THR C 28 25.92 -8.55 50.42
C THR C 28 25.34 -7.66 51.51
N VAL C 29 24.03 -7.78 51.73
CA VAL C 29 23.32 -6.97 52.72
C VAL C 29 22.78 -7.85 53.85
N LYS C 30 23.28 -7.63 55.06
CA LYS C 30 22.88 -8.41 56.23
C LYS C 30 21.89 -7.66 57.11
N MET C 31 20.83 -8.35 57.50
CA MET C 31 19.82 -7.82 58.41
C MET C 31 19.72 -8.73 59.63
N THR C 32 19.65 -8.14 60.82
CA THR C 32 19.57 -8.90 62.07
C THR C 32 18.39 -8.42 62.91
N PHE C 33 17.63 -9.36 63.48
CA PHE C 33 16.47 -9.04 64.31
C PHE C 33 16.48 -9.74 65.67
N ASP C 34 15.79 -9.14 66.64
CA ASP C 34 15.71 -9.65 68.00
C ASP C 34 14.28 -9.85 68.49
N ASP C 35 14.13 -10.51 69.64
CA ASP C 35 12.83 -10.71 70.29
C ASP C 35 12.75 -9.87 71.56
N LYS C 36 13.83 -9.14 71.85
CA LYS C 36 13.96 -8.37 73.08
C LYS C 36 12.94 -7.22 73.20
N ASN C 37 12.61 -6.60 72.07
CA ASN C 37 11.67 -5.47 72.05
C ASN C 37 10.25 -5.87 71.61
N GLY C 38 9.85 -7.09 71.96
CA GLY C 38 8.50 -7.57 71.63
C GLY C 38 8.50 -8.94 70.96
N LYS C 39 7.40 -9.67 71.14
CA LYS C 39 7.25 -11.02 70.61
C LYS C 39 6.93 -11.01 69.11
N ILE C 40 7.57 -11.93 68.38
CA ILE C 40 7.30 -12.11 66.96
C ILE C 40 6.23 -13.19 66.78
N GLN C 41 5.15 -12.81 66.07
CA GLN C 41 3.98 -13.69 65.90
C GLN C 41 3.77 -14.10 64.44
N ASN C 42 2.63 -14.73 64.19
CA ASN C 42 2.23 -15.12 62.84
C ASN C 42 1.73 -13.91 62.05
N GLY C 43 2.26 -13.73 60.85
CA GLY C 43 1.90 -12.60 60.00
C GLY C 43 2.84 -11.41 60.15
N ASP C 44 3.89 -11.59 60.95
CA ASP C 44 4.89 -10.56 61.17
C ASP C 44 5.83 -10.43 59.98
N MET C 45 6.11 -9.19 59.58
CA MET C 45 6.91 -8.92 58.38
C MET C 45 8.10 -8.02 58.65
N ILE C 46 9.25 -8.40 58.11
CA ILE C 46 10.47 -7.59 58.14
C ILE C 46 10.80 -7.15 56.72
N LYS C 47 10.83 -5.84 56.49
CA LYS C 47 11.07 -5.29 55.16
C LYS C 47 12.40 -4.53 55.06
N VAL C 48 13.17 -4.86 54.02
CA VAL C 48 14.40 -4.15 53.70
C VAL C 48 14.23 -3.46 52.35
N ALA C 49 14.18 -2.14 52.37
CA ALA C 49 13.91 -1.34 51.16
C ALA C 49 15.14 -0.57 50.67
N TRP C 50 15.21 -0.39 49.35
CA TRP C 50 16.31 0.32 48.70
C TRP C 50 15.79 1.18 47.54
N PRO C 51 16.59 2.18 47.10
CA PRO C 51 16.19 3.00 45.94
C PRO C 51 15.92 2.15 44.69
N THR C 52 14.69 2.21 44.20
CA THR C 52 14.24 1.38 43.08
C THR C 52 14.30 2.10 41.73
N SER C 53 14.33 3.43 41.76
CA SER C 53 14.37 4.23 40.54
C SER C 53 15.10 5.56 40.75
N GLY C 54 15.80 6.01 39.72
CA GLY C 54 16.50 7.29 39.75
C GLY C 54 17.94 7.21 39.30
N THR C 55 18.79 8.03 39.94
CA THR C 55 20.22 8.08 39.63
C THR C 55 20.97 6.83 40.12
N VAL C 56 20.49 6.25 41.21
CA VAL C 56 21.04 5.00 41.73
C VAL C 56 19.95 3.96 41.96
N LYS C 57 20.07 2.84 41.26
CA LYS C 57 19.11 1.75 41.35
C LYS C 57 19.76 0.53 42.00
N ILE C 58 19.06 -0.06 42.97
CA ILE C 58 19.52 -1.29 43.62
C ILE C 58 18.63 -2.45 43.20
N GLU C 59 19.25 -3.48 42.64
CA GLU C 59 18.52 -4.64 42.12
C GLU C 59 18.78 -5.88 42.96
N GLY C 60 17.78 -6.29 43.73
CA GLY C 60 17.89 -7.48 44.58
C GLY C 60 17.80 -8.76 43.79
N TYR C 61 18.79 -9.63 43.98
CA TYR C 61 18.82 -10.93 43.30
C TYR C 61 17.77 -11.87 43.87
N SER C 62 16.87 -12.33 42.99
CA SER C 62 15.72 -13.14 43.38
C SER C 62 16.10 -14.48 44.02
N LYS C 63 15.87 -14.57 45.32
CA LYS C 63 16.12 -15.79 46.09
C LYS C 63 15.05 -16.01 47.16
N THR C 64 14.88 -17.28 47.54
CA THR C 64 13.93 -17.64 48.60
C THR C 64 14.60 -18.59 49.59
N VAL C 65 15.09 -18.04 50.69
CA VAL C 65 15.78 -18.81 51.73
C VAL C 65 14.89 -18.93 52.96
N PRO C 66 14.57 -20.17 53.38
CA PRO C 66 13.67 -20.38 54.51
C PRO C 66 14.38 -20.29 55.87
N LEU C 67 13.68 -19.69 56.85
CA LEU C 67 14.16 -19.64 58.22
C LEU C 67 13.80 -20.96 58.92
N THR C 68 14.78 -21.87 58.99
CA THR C 68 14.56 -23.20 59.52
C THR C 68 15.32 -23.43 60.83
N VAL C 69 14.60 -23.88 61.85
CA VAL C 69 15.20 -24.24 63.13
C VAL C 69 14.81 -25.67 63.54
N LYS C 70 15.83 -26.50 63.75
CA LYS C 70 15.68 -27.91 64.12
C LYS C 70 14.49 -28.66 63.49
N GLY C 71 14.46 -28.67 62.17
CA GLY C 71 13.44 -29.39 61.41
C GLY C 71 12.09 -28.70 61.35
N GLU C 72 12.06 -27.42 61.71
CA GLU C 72 10.84 -26.62 61.71
C GLU C 72 11.06 -25.29 60.99
N GLN C 73 10.32 -25.08 59.90
CA GLN C 73 10.40 -23.83 59.14
C GLN C 73 9.43 -22.79 59.73
N VAL C 74 9.97 -21.95 60.60
CA VAL C 74 9.17 -20.95 61.31
C VAL C 74 8.98 -19.65 60.51
N GLY C 75 9.83 -19.44 59.50
CA GLY C 75 9.78 -18.23 58.69
C GLY C 75 10.22 -18.42 57.25
N GLN C 76 10.03 -17.39 56.44
CA GLN C 76 10.39 -17.41 55.02
C GLN C 76 10.92 -16.04 54.59
N ALA C 77 12.08 -16.03 53.95
CA ALA C 77 12.69 -14.80 53.45
C ALA C 77 12.72 -14.78 51.92
N VAL C 78 12.03 -13.80 51.34
CA VAL C 78 11.93 -13.66 49.88
C VAL C 78 12.58 -12.36 49.44
N ILE C 79 13.45 -12.45 48.43
CA ILE C 79 14.12 -11.28 47.86
C ILE C 79 13.58 -10.97 46.46
N THR C 80 13.17 -9.72 46.27
CA THR C 80 12.62 -9.24 45.00
C THR C 80 13.42 -8.01 44.57
N PRO C 81 13.68 -7.85 43.26
CA PRO C 81 14.40 -6.67 42.72
C PRO C 81 13.83 -5.29 43.11
N ASP C 82 12.84 -5.28 44.00
CA ASP C 82 12.24 -4.04 44.49
C ASP C 82 12.23 -3.94 46.02
N GLY C 83 12.45 -5.08 46.68
CA GLY C 83 12.47 -5.14 48.14
C GLY C 83 12.51 -6.55 48.68
N ALA C 84 12.87 -6.69 49.95
CA ALA C 84 12.94 -8.00 50.61
C ALA C 84 11.97 -8.09 51.79
N THR C 85 11.07 -9.07 51.73
CA THR C 85 10.07 -9.27 52.79
C THR C 85 10.30 -10.60 53.50
N ILE C 86 10.34 -10.55 54.84
CA ILE C 86 10.55 -11.73 55.66
C ILE C 86 9.32 -12.00 56.52
N THR C 87 8.55 -13.01 56.14
CA THR C 87 7.29 -13.34 56.81
C THR C 87 7.47 -14.52 57.78
N PHE C 88 6.85 -14.40 58.96
CA PHE C 88 6.93 -15.43 59.99
C PHE C 88 5.64 -16.24 60.07
N ASN C 89 5.79 -17.56 60.15
CA ASN C 89 4.65 -18.48 60.23
C ASN C 89 4.13 -18.64 61.66
N ASP C 90 3.05 -19.39 61.82
CA ASP C 90 2.46 -19.67 63.13
C ASP C 90 3.32 -20.61 63.97
N LYS C 91 4.32 -21.23 63.32
CA LYS C 91 5.24 -22.15 63.97
C LYS C 91 6.27 -21.43 64.86
N VAL C 92 6.40 -20.12 64.67
CA VAL C 92 7.34 -19.31 65.45
C VAL C 92 6.78 -18.96 66.84
N GLU C 93 5.46 -19.10 67.01
CA GLU C 93 4.80 -18.80 68.28
C GLU C 93 4.96 -19.92 69.32
N LYS C 94 6.12 -20.56 69.30
CA LYS C 94 6.49 -21.58 70.27
C LYS C 94 7.82 -21.23 70.92
N LEU C 95 8.65 -20.49 70.19
CA LEU C 95 9.95 -20.04 70.67
C LEU C 95 9.80 -18.77 71.51
N SER C 96 10.67 -18.61 72.50
CA SER C 96 10.64 -17.45 73.40
C SER C 96 11.73 -16.42 73.07
N ASP C 97 12.98 -16.86 73.09
CA ASP C 97 14.11 -15.99 72.79
C ASP C 97 14.57 -16.18 71.35
N VAL C 98 14.18 -15.24 70.49
CA VAL C 98 14.44 -15.34 69.05
C VAL C 98 15.45 -14.28 68.59
N SER C 99 16.50 -14.75 67.90
CA SER C 99 17.51 -13.88 67.30
C SER C 99 17.96 -14.45 65.96
N GLY C 100 17.58 -13.79 64.87
CA GLY C 100 17.88 -14.29 63.53
C GLY C 100 18.51 -13.29 62.58
N PHE C 101 18.93 -13.78 61.41
CA PHE C 101 19.57 -12.95 60.40
C PHE C 101 19.17 -13.37 58.98
N ALA C 102 19.34 -12.46 58.03
CA ALA C 102 19.07 -12.75 56.62
C ALA C 102 19.98 -11.91 55.71
N GLU C 103 21.09 -12.51 55.28
CA GLU C 103 22.03 -11.83 54.38
C GLU C 103 21.87 -12.30 52.92
N PHE C 104 21.81 -11.34 52.01
CA PHE C 104 21.59 -11.61 50.59
C PHE C 104 22.33 -10.60 49.71
N GLU C 105 22.64 -11.02 48.49
CA GLU C 105 23.35 -10.17 47.54
C GLU C 105 22.41 -9.30 46.71
N VAL C 106 22.79 -8.04 46.53
CA VAL C 106 22.05 -7.11 45.68
C VAL C 106 22.98 -6.49 44.62
N GLN C 107 22.40 -5.97 43.55
CA GLN C 107 23.16 -5.36 42.46
C GLN C 107 23.18 -3.84 42.59
N GLY C 108 24.38 -3.26 42.58
CA GLY C 108 24.55 -1.82 42.64
C GLY C 108 24.65 -1.22 41.24
N ARG C 109 23.77 -0.27 40.95
CA ARG C 109 23.71 0.34 39.63
C ARG C 109 23.76 1.86 39.70
N ASN C 110 24.62 2.45 38.87
CA ASN C 110 24.72 3.90 38.74
C ASN C 110 24.18 4.37 37.39
N LEU C 111 22.94 4.85 37.41
CA LEU C 111 22.25 5.27 36.19
C LEU C 111 22.41 6.76 35.88
N THR C 112 23.47 7.36 36.42
CA THR C 112 23.76 8.78 36.19
C THR C 112 24.30 8.99 34.77
N GLN C 113 23.54 9.69 33.95
CA GLN C 113 23.91 9.96 32.57
C GLN C 113 24.62 11.29 32.40
N THR C 114 25.80 11.40 33.00
CA THR C 114 26.59 12.63 32.98
C THR C 114 28.06 12.35 32.62
N ASN C 115 28.69 13.33 31.98
CA ASN C 115 30.07 13.28 31.46
C ASN C 115 31.02 12.17 31.95
N THR C 116 31.85 12.48 32.93
CA THR C 116 32.97 11.60 33.32
C THR C 116 32.64 10.72 34.53
N SER C 117 33.58 10.63 35.47
CA SER C 117 33.45 9.77 36.65
C SER C 117 32.39 10.29 37.61
N ASP C 118 31.50 9.39 38.04
CA ASP C 118 30.40 9.75 38.93
C ASP C 118 30.28 8.77 40.10
N ASP C 119 30.16 9.33 41.30
CA ASP C 119 29.94 8.55 42.52
C ASP C 119 28.69 9.04 43.25
N LYS C 120 27.65 8.20 43.23
CA LYS C 120 26.39 8.52 43.89
C LYS C 120 26.05 7.46 44.93
N VAL C 121 25.71 7.92 46.13
CA VAL C 121 25.42 7.03 47.26
C VAL C 121 23.98 6.52 47.26
N ALA C 122 23.82 5.23 47.54
CA ALA C 122 22.51 4.61 47.64
C ALA C 122 22.23 4.18 49.08
N THR C 123 21.17 4.73 49.66
CA THR C 123 20.83 4.48 51.06
C THR C 123 19.77 3.39 51.20
N ILE C 124 20.18 2.26 51.79
CA ILE C 124 19.29 1.13 52.03
C ILE C 124 18.68 1.24 53.43
N THR C 125 17.37 1.08 53.52
CA THR C 125 16.64 1.22 54.79
C THR C 125 15.99 -0.08 55.25
N SER C 126 16.02 -0.32 56.55
CA SER C 126 15.34 -1.46 57.17
C SER C 126 14.88 -1.09 58.58
N GLY C 127 13.59 -0.80 58.71
CA GLY C 127 13.00 -0.40 59.98
C GLY C 127 13.38 1.01 60.37
N ASN C 128 14.43 1.14 61.18
CA ASN C 128 14.94 2.43 61.61
C ASN C 128 16.45 2.57 61.40
N LYS C 129 17.05 1.55 60.78
CA LYS C 129 18.49 1.52 60.52
C LYS C 129 18.80 1.88 59.07
N SER C 130 19.92 2.57 58.88
CA SER C 130 20.34 3.03 57.54
C SER C 130 21.81 2.71 57.24
N THR C 131 22.13 2.62 55.96
CA THR C 131 23.49 2.30 55.50
C THR C 131 23.79 2.95 54.14
N ASN C 132 25.07 3.13 53.85
CA ASN C 132 25.52 3.82 52.63
C ASN C 132 26.27 2.91 51.66
N VAL C 133 25.94 3.04 50.37
CA VAL C 133 26.59 2.27 49.31
C VAL C 133 26.97 3.19 48.16
N THR C 134 28.28 3.26 47.86
CA THR C 134 28.78 4.11 46.78
C THR C 134 28.95 3.32 45.48
N VAL C 135 28.27 3.78 44.43
CA VAL C 135 28.34 3.15 43.11
C VAL C 135 29.11 4.05 42.15
N HIS C 136 29.99 3.45 41.35
CA HIS C 136 30.92 4.21 40.50
C HIS C 136 30.73 3.95 39.01
N LYS C 137 30.51 5.03 38.26
CA LYS C 137 30.53 4.99 36.80
C LYS C 137 31.90 5.47 36.32
N SER C 138 32.46 4.75 35.36
CA SER C 138 33.89 4.89 35.04
C SER C 138 34.23 5.45 33.65
N GLU C 139 33.24 6.02 32.96
CA GLU C 139 33.40 6.64 31.64
C GLU C 139 33.66 5.61 30.52
N ALA C 140 33.05 5.85 29.36
CA ALA C 140 33.22 5.00 28.18
C ALA C 140 34.62 5.15 27.57
N GLY C 141 35.06 4.12 26.86
CA GLY C 141 36.39 4.11 26.26
C GLY C 141 36.40 4.16 24.74
N THR C 142 37.56 3.86 24.16
CA THR C 142 37.73 3.83 22.71
C THR C 142 38.03 2.40 22.25
N SER C 143 37.78 1.45 23.14
CA SER C 143 38.03 0.03 22.88
C SER C 143 37.13 -0.52 21.79
N SER C 144 37.65 -0.55 20.56
CA SER C 144 36.93 -1.06 19.41
C SER C 144 37.20 -2.55 19.21
N VAL C 145 36.65 -3.36 20.11
CA VAL C 145 36.83 -4.81 20.07
C VAL C 145 35.93 -5.43 19.00
N PHE C 146 36.53 -6.24 18.13
CA PHE C 146 35.80 -6.95 17.08
C PHE C 146 34.89 -8.01 17.69
N TYR C 147 35.50 -8.97 18.38
CA TYR C 147 34.76 -10.07 19.01
C TYR C 147 35.06 -10.13 20.51
N TYR C 148 34.01 -10.04 21.31
CA TYR C 148 34.13 -10.21 22.77
C TYR C 148 32.98 -11.05 23.33
N LYS C 149 33.25 -11.72 24.44
CA LYS C 149 32.26 -12.59 25.08
C LYS C 149 32.03 -12.13 26.52
N THR C 150 30.76 -11.93 26.86
CA THR C 150 30.38 -11.48 28.20
C THR C 150 29.00 -12.01 28.59
N GLY C 151 28.91 -12.59 29.79
CA GLY C 151 27.65 -13.07 30.33
C GLY C 151 27.30 -12.41 31.66
N ASP C 152 26.06 -12.58 32.09
CA ASP C 152 25.57 -12.00 33.35
C ASP C 152 24.41 -12.80 33.95
N MET C 153 24.07 -12.47 35.20
CA MET C 153 22.91 -13.06 35.87
C MET C 153 21.93 -11.97 36.28
N LEU C 154 20.71 -12.08 35.78
CA LEU C 154 19.65 -11.10 36.08
C LEU C 154 19.14 -11.24 37.51
N PRO C 155 18.86 -10.10 38.18
CA PRO C 155 18.30 -10.07 39.53
C PRO C 155 16.88 -10.64 39.61
N GLU C 156 16.23 -10.83 38.47
CA GLU C 156 14.90 -11.42 38.42
C GLU C 156 14.94 -12.92 38.09
N ASP C 157 15.98 -13.34 37.38
CA ASP C 157 16.18 -14.74 37.02
C ASP C 157 17.54 -15.23 37.49
N THR C 158 17.56 -15.91 38.63
CA THR C 158 18.79 -16.44 39.22
C THR C 158 18.94 -17.94 39.01
N THR C 159 18.07 -18.51 38.17
CA THR C 159 18.08 -19.95 37.88
C THR C 159 18.82 -20.26 36.59
N HIS C 160 18.93 -19.27 35.71
CA HIS C 160 19.64 -19.42 34.44
C HIS C 160 20.76 -18.37 34.32
N VAL C 161 21.82 -18.73 33.60
CA VAL C 161 22.94 -17.82 33.38
C VAL C 161 22.98 -17.39 31.91
N ARG C 162 22.87 -16.08 31.68
CA ARG C 162 22.95 -15.52 30.34
C ARG C 162 24.38 -15.52 29.83
N TRP C 163 24.54 -15.83 28.54
CA TRP C 163 25.83 -15.77 27.87
C TRP C 163 25.65 -15.17 26.47
N PHE C 164 26.48 -14.16 26.16
CA PHE C 164 26.36 -13.44 24.90
C PHE C 164 27.57 -13.69 23.99
N LEU C 165 27.30 -13.92 22.71
CA LEU C 165 28.34 -14.10 21.71
C LEU C 165 28.29 -12.93 20.71
N ASN C 166 28.92 -11.83 21.09
CA ASN C 166 28.93 -10.62 20.28
C ASN C 166 30.01 -10.63 19.19
N ILE C 167 29.57 -10.78 17.94
CA ILE C 167 30.47 -10.89 16.79
C ILE C 167 30.44 -9.61 15.95
N ASN C 168 31.62 -9.15 15.54
CA ASN C 168 31.78 -7.95 14.69
C ASN C 168 30.99 -6.75 15.22
N ASN C 169 31.34 -6.33 16.43
CA ASN C 169 30.62 -5.28 17.15
C ASN C 169 30.67 -3.91 16.49
N GLU C 170 31.77 -3.65 15.78
CA GLU C 170 31.96 -2.36 15.11
C GLU C 170 31.62 -2.43 13.62
N LYS C 171 30.94 -3.50 13.24
CA LYS C 171 30.46 -3.73 11.85
C LYS C 171 31.39 -3.19 10.76
N SER C 172 32.54 -3.83 10.61
CA SER C 172 33.54 -3.44 9.62
C SER C 172 33.72 -4.51 8.54
N TYR C 173 34.55 -4.21 7.54
CA TYR C 173 34.82 -5.13 6.43
C TYR C 173 35.66 -6.32 6.91
N VAL C 174 35.21 -7.51 6.53
CA VAL C 174 35.87 -8.77 6.92
C VAL C 174 36.39 -9.50 5.68
N SER C 175 37.58 -10.09 5.80
CA SER C 175 38.24 -10.76 4.67
C SER C 175 38.20 -12.29 4.73
N LYS C 176 37.83 -12.83 5.89
CA LYS C 176 37.77 -14.28 6.09
C LYS C 176 36.49 -14.69 6.82
N ASP C 177 35.98 -15.87 6.50
CA ASP C 177 34.78 -16.42 7.14
C ASP C 177 34.95 -16.49 8.66
N ILE C 178 34.07 -15.80 9.37
CA ILE C 178 34.12 -15.74 10.83
C ILE C 178 33.64 -17.05 11.45
N THR C 179 34.52 -17.68 12.22
CA THR C 179 34.21 -18.95 12.88
C THR C 179 34.51 -18.85 14.37
N ILE C 180 33.53 -19.25 15.19
CA ILE C 180 33.70 -19.28 16.65
C ILE C 180 33.25 -20.60 17.27
N LYS C 181 34.03 -21.08 18.23
CA LYS C 181 33.69 -22.28 18.99
C LYS C 181 33.35 -21.91 20.43
N ASP C 182 32.31 -22.55 20.97
CA ASP C 182 31.84 -22.27 22.33
C ASP C 182 31.82 -23.54 23.15
N GLN C 183 32.51 -23.52 24.30
CA GLN C 183 32.55 -24.65 25.22
C GLN C 183 31.96 -24.27 26.58
N ILE C 184 30.73 -24.68 26.83
CA ILE C 184 30.05 -24.41 28.09
C ILE C 184 30.50 -25.42 29.14
N GLN C 185 30.93 -24.92 30.29
CA GLN C 185 31.52 -25.76 31.33
C GLN C 185 30.48 -26.42 32.25
N GLY C 186 30.96 -27.01 33.35
CA GLY C 186 30.11 -27.79 34.25
C GLY C 186 29.23 -26.97 35.18
N GLY C 187 28.24 -27.65 35.77
CA GLY C 187 27.31 -27.03 36.72
C GLY C 187 26.15 -26.31 36.06
N GLN C 188 26.10 -26.37 34.72
CA GLN C 188 25.09 -25.66 33.94
C GLN C 188 24.71 -26.43 32.68
N GLN C 189 23.47 -26.22 32.22
CA GLN C 189 22.94 -26.93 31.05
C GLN C 189 22.31 -25.99 30.03
N LEU C 190 22.64 -26.19 28.77
CA LEU C 190 22.16 -25.36 27.66
C LEU C 190 20.64 -25.43 27.50
N ASP C 191 20.02 -24.26 27.35
CA ASP C 191 18.60 -24.16 27.02
C ASP C 191 18.46 -23.62 25.60
N LEU C 192 18.03 -24.49 24.70
CA LEU C 192 17.95 -24.18 23.26
C LEU C 192 16.87 -23.16 22.93
N SER C 193 15.86 -23.06 23.78
CA SER C 193 14.74 -22.13 23.58
C SER C 193 15.16 -20.67 23.71
N THR C 194 16.09 -20.39 24.61
CA THR C 194 16.56 -19.04 24.88
C THR C 194 17.61 -18.56 23.87
N LEU C 195 18.11 -19.48 23.05
CA LEU C 195 19.10 -19.17 22.02
C LEU C 195 18.51 -18.26 20.94
N ASN C 196 18.97 -17.01 20.93
CA ASN C 196 18.51 -16.02 19.94
C ASN C 196 19.63 -15.32 19.19
N ILE C 197 19.35 -14.91 17.96
CA ILE C 197 20.32 -14.22 17.11
C ILE C 197 19.84 -12.80 16.80
N ASN C 198 20.72 -11.83 16.95
CA ASN C 198 20.39 -10.43 16.67
C ASN C 198 21.39 -9.79 15.70
N VAL C 199 20.93 -9.52 14.49
CA VAL C 199 21.76 -8.94 13.43
C VAL C 199 21.45 -7.45 13.27
N THR C 200 22.49 -6.63 13.27
CA THR C 200 22.34 -5.18 13.13
C THR C 200 23.43 -4.60 12.22
N GLY C 201 23.05 -3.65 11.37
CA GLY C 201 23.97 -3.01 10.43
C GLY C 201 23.35 -2.87 9.07
N THR C 202 23.97 -3.49 8.06
CA THR C 202 23.41 -3.56 6.71
C THR C 202 22.17 -4.46 6.70
N HIS C 203 22.29 -5.61 7.36
CA HIS C 203 21.16 -6.51 7.58
C HIS C 203 20.62 -6.33 9.00
N SER C 204 19.31 -6.15 9.11
CA SER C 204 18.67 -5.94 10.41
C SER C 204 17.58 -6.98 10.68
N ASN C 205 17.89 -7.91 11.58
CA ASN C 205 16.98 -9.01 11.94
C ASN C 205 17.17 -9.52 13.36
N TYR C 206 16.14 -10.17 13.89
CA TYR C 206 16.18 -10.80 15.20
C TYR C 206 15.39 -12.11 15.21
N TYR C 207 16.10 -13.22 15.38
CA TYR C 207 15.49 -14.55 15.39
C TYR C 207 15.55 -15.15 16.79
N SER C 208 14.38 -15.44 17.36
CA SER C 208 14.29 -15.95 18.73
C SER C 208 13.29 -17.09 18.89
N GLY C 209 13.70 -18.12 19.62
CA GLY C 209 12.81 -19.21 19.99
C GLY C 209 12.55 -20.25 18.91
N GLN C 210 12.61 -21.52 19.32
CA GLN C 210 12.27 -22.67 18.47
C GLN C 210 13.07 -22.75 17.16
N SER C 211 12.59 -22.06 16.13
CA SER C 211 13.20 -22.11 14.80
C SER C 211 14.21 -20.99 14.56
N ALA C 212 14.68 -20.37 15.65
CA ALA C 212 15.63 -19.26 15.59
C ALA C 212 16.91 -19.59 14.82
N ILE C 213 17.40 -20.81 15.00
CA ILE C 213 18.61 -21.30 14.33
C ILE C 213 18.33 -21.55 12.84
N THR C 214 17.18 -22.15 12.55
CA THR C 214 16.77 -22.49 11.19
C THR C 214 16.45 -21.23 10.38
N ASP C 215 15.77 -20.26 11.00
CA ASP C 215 15.42 -18.99 10.35
C ASP C 215 16.63 -18.14 10.02
N PHE C 216 17.65 -18.21 10.87
CA PHE C 216 18.91 -17.50 10.65
C PHE C 216 19.72 -18.13 9.52
N GLU C 217 19.72 -19.47 9.48
CA GLU C 217 20.43 -20.22 8.43
C GLU C 217 19.76 -20.11 7.06
N LYS C 218 18.42 -20.00 7.07
CA LYS C 218 17.64 -19.84 5.85
C LYS C 218 17.82 -18.44 5.26
N ALA C 219 17.73 -17.42 6.11
CA ALA C 219 17.83 -16.03 5.70
C ALA C 219 19.25 -15.60 5.35
N PHE C 220 20.24 -16.24 5.99
CA PHE C 220 21.65 -15.97 5.75
C PHE C 220 22.35 -17.22 5.22
N PRO C 221 22.30 -17.44 3.89
CA PRO C 221 22.91 -18.61 3.28
C PRO C 221 24.44 -18.63 3.46
N GLY C 222 24.96 -19.78 3.88
CA GLY C 222 26.38 -19.93 4.17
C GLY C 222 26.64 -20.02 5.67
N SER C 223 25.84 -19.30 6.45
CA SER C 223 25.98 -19.30 7.91
C SER C 223 25.41 -20.58 8.52
N LYS C 224 26.11 -21.10 9.52
CA LYS C 224 25.71 -22.34 10.19
C LYS C 224 26.05 -22.31 11.68
N ILE C 225 25.07 -22.67 12.51
CA ILE C 225 25.26 -22.77 13.96
C ILE C 225 25.08 -24.22 14.40
N THR C 226 26.18 -24.84 14.82
CA THR C 226 26.17 -26.23 15.26
C THR C 226 26.00 -26.30 16.77
N VAL C 227 24.83 -26.79 17.21
CA VAL C 227 24.51 -26.89 18.62
C VAL C 227 24.41 -28.35 19.07
N ASP C 228 25.30 -28.73 19.99
CA ASP C 228 25.24 -30.04 20.62
C ASP C 228 24.77 -29.86 22.06
N ASN C 229 23.55 -30.35 22.33
CA ASN C 229 22.89 -30.12 23.62
C ASN C 229 23.53 -30.84 24.81
N THR C 230 23.78 -32.14 24.65
CA THR C 230 24.32 -32.96 25.73
C THR C 230 25.77 -32.65 26.07
N LYS C 231 26.56 -32.27 25.05
CA LYS C 231 27.98 -31.98 25.24
C LYS C 231 28.22 -30.49 25.53
N ASN C 232 27.19 -29.67 25.32
CA ASN C 232 27.23 -28.22 25.54
C ASN C 232 28.30 -27.52 24.70
N THR C 233 28.18 -27.63 23.37
CA THR C 233 29.13 -27.05 22.44
C THR C 233 28.42 -26.35 21.27
N ILE C 234 28.72 -25.07 21.09
CA ILE C 234 28.15 -24.28 20.00
C ILE C 234 29.24 -23.83 19.03
N ASP C 235 29.03 -24.10 17.73
CA ASP C 235 29.97 -23.70 16.69
C ASP C 235 29.29 -22.86 15.62
N VAL C 236 29.63 -21.57 15.58
CA VAL C 236 29.02 -20.63 14.64
C VAL C 236 30.02 -20.25 13.53
N THR C 237 29.60 -20.45 12.29
CA THR C 237 30.42 -20.09 11.12
C THR C 237 29.61 -19.17 10.19
N ILE C 238 30.14 -17.97 9.96
CA ILE C 238 29.49 -16.98 9.10
C ILE C 238 30.44 -16.60 7.95
N PRO C 239 29.94 -16.65 6.69
CA PRO C 239 30.74 -16.27 5.53
C PRO C 239 31.13 -14.79 5.55
N GLN C 240 32.26 -14.46 4.92
CA GLN C 240 32.78 -13.09 4.91
C GLN C 240 31.89 -12.09 4.17
N GLY C 241 31.09 -12.60 3.23
CA GLY C 241 30.15 -11.78 2.47
C GLY C 241 29.01 -11.24 3.31
N TYR C 242 28.54 -12.05 4.26
CA TYR C 242 27.49 -11.66 5.19
C TYR C 242 28.04 -11.11 6.51
N GLY C 243 29.23 -11.59 6.89
CA GLY C 243 29.87 -11.18 8.15
C GLY C 243 30.37 -9.75 8.17
N SER C 244 30.50 -9.15 6.99
CA SER C 244 30.95 -7.76 6.86
C SER C 244 29.79 -6.78 7.06
N TYR C 245 30.07 -5.71 7.81
CA TYR C 245 29.11 -4.64 8.11
C TYR C 245 27.85 -5.12 8.87
N ASN C 246 28.02 -6.19 9.65
CA ASN C 246 26.93 -6.75 10.44
C ASN C 246 27.38 -7.20 11.83
N SER C 247 26.66 -6.74 12.85
CA SER C 247 26.94 -7.13 14.24
C SER C 247 26.00 -8.24 14.69
N PHE C 248 26.55 -9.44 14.83
CA PHE C 248 25.79 -10.61 15.24
C PHE C 248 25.82 -10.78 16.76
N SER C 249 24.65 -10.78 17.37
CA SER C 249 24.52 -10.97 18.81
C SER C 249 23.80 -12.28 19.13
N ILE C 250 24.57 -13.28 19.56
CA ILE C 250 24.03 -14.60 19.87
C ILE C 250 23.96 -14.81 21.38
N ASN C 251 22.75 -14.79 21.91
CA ASN C 251 22.50 -14.89 23.35
C ASN C 251 21.68 -16.12 23.72
N TYR C 252 22.09 -16.80 24.79
CA TYR C 252 21.39 -17.97 25.31
C TYR C 252 21.48 -18.04 26.83
N LYS C 253 20.47 -18.63 27.46
CA LYS C 253 20.47 -18.86 28.91
C LYS C 253 20.89 -20.29 29.23
N THR C 254 21.64 -20.44 30.33
CA THR C 254 22.17 -21.73 30.74
C THR C 254 21.63 -22.11 32.12
N LYS C 255 20.79 -23.14 32.16
CA LYS C 255 20.10 -23.56 33.38
C LYS C 255 21.07 -24.12 34.42
N ILE C 256 21.04 -23.54 35.61
CA ILE C 256 21.93 -23.92 36.72
C ILE C 256 21.52 -25.28 37.31
N THR C 257 22.45 -26.22 37.28
CA THR C 257 22.25 -27.53 37.88
C THR C 257 23.15 -27.72 39.12
N ASN C 258 23.58 -26.59 39.68
CA ASN C 258 24.43 -26.56 40.87
C ASN C 258 24.37 -25.18 41.53
N GLU C 259 23.41 -25.00 42.45
CA GLU C 259 23.21 -23.73 43.14
C GLU C 259 24.34 -23.41 44.14
N GLN C 260 25.14 -24.41 44.46
CA GLN C 260 26.24 -24.27 45.41
C GLN C 260 27.57 -23.89 44.75
N GLN C 261 27.57 -23.86 43.41
CA GLN C 261 28.78 -23.54 42.64
C GLN C 261 29.18 -22.08 42.82
N LYS C 262 30.49 -21.84 42.94
CA LYS C 262 31.04 -20.52 43.22
C LYS C 262 30.97 -19.56 42.02
N GLU C 263 31.29 -20.07 40.84
CA GLU C 263 31.31 -19.27 39.61
C GLU C 263 31.10 -20.12 38.36
N PHE C 264 30.56 -19.49 37.30
CA PHE C 264 30.30 -20.18 36.04
C PHE C 264 31.21 -19.67 34.92
N VAL C 265 31.91 -20.60 34.29
CA VAL C 265 32.86 -20.29 33.21
C VAL C 265 32.36 -20.71 31.83
N ASN C 266 32.84 -20.02 30.80
CA ASN C 266 32.48 -20.29 29.41
C ASN C 266 33.60 -19.83 28.46
N ASN C 267 34.09 -20.74 27.63
CA ASN C 267 35.23 -20.48 26.76
C ASN C 267 34.83 -20.30 25.28
N SER C 268 35.67 -19.59 24.53
CA SER C 268 35.46 -19.37 23.10
C SER C 268 36.76 -19.19 22.31
N GLN C 269 36.72 -19.62 21.04
CA GLN C 269 37.86 -19.48 20.13
C GLN C 269 37.42 -18.81 18.83
N ALA C 270 38.04 -17.68 18.51
CA ALA C 270 37.65 -16.87 17.35
C ALA C 270 38.56 -17.07 16.14
N TRP C 271 37.95 -17.01 14.95
CA TRP C 271 38.67 -17.10 13.68
C TRP C 271 38.20 -16.00 12.72
N TYR C 272 38.87 -14.86 12.75
CA TYR C 272 38.49 -13.72 11.92
C TYR C 272 39.68 -12.94 11.34
N GLN C 273 39.47 -12.39 10.14
CA GLN C 273 40.42 -11.47 9.52
C GLN C 273 39.71 -10.16 9.21
N GLU C 274 39.89 -9.17 10.08
CA GLU C 274 39.37 -7.82 9.85
C GLU C 274 40.33 -7.09 8.93
N HIS C 275 39.82 -6.66 7.77
CA HIS C 275 40.65 -6.05 6.72
C HIS C 275 41.42 -4.84 7.23
N GLY C 276 42.72 -4.85 6.99
CA GLY C 276 43.62 -3.78 7.46
C GLY C 276 44.37 -4.19 8.72
N LYS C 277 43.67 -4.86 9.64
CA LYS C 277 44.25 -5.30 10.89
C LYS C 277 44.76 -6.74 10.82
N GLU C 278 45.25 -7.25 11.95
CA GLU C 278 45.88 -8.57 12.02
C GLU C 278 44.88 -9.73 11.94
N GLU C 279 45.34 -10.86 11.43
CA GLU C 279 44.54 -12.09 11.35
C GLU C 279 44.50 -12.79 12.70
N VAL C 280 43.33 -13.25 13.10
CA VAL C 280 43.14 -13.95 14.37
C VAL C 280 42.76 -15.41 14.12
N ASN C 281 43.54 -16.33 14.68
CA ASN C 281 43.31 -17.76 14.51
C ASN C 281 43.29 -18.53 15.83
N GLY C 282 42.07 -18.88 16.28
CA GLY C 282 41.88 -19.71 17.47
C GLY C 282 42.36 -19.11 18.78
N LYS C 283 42.15 -17.80 18.95
CA LYS C 283 42.52 -17.11 20.17
C LYS C 283 41.45 -17.33 21.24
N SER C 284 41.89 -17.52 22.49
CA SER C 284 40.98 -17.78 23.61
C SER C 284 40.26 -16.53 24.09
N PHE C 285 38.94 -16.52 23.95
CA PHE C 285 38.10 -15.44 24.44
C PHE C 285 37.16 -15.97 25.52
N ASN C 286 37.68 -16.04 26.74
CA ASN C 286 36.98 -16.66 27.88
C ASN C 286 36.36 -15.63 28.82
N HIS C 287 35.24 -15.99 29.43
CA HIS C 287 34.54 -15.11 30.38
C HIS C 287 33.96 -15.90 31.56
N THR C 288 33.84 -15.22 32.70
CA THR C 288 33.35 -15.83 33.93
C THR C 288 32.21 -15.02 34.55
N VAL C 289 31.16 -15.71 35.00
CA VAL C 289 30.04 -15.10 35.69
C VAL C 289 30.01 -15.53 37.16
N HIS C 290 29.92 -14.54 38.05
CA HIS C 290 29.89 -14.80 39.49
C HIS C 290 28.49 -15.22 39.94
N ASN C 291 28.44 -16.17 40.88
CA ASN C 291 27.19 -16.70 41.40
C ASN C 291 26.68 -15.89 42.61
N ILE C 292 25.42 -16.10 42.98
CA ILE C 292 24.79 -15.37 44.07
C ILE C 292 24.62 -16.24 45.32
N ASN C 293 25.06 -15.72 46.46
CA ASN C 293 24.93 -16.40 47.74
C ASN C 293 23.91 -15.69 48.65
N ALA C 294 22.86 -16.42 49.02
CA ALA C 294 21.82 -15.88 49.90
C ALA C 294 21.58 -16.79 51.09
N ASN C 295 21.61 -16.22 52.28
CA ASN C 295 21.49 -16.98 53.53
C ASN C 295 20.46 -16.40 54.49
N ALA C 296 19.81 -17.29 55.24
CA ALA C 296 18.85 -16.89 56.28
C ALA C 296 18.82 -17.92 57.41
N GLY C 297 19.03 -17.46 58.63
CA GLY C 297 19.06 -18.34 59.80
C GLY C 297 18.37 -17.74 61.00
N ILE C 298 17.56 -18.56 61.68
CA ILE C 298 16.83 -18.15 62.86
C ILE C 298 17.24 -19.00 64.07
N GLU C 299 17.32 -18.36 65.24
CA GLU C 299 17.76 -19.02 66.47
C GLU C 299 16.73 -18.81 67.57
N GLY C 300 16.18 -19.91 68.08
CA GLY C 300 15.13 -19.87 69.09
C GLY C 300 15.25 -20.91 70.19
N THR C 301 14.53 -20.69 71.28
CA THR C 301 14.51 -21.60 72.42
C THR C 301 13.08 -21.80 72.92
N VAL C 302 12.76 -23.03 73.33
CA VAL C 302 11.43 -23.39 73.81
C VAL C 302 11.04 -22.62 75.07
N ARG D 4 18.80 -16.41 -43.75
CA ARG D 4 17.86 -15.86 -44.77
C ARG D 4 16.90 -14.85 -44.12
N ASP D 5 17.06 -13.58 -44.50
CA ASP D 5 16.15 -12.53 -44.05
C ASP D 5 15.04 -12.34 -45.07
N ILE D 6 13.79 -12.48 -44.61
CA ILE D 6 12.62 -12.33 -45.48
C ILE D 6 11.57 -11.39 -44.89
N SER D 7 12.05 -10.33 -44.24
CA SER D 7 11.18 -9.30 -43.68
C SER D 7 10.52 -8.46 -44.77
N SER D 8 11.25 -8.25 -45.86
CA SER D 8 10.76 -7.47 -47.00
C SER D 8 9.62 -8.17 -47.74
N THR D 9 9.73 -9.49 -47.87
CA THR D 9 8.78 -10.27 -48.67
C THR D 9 7.57 -10.80 -47.89
N ASN D 10 7.73 -10.97 -46.58
CA ASN D 10 6.70 -11.63 -45.77
C ASN D 10 5.87 -10.75 -44.83
N VAL D 11 6.41 -9.59 -44.45
CA VAL D 11 5.68 -8.64 -43.60
C VAL D 11 4.48 -8.06 -44.36
N THR D 12 3.28 -8.34 -43.86
CA THR D 12 2.06 -7.84 -44.48
C THR D 12 1.62 -6.48 -43.93
N ASP D 13 1.98 -6.22 -42.67
CA ASP D 13 1.63 -4.96 -42.00
C ASP D 13 2.53 -4.69 -40.79
N LEU D 14 2.73 -3.40 -40.51
CA LEU D 14 3.44 -2.96 -39.31
C LEU D 14 2.70 -1.76 -38.71
N THR D 15 2.27 -1.90 -37.46
CA THR D 15 1.49 -0.86 -36.78
C THR D 15 1.93 -0.60 -35.34
N VAL D 16 1.63 0.61 -34.86
CA VAL D 16 1.86 0.99 -33.48
C VAL D 16 0.58 1.58 -32.89
N SER D 17 0.02 0.91 -31.88
CA SER D 17 -1.29 1.30 -31.33
C SER D 17 -1.33 2.70 -30.70
N PRO D 18 -0.31 3.07 -29.89
CA PRO D 18 -0.29 4.47 -29.46
C PRO D 18 0.54 5.33 -30.42
N SER D 19 -0.14 5.99 -31.34
CA SER D 19 0.49 6.81 -32.38
C SER D 19 1.26 8.00 -31.79
N LYS D 20 0.66 8.66 -30.80
CA LYS D 20 1.29 9.79 -30.12
C LYS D 20 1.55 9.46 -28.65
N ILE D 21 2.80 9.61 -28.23
CA ILE D 21 3.22 9.30 -26.86
C ILE D 21 4.03 10.44 -26.23
N GLU D 22 4.07 10.45 -24.90
CA GLU D 22 4.90 11.37 -24.14
C GLU D 22 6.32 10.80 -24.01
N ASP D 23 7.30 11.68 -23.81
CA ASP D 23 8.71 11.30 -23.68
C ASP D 23 8.93 10.27 -22.57
N GLY D 24 9.51 9.14 -22.95
CA GLY D 24 9.77 8.03 -22.02
C GLY D 24 8.61 7.08 -21.87
N GLY D 25 7.51 7.35 -22.58
CA GLY D 25 6.31 6.52 -22.52
C GLY D 25 6.43 5.22 -23.30
N LYS D 26 5.54 4.28 -22.99
CA LYS D 26 5.53 2.97 -23.64
C LYS D 26 4.74 2.98 -24.95
N THR D 27 5.11 2.09 -25.85
CA THR D 27 4.46 1.97 -27.17
C THR D 27 4.34 0.51 -27.59
N THR D 28 3.12 0.11 -27.93
CA THR D 28 2.84 -1.26 -28.37
C THR D 28 3.06 -1.39 -29.88
N VAL D 29 4.16 -2.03 -30.26
CA VAL D 29 4.50 -2.27 -31.66
C VAL D 29 4.00 -3.65 -32.08
N LYS D 30 3.21 -3.69 -33.15
CA LYS D 30 2.66 -4.93 -33.64
C LYS D 30 2.98 -5.16 -35.12
N MET D 31 3.84 -6.14 -35.37
CA MET D 31 4.23 -6.55 -36.71
C MET D 31 3.40 -7.77 -37.13
N THR D 32 2.93 -7.77 -38.37
CA THR D 32 2.09 -8.86 -38.90
C THR D 32 2.69 -9.45 -40.17
N PHE D 33 2.55 -10.76 -40.34
CA PHE D 33 3.11 -11.46 -41.52
C PHE D 33 2.19 -12.55 -42.10
N ASP D 34 2.36 -12.81 -43.39
CA ASP D 34 1.71 -13.92 -44.08
C ASP D 34 2.69 -14.63 -45.03
N ASP D 35 2.29 -15.80 -45.52
CA ASP D 35 3.16 -16.61 -46.40
C ASP D 35 2.72 -16.60 -47.86
N LYS D 36 1.83 -15.66 -48.21
CA LYS D 36 1.25 -15.59 -49.55
C LYS D 36 2.25 -15.13 -50.63
N ASN D 37 3.45 -14.74 -50.20
CA ASN D 37 4.50 -14.30 -51.12
C ASN D 37 5.77 -15.17 -51.06
N GLY D 38 5.72 -16.21 -50.22
CA GLY D 38 6.85 -17.12 -50.05
C GLY D 38 6.70 -17.96 -48.80
N LYS D 39 6.90 -19.27 -48.94
CA LYS D 39 6.77 -20.21 -47.83
C LYS D 39 7.90 -20.04 -46.80
N ILE D 40 7.52 -20.04 -45.53
CA ILE D 40 8.48 -19.90 -44.42
C ILE D 40 9.27 -21.19 -44.22
N GLN D 41 10.59 -21.06 -44.22
CA GLN D 41 11.50 -22.20 -44.06
C GLN D 41 12.28 -22.13 -42.75
N ASN D 42 13.10 -23.15 -42.49
CA ASN D 42 13.95 -23.20 -41.32
C ASN D 42 15.06 -22.16 -41.37
N GLY D 43 15.15 -21.33 -40.33
CA GLY D 43 16.18 -20.30 -40.24
C GLY D 43 15.72 -18.92 -40.61
N ASP D 44 14.59 -18.83 -41.32
CA ASP D 44 14.03 -17.57 -41.76
C ASP D 44 13.75 -16.62 -40.59
N MET D 45 14.09 -15.35 -40.79
CA MET D 45 13.96 -14.35 -39.72
C MET D 45 13.36 -13.03 -40.19
N ILE D 46 12.64 -12.36 -39.28
CA ILE D 46 12.08 -11.04 -39.53
C ILE D 46 12.75 -10.03 -38.61
N LYS D 47 13.11 -8.87 -39.17
CA LYS D 47 13.71 -7.80 -38.39
C LYS D 47 12.81 -6.57 -38.30
N VAL D 48 12.71 -6.02 -37.10
CA VAL D 48 11.97 -4.78 -36.85
C VAL D 48 12.94 -3.71 -36.36
N ALA D 49 13.22 -2.73 -37.24
CA ALA D 49 14.19 -1.68 -36.97
C ALA D 49 13.56 -0.36 -36.57
N TRP D 50 14.36 0.50 -35.94
CA TRP D 50 13.93 1.81 -35.46
C TRP D 50 15.16 2.65 -35.09
N PRO D 51 15.00 4.00 -34.98
CA PRO D 51 16.14 4.83 -34.54
C PRO D 51 16.64 4.47 -33.15
N THR D 52 17.91 4.07 -33.07
CA THR D 52 18.52 3.65 -31.80
C THR D 52 19.59 4.64 -31.32
N SER D 53 19.95 5.59 -32.18
CA SER D 53 20.99 6.56 -31.86
C SER D 53 20.66 7.97 -32.35
N GLY D 54 21.00 8.96 -31.53
CA GLY D 54 20.85 10.36 -31.90
C GLY D 54 19.82 11.14 -31.10
N THR D 55 19.09 12.02 -31.79
CA THR D 55 18.09 12.88 -31.16
C THR D 55 16.87 12.12 -30.67
N VAL D 56 16.49 11.07 -31.40
CA VAL D 56 15.35 10.22 -31.01
C VAL D 56 15.82 8.77 -30.86
N LYS D 57 15.42 8.15 -29.75
CA LYS D 57 15.81 6.77 -29.45
C LYS D 57 14.58 5.93 -29.08
N ILE D 58 14.51 4.73 -29.67
CA ILE D 58 13.40 3.81 -29.43
C ILE D 58 13.94 2.51 -28.82
N GLU D 59 13.98 2.48 -27.48
CA GLU D 59 14.53 1.32 -26.76
C GLU D 59 13.50 0.22 -26.54
N GLY D 60 13.81 -0.97 -27.06
CA GLY D 60 12.94 -2.13 -26.90
C GLY D 60 13.19 -2.88 -25.61
N TYR D 61 12.10 -3.19 -24.90
CA TYR D 61 12.20 -3.94 -23.64
C TYR D 61 12.53 -5.40 -23.91
N SER D 62 13.61 -5.87 -23.29
CA SER D 62 14.12 -7.23 -23.50
C SER D 62 13.14 -8.31 -23.04
N LYS D 63 12.61 -9.05 -24.01
CA LYS D 63 11.66 -10.12 -23.74
C LYS D 63 11.73 -11.19 -24.83
N THR D 64 11.34 -12.42 -24.47
CA THR D 64 11.33 -13.54 -25.40
C THR D 64 9.98 -14.26 -25.37
N VAL D 65 9.29 -14.25 -26.50
CA VAL D 65 7.98 -14.89 -26.62
C VAL D 65 7.99 -15.94 -27.73
N PRO D 66 7.67 -17.20 -27.38
CA PRO D 66 7.64 -18.29 -28.37
C PRO D 66 6.38 -18.29 -29.21
N LEU D 67 6.55 -18.41 -30.53
CA LEU D 67 5.43 -18.56 -31.46
C LEU D 67 4.95 -20.01 -31.41
N THR D 68 3.95 -20.26 -30.57
CA THR D 68 3.47 -21.62 -30.32
C THR D 68 2.17 -21.93 -31.05
N VAL D 69 2.15 -23.09 -31.71
CA VAL D 69 0.94 -23.63 -32.31
C VAL D 69 0.72 -25.06 -31.80
N LYS D 70 -0.45 -25.29 -31.20
CA LYS D 70 -0.82 -26.56 -30.55
C LYS D 70 0.31 -27.26 -29.76
N GLY D 71 1.14 -26.46 -29.11
CA GLY D 71 2.24 -26.99 -28.29
C GLY D 71 3.62 -26.81 -28.89
N GLU D 72 3.72 -27.00 -30.20
CA GLU D 72 5.00 -26.93 -30.92
C GLU D 72 5.49 -25.49 -31.09
N GLN D 73 6.74 -25.24 -30.70
CA GLN D 73 7.38 -23.95 -30.90
C GLN D 73 7.94 -23.85 -32.32
N VAL D 74 7.10 -23.46 -33.26
CA VAL D 74 7.51 -23.31 -34.66
C VAL D 74 8.38 -22.07 -34.90
N GLY D 75 8.28 -21.10 -34.00
CA GLY D 75 9.08 -19.88 -34.06
C GLY D 75 9.32 -19.28 -32.69
N GLN D 76 10.20 -18.28 -32.65
CA GLN D 76 10.55 -17.58 -31.41
C GLN D 76 10.85 -16.11 -31.69
N ALA D 77 10.24 -15.22 -30.90
CA ALA D 77 10.46 -13.79 -31.04
C ALA D 77 11.44 -13.28 -29.98
N VAL D 78 12.53 -12.68 -30.45
CA VAL D 78 13.58 -12.15 -29.58
C VAL D 78 13.60 -10.62 -29.69
N ILE D 79 13.49 -9.95 -28.54
CA ILE D 79 13.44 -8.49 -28.48
C ILE D 79 14.68 -7.92 -27.78
N THR D 80 15.33 -6.97 -28.45
CA THR D 80 16.54 -6.32 -27.95
C THR D 80 16.38 -4.80 -28.06
N PRO D 81 16.92 -4.04 -27.09
CA PRO D 81 16.89 -2.57 -27.13
C PRO D 81 17.35 -1.94 -28.45
N ASP D 82 18.00 -2.72 -29.31
CA ASP D 82 18.48 -2.24 -30.61
C ASP D 82 17.62 -2.72 -31.78
N GLY D 83 16.91 -3.83 -31.59
CA GLY D 83 16.06 -4.39 -32.64
C GLY D 83 15.31 -5.64 -32.24
N ALA D 84 14.30 -6.00 -33.03
CA ALA D 84 13.50 -7.20 -32.79
C ALA D 84 13.71 -8.25 -33.88
N THR D 85 14.12 -9.44 -33.47
CA THR D 85 14.36 -10.55 -34.40
C THR D 85 13.40 -11.71 -34.15
N ILE D 86 12.89 -12.29 -35.23
CA ILE D 86 11.92 -13.38 -35.15
C ILE D 86 12.44 -14.61 -35.91
N THR D 87 13.12 -15.49 -35.17
CA THR D 87 13.73 -16.69 -35.76
C THR D 87 12.75 -17.86 -35.76
N PHE D 88 12.61 -18.50 -36.93
CA PHE D 88 11.75 -19.67 -37.08
C PHE D 88 12.52 -20.98 -36.99
N ASN D 89 11.90 -21.97 -36.38
CA ASN D 89 12.49 -23.31 -36.25
C ASN D 89 11.98 -24.26 -37.33
N ASP D 90 12.70 -25.37 -37.51
CA ASP D 90 12.40 -26.35 -38.57
C ASP D 90 11.00 -26.97 -38.48
N LYS D 91 10.34 -26.77 -37.35
CA LYS D 91 8.99 -27.27 -37.10
C LYS D 91 7.94 -26.53 -37.93
N VAL D 92 8.33 -25.41 -38.54
CA VAL D 92 7.46 -24.63 -39.42
C VAL D 92 7.26 -25.32 -40.78
N GLU D 93 8.17 -26.23 -41.13
CA GLU D 93 8.12 -26.96 -42.39
C GLU D 93 7.08 -28.09 -42.37
N LYS D 94 5.91 -27.80 -41.79
CA LYS D 94 4.80 -28.74 -41.71
C LYS D 94 3.49 -28.03 -42.02
N LEU D 95 3.46 -26.72 -41.77
CA LEU D 95 2.25 -25.90 -41.93
C LEU D 95 2.24 -25.13 -43.25
N SER D 96 1.03 -24.86 -43.74
CA SER D 96 0.82 -24.05 -44.94
C SER D 96 -0.26 -23.00 -44.71
N ASP D 97 -0.31 -21.99 -45.58
CA ASP D 97 -1.23 -20.86 -45.46
C ASP D 97 -1.08 -20.15 -44.10
N VAL D 98 0.16 -19.82 -43.76
CA VAL D 98 0.51 -19.24 -42.46
C VAL D 98 0.16 -17.76 -42.39
N SER D 99 -0.48 -17.37 -41.29
CA SER D 99 -0.79 -15.97 -41.00
C SER D 99 -0.56 -15.69 -39.52
N GLY D 100 0.53 -15.00 -39.21
CA GLY D 100 0.91 -14.73 -37.82
C GLY D 100 1.29 -13.28 -37.54
N PHE D 101 1.65 -13.01 -36.28
CA PHE D 101 2.04 -11.67 -35.85
C PHE D 101 3.07 -11.70 -34.71
N ALA D 102 3.62 -10.53 -34.41
CA ALA D 102 4.54 -10.34 -33.28
C ALA D 102 4.29 -8.99 -32.61
N GLU D 103 4.14 -9.01 -31.28
CA GLU D 103 3.81 -7.81 -30.51
C GLU D 103 4.73 -7.65 -29.30
N PHE D 104 5.14 -6.41 -29.04
CA PHE D 104 6.04 -6.09 -27.92
C PHE D 104 5.95 -4.64 -27.46
N GLU D 105 6.38 -4.40 -26.22
CA GLU D 105 6.45 -3.04 -25.66
C GLU D 105 7.77 -2.37 -26.04
N VAL D 106 7.71 -1.06 -26.27
CA VAL D 106 8.89 -0.28 -26.65
C VAL D 106 8.88 1.08 -25.96
N GLN D 107 10.06 1.66 -25.77
CA GLN D 107 10.20 2.95 -25.08
C GLN D 107 10.68 4.05 -26.03
N GLY D 108 9.77 4.97 -26.36
CA GLY D 108 10.10 6.12 -27.19
C GLY D 108 10.68 7.25 -26.37
N ARG D 109 11.86 7.72 -26.77
CA ARG D 109 12.57 8.74 -26.00
C ARG D 109 12.99 9.95 -26.85
N ASN D 110 12.41 11.11 -26.51
CA ASN D 110 12.78 12.38 -27.11
C ASN D 110 13.91 13.01 -26.29
N LEU D 111 15.13 12.86 -26.78
CA LEU D 111 16.31 13.36 -26.07
C LEU D 111 16.85 14.67 -26.64
N THR D 112 15.99 15.40 -27.36
CA THR D 112 16.38 16.67 -27.97
C THR D 112 16.49 17.76 -26.90
N GLN D 113 17.70 18.28 -26.72
CA GLN D 113 17.96 19.36 -25.77
C GLN D 113 17.54 20.69 -26.34
N THR D 114 16.24 20.88 -26.53
CA THR D 114 15.70 22.08 -27.16
C THR D 114 14.58 22.71 -26.33
N ASN D 115 14.76 23.99 -26.05
CA ASN D 115 13.80 24.88 -25.35
C ASN D 115 12.53 24.27 -24.74
N THR D 116 11.41 24.39 -25.46
CA THR D 116 10.08 24.17 -24.89
C THR D 116 9.40 22.92 -25.46
N SER D 117 8.14 23.07 -25.89
CA SER D 117 7.34 21.96 -26.43
C SER D 117 7.91 21.47 -27.75
N ASP D 118 8.65 20.36 -27.69
CA ASP D 118 9.31 19.79 -28.85
C ASP D 118 8.68 18.46 -29.25
N ASP D 119 8.38 18.33 -30.54
CA ASP D 119 7.81 17.09 -31.09
C ASP D 119 8.71 16.51 -32.16
N LYS D 120 9.10 15.25 -31.97
CA LYS D 120 9.94 14.54 -32.94
C LYS D 120 9.31 13.20 -33.32
N VAL D 121 9.27 12.93 -34.62
CA VAL D 121 8.66 11.71 -35.14
C VAL D 121 9.73 10.64 -35.38
N ALA D 122 9.52 9.47 -34.78
CA ALA D 122 10.40 8.32 -34.95
C ALA D 122 9.75 7.27 -35.84
N THR D 123 10.52 6.72 -36.77
CA THR D 123 10.00 5.76 -37.75
C THR D 123 10.47 4.34 -37.47
N ILE D 124 9.55 3.51 -36.98
CA ILE D 124 9.80 2.09 -36.79
C ILE D 124 9.55 1.39 -38.14
N THR D 125 10.56 0.65 -38.60
CA THR D 125 10.52 0.02 -39.92
C THR D 125 10.62 -1.51 -39.84
N SER D 126 9.91 -2.18 -40.75
CA SER D 126 9.98 -3.64 -40.87
C SER D 126 9.61 -4.08 -42.29
N GLY D 127 10.64 -4.39 -43.08
CA GLY D 127 10.46 -4.84 -44.46
C GLY D 127 10.05 -3.72 -45.41
N ASN D 128 9.02 -3.99 -46.21
CA ASN D 128 8.48 -3.00 -47.15
C ASN D 128 7.68 -1.91 -46.44
N LYS D 129 7.15 -2.23 -45.26
CA LYS D 129 6.26 -1.33 -44.52
C LYS D 129 7.00 -0.56 -43.44
N SER D 130 6.52 0.66 -43.17
CA SER D 130 7.11 1.53 -42.15
C SER D 130 6.03 2.34 -41.44
N THR D 131 6.06 2.34 -40.11
CA THR D 131 5.11 3.09 -39.30
C THR D 131 5.78 4.21 -38.50
N ASN D 132 4.99 5.17 -38.03
CA ASN D 132 5.50 6.36 -37.35
C ASN D 132 5.02 6.51 -35.91
N VAL D 133 5.91 7.00 -35.05
CA VAL D 133 5.59 7.28 -33.65
C VAL D 133 5.99 8.71 -33.30
N THR D 134 5.02 9.51 -32.85
CA THR D 134 5.28 10.89 -32.44
C THR D 134 5.56 10.96 -30.95
N VAL D 135 6.78 11.37 -30.61
CA VAL D 135 7.20 11.49 -29.21
C VAL D 135 7.15 12.96 -28.78
N HIS D 136 6.33 13.22 -27.76
CA HIS D 136 6.10 14.59 -27.29
C HIS D 136 6.90 14.91 -26.03
N LYS D 137 7.53 16.08 -26.04
CA LYS D 137 8.25 16.59 -24.87
C LYS D 137 7.55 17.84 -24.35
N SER D 138 6.97 17.74 -23.17
CA SER D 138 6.21 18.84 -22.56
C SER D 138 7.12 19.96 -22.05
N GLU D 139 6.51 21.10 -21.74
CA GLU D 139 7.23 22.27 -21.22
C GLU D 139 7.85 21.96 -19.86
N ALA D 140 9.02 22.55 -19.60
CA ALA D 140 9.74 22.36 -18.35
C ALA D 140 8.93 22.85 -17.15
N GLY D 141 8.36 21.90 -16.41
CA GLY D 141 7.51 22.21 -15.26
C GLY D 141 8.26 22.71 -14.05
N THR D 142 7.58 23.47 -13.20
CA THR D 142 8.16 24.01 -11.98
C THR D 142 8.01 23.01 -10.84
N SER D 143 9.12 22.77 -10.14
CA SER D 143 9.18 21.82 -9.03
C SER D 143 8.27 22.20 -7.86
N SER D 144 7.72 21.18 -7.18
CA SER D 144 6.76 21.41 -6.11
C SER D 144 6.74 20.32 -5.03
N VAL D 145 7.10 19.10 -5.40
CA VAL D 145 6.94 17.94 -4.52
C VAL D 145 8.14 17.74 -3.57
N PHE D 146 7.83 17.50 -2.29
CA PHE D 146 8.83 17.17 -1.28
C PHE D 146 9.24 15.70 -1.42
N TYR D 147 8.31 14.81 -1.14
CA TYR D 147 8.55 13.37 -1.19
C TYR D 147 7.58 12.66 -2.12
N TYR D 148 8.12 11.79 -2.97
CA TYR D 148 7.32 10.94 -3.86
C TYR D 148 8.08 9.66 -4.19
N LYS D 149 7.33 8.60 -4.47
CA LYS D 149 7.90 7.30 -4.81
C LYS D 149 7.50 6.88 -6.23
N THR D 150 8.49 6.45 -7.01
CA THR D 150 8.26 6.04 -8.40
C THR D 150 9.18 4.90 -8.81
N GLY D 151 8.59 3.89 -9.46
CA GLY D 151 9.33 2.75 -9.98
C GLY D 151 9.60 2.86 -11.46
N ASP D 152 10.74 2.33 -11.90
CA ASP D 152 11.17 2.40 -13.29
C ASP D 152 11.72 1.05 -13.76
N MET D 153 11.40 0.68 -14.99
CA MET D 153 11.92 -0.55 -15.58
C MET D 153 12.76 -0.25 -16.82
N LEU D 154 14.02 -0.69 -16.79
CA LEU D 154 14.95 -0.46 -17.89
C LEU D 154 14.82 -1.52 -18.99
N PRO D 155 14.91 -1.09 -20.27
CA PRO D 155 14.82 -2.01 -21.41
C PRO D 155 16.00 -2.98 -21.52
N GLU D 156 17.18 -2.54 -21.12
CA GLU D 156 18.40 -3.37 -21.18
C GLU D 156 18.44 -4.44 -20.08
N ASP D 157 17.72 -4.19 -18.99
CA ASP D 157 17.63 -5.14 -17.88
C ASP D 157 16.19 -5.28 -17.40
N THR D 158 15.51 -6.32 -17.88
CA THR D 158 14.11 -6.57 -17.54
C THR D 158 13.95 -7.61 -16.43
N THR D 159 15.07 -8.12 -15.93
CA THR D 159 15.07 -9.09 -14.85
C THR D 159 14.87 -8.41 -13.48
N HIS D 160 15.13 -7.11 -13.43
CA HIS D 160 15.04 -6.34 -12.19
C HIS D 160 14.06 -5.17 -12.31
N VAL D 161 13.62 -4.67 -11.17
CA VAL D 161 12.77 -3.47 -11.10
C VAL D 161 13.43 -2.43 -10.21
N ARG D 162 13.66 -1.24 -10.77
CA ARG D 162 14.26 -0.13 -10.05
C ARG D 162 13.22 0.65 -9.25
N TRP D 163 13.51 0.86 -7.97
CA TRP D 163 12.64 1.65 -7.09
C TRP D 163 13.38 2.89 -6.58
N PHE D 164 12.63 3.97 -6.37
CA PHE D 164 13.21 5.23 -5.93
C PHE D 164 12.42 5.87 -4.79
N LEU D 165 13.13 6.17 -3.69
CA LEU D 165 12.56 6.89 -2.56
C LEU D 165 13.14 8.30 -2.50
N ASN D 166 12.52 9.20 -3.26
CA ASN D 166 13.02 10.58 -3.38
C ASN D 166 12.49 11.49 -2.26
N ILE D 167 13.38 11.85 -1.33
CA ILE D 167 13.03 12.67 -0.18
C ILE D 167 13.57 14.09 -0.35
N ASN D 168 12.74 15.07 -0.01
CA ASN D 168 13.10 16.50 -0.07
C ASN D 168 13.74 16.90 -1.40
N ASN D 169 13.00 16.69 -2.48
CA ASN D 169 13.48 16.96 -3.84
C ASN D 169 13.98 18.39 -4.07
N GLU D 170 13.38 19.33 -3.35
CA GLU D 170 13.72 20.74 -3.53
C GLU D 170 14.64 21.31 -2.45
N LYS D 171 15.38 20.41 -1.79
CA LYS D 171 16.34 20.77 -0.74
C LYS D 171 15.93 22.01 0.07
N SER D 172 14.75 21.93 0.69
CA SER D 172 14.20 23.02 1.48
C SER D 172 14.39 22.77 2.98
N TYR D 173 14.05 23.77 3.78
CA TYR D 173 14.18 23.67 5.23
C TYR D 173 13.14 22.72 5.82
N VAL D 174 13.62 21.65 6.43
CA VAL D 174 12.77 20.63 7.02
C VAL D 174 12.60 20.91 8.52
N SER D 175 11.35 21.01 8.96
CA SER D 175 11.03 21.39 10.34
C SER D 175 11.01 20.21 11.31
N LYS D 176 10.75 19.01 10.78
CA LYS D 176 10.66 17.80 11.60
C LYS D 176 11.37 16.62 10.95
N ASP D 177 12.00 15.78 11.77
CA ASP D 177 12.73 14.59 11.31
C ASP D 177 11.96 13.79 10.26
N ILE D 178 12.65 13.44 9.17
CA ILE D 178 12.06 12.67 8.09
C ILE D 178 12.01 11.20 8.45
N THR D 179 10.84 10.58 8.25
CA THR D 179 10.66 9.16 8.49
C THR D 179 9.83 8.54 7.36
N ILE D 180 10.38 7.52 6.71
CA ILE D 180 9.65 6.78 5.69
C ILE D 180 9.74 5.26 5.89
N LYS D 181 8.57 4.61 5.89
CA LYS D 181 8.49 3.16 5.97
C LYS D 181 8.19 2.60 4.58
N ASP D 182 8.91 1.54 4.20
CA ASP D 182 8.78 0.96 2.87
C ASP D 182 8.38 -0.52 2.94
N GLN D 183 7.34 -0.87 2.20
CA GLN D 183 6.88 -2.25 2.11
C GLN D 183 6.92 -2.75 0.66
N ILE D 184 7.98 -3.49 0.34
CA ILE D 184 8.14 -4.09 -0.98
C ILE D 184 7.20 -5.28 -1.10
N GLN D 185 6.26 -5.19 -2.03
CA GLN D 185 5.22 -6.21 -2.18
C GLN D 185 5.66 -7.41 -3.02
N GLY D 186 4.84 -8.45 -3.03
CA GLY D 186 5.16 -9.73 -3.66
C GLY D 186 5.40 -9.69 -5.16
N GLY D 187 6.09 -10.71 -5.65
CA GLY D 187 6.45 -10.82 -7.06
C GLY D 187 7.91 -10.48 -7.33
N GLN D 188 8.62 -10.13 -6.26
CA GLN D 188 10.02 -9.71 -6.35
C GLN D 188 10.78 -9.92 -5.04
N GLN D 189 12.10 -9.73 -5.09
CA GLN D 189 12.97 -9.87 -3.92
C GLN D 189 13.96 -8.71 -3.84
N LEU D 190 14.04 -8.10 -2.66
CA LEU D 190 14.92 -6.97 -2.41
C LEU D 190 16.40 -7.33 -2.56
N ASP D 191 17.12 -6.55 -3.36
CA ASP D 191 18.55 -6.73 -3.53
C ASP D 191 19.28 -5.65 -2.72
N LEU D 192 19.89 -6.07 -1.61
CA LEU D 192 20.59 -5.18 -0.69
C LEU D 192 21.88 -4.61 -1.29
N SER D 193 22.48 -5.36 -2.20
CA SER D 193 23.72 -4.96 -2.87
C SER D 193 23.53 -3.78 -3.82
N THR D 194 22.31 -3.61 -4.32
CA THR D 194 21.98 -2.52 -5.26
C THR D 194 21.46 -1.27 -4.55
N LEU D 195 21.43 -1.30 -3.21
CA LEU D 195 20.99 -0.17 -2.40
C LEU D 195 22.02 0.96 -2.46
N ASN D 196 21.55 2.16 -2.78
CA ASN D 196 22.40 3.34 -2.87
C ASN D 196 21.68 4.64 -2.50
N ILE D 197 22.39 5.51 -1.79
CA ILE D 197 21.85 6.81 -1.38
C ILE D 197 22.58 7.93 -2.10
N ASN D 198 21.82 8.81 -2.76
CA ASN D 198 22.37 9.95 -3.47
C ASN D 198 21.90 11.28 -2.87
N VAL D 199 22.72 11.83 -1.99
CA VAL D 199 22.42 13.12 -1.34
C VAL D 199 22.97 14.26 -2.19
N THR D 200 22.15 15.29 -2.37
CA THR D 200 22.55 16.47 -3.14
C THR D 200 22.10 17.75 -2.41
N GLY D 201 23.07 18.61 -2.07
CA GLY D 201 22.80 19.85 -1.35
C GLY D 201 23.99 20.30 -0.54
N THR D 202 23.77 20.57 0.73
CA THR D 202 24.84 21.00 1.65
C THR D 202 25.71 19.82 2.08
N HIS D 203 25.07 18.67 2.32
CA HIS D 203 25.77 17.43 2.67
C HIS D 203 25.77 16.48 1.49
N SER D 204 26.15 16.99 0.33
CA SER D 204 26.07 16.27 -0.95
C SER D 204 27.12 15.16 -1.08
N ASN D 205 26.65 13.92 -1.20
CA ASN D 205 27.51 12.75 -1.40
C ASN D 205 26.72 11.55 -1.94
N TYR D 206 27.44 10.58 -2.50
CA TYR D 206 26.83 9.36 -3.02
C TYR D 206 27.40 8.11 -2.34
N TYR D 207 26.57 7.43 -1.57
CA TYR D 207 26.95 6.22 -0.85
C TYR D 207 26.36 5.00 -1.54
N SER D 208 27.23 4.08 -1.96
CA SER D 208 26.81 2.91 -2.74
C SER D 208 27.72 1.69 -2.56
N GLY D 209 27.17 0.52 -2.86
CA GLY D 209 27.95 -0.72 -2.90
C GLY D 209 28.28 -1.32 -1.54
N GLN D 210 27.50 -2.34 -1.16
CA GLN D 210 27.73 -3.14 0.06
C GLN D 210 27.69 -2.32 1.37
N SER D 211 28.69 -1.46 1.54
CA SER D 211 28.83 -0.63 2.74
C SER D 211 27.80 0.51 2.80
N ALA D 212 27.09 0.73 1.69
CA ALA D 212 26.13 1.85 1.53
C ALA D 212 25.33 2.22 2.78
N ILE D 213 24.69 1.22 3.40
CA ILE D 213 23.84 1.43 4.58
C ILE D 213 24.68 1.86 5.79
N THR D 214 25.80 1.17 6.01
CA THR D 214 26.70 1.46 7.13
C THR D 214 27.42 2.81 6.90
N ASP D 215 27.81 3.06 5.66
CA ASP D 215 28.50 4.31 5.29
C ASP D 215 27.61 5.55 5.44
N PHE D 216 26.32 5.38 5.15
CA PHE D 216 25.36 6.47 5.28
C PHE D 216 25.08 6.83 6.75
N GLU D 217 24.93 5.80 7.58
CA GLU D 217 24.67 5.98 9.01
C GLU D 217 25.89 6.53 9.76
N LYS D 218 27.08 6.23 9.23
CA LYS D 218 28.33 6.72 9.81
C LYS D 218 28.53 8.21 9.57
N ALA D 219 28.36 8.64 8.33
CA ALA D 219 28.55 10.04 7.94
C ALA D 219 27.38 10.94 8.36
N PHE D 220 26.21 10.33 8.52
CA PHE D 220 25.02 11.04 9.00
C PHE D 220 24.61 10.51 10.38
N PRO D 221 25.14 11.15 11.45
CA PRO D 221 24.81 10.72 12.82
C PRO D 221 23.36 11.00 13.17
N GLY D 222 22.67 9.97 13.68
CA GLY D 222 21.25 10.06 13.99
C GLY D 222 20.37 9.36 12.97
N SER D 223 20.84 9.32 11.72
CA SER D 223 20.12 8.66 10.64
C SER D 223 20.21 7.15 10.75
N LYS D 224 19.15 6.45 10.34
CA LYS D 224 19.10 4.99 10.40
C LYS D 224 18.28 4.38 9.28
N ILE D 225 18.87 3.44 8.57
CA ILE D 225 18.17 2.63 7.58
C ILE D 225 18.01 1.21 8.11
N THR D 226 16.76 0.79 8.29
CA THR D 226 16.45 -0.55 8.76
C THR D 226 16.05 -1.42 7.57
N VAL D 227 16.67 -2.59 7.44
CA VAL D 227 16.40 -3.49 6.33
C VAL D 227 16.12 -4.92 6.79
N ASP D 228 14.92 -5.41 6.48
CA ASP D 228 14.58 -6.81 6.66
C ASP D 228 14.52 -7.45 5.26
N ASN D 229 15.53 -8.26 4.96
CA ASN D 229 15.70 -8.83 3.62
C ASN D 229 14.61 -9.83 3.23
N THR D 230 14.29 -10.75 4.14
CA THR D 230 13.29 -11.79 3.89
C THR D 230 11.86 -11.26 3.88
N LYS D 231 11.59 -10.24 4.68
CA LYS D 231 10.26 -9.64 4.77
C LYS D 231 10.08 -8.51 3.76
N ASN D 232 11.18 -8.08 3.14
CA ASN D 232 11.20 -6.99 2.15
C ASN D 232 10.68 -5.67 2.73
N THR D 233 11.31 -5.23 3.82
CA THR D 233 10.89 -4.03 4.53
C THR D 233 12.08 -3.10 4.80
N ILE D 234 11.98 -1.87 4.29
CA ILE D 234 12.99 -0.85 4.50
C ILE D 234 12.42 0.32 5.30
N ASP D 235 13.09 0.69 6.39
CA ASP D 235 12.65 1.80 7.23
C ASP D 235 13.76 2.84 7.39
N VAL D 236 13.57 3.99 6.75
CA VAL D 236 14.59 5.04 6.72
C VAL D 236 14.18 6.25 7.56
N THR D 237 15.12 6.72 8.38
CA THR D 237 14.92 7.90 9.23
C THR D 237 16.08 8.87 9.06
N ILE D 238 15.75 10.15 8.87
CA ILE D 238 16.75 11.21 8.67
C ILE D 238 16.50 12.38 9.63
N PRO D 239 17.53 12.81 10.38
CA PRO D 239 17.43 13.95 11.28
C PRO D 239 17.14 15.26 10.55
N GLN D 240 16.53 16.22 11.25
CA GLN D 240 16.15 17.50 10.64
C GLN D 240 17.34 18.42 10.34
N GLY D 241 18.43 18.25 11.08
CA GLY D 241 19.64 19.04 10.88
C GLY D 241 20.42 18.64 9.64
N TYR D 242 20.08 17.49 9.07
CA TYR D 242 20.72 16.99 7.86
C TYR D 242 19.73 16.94 6.69
N GLY D 243 18.44 16.87 7.02
CA GLY D 243 17.37 16.87 6.02
C GLY D 243 17.19 18.24 5.37
N SER D 244 17.48 19.29 6.14
CA SER D 244 17.38 20.66 5.65
C SER D 244 18.45 20.96 4.60
N TYR D 245 18.00 21.52 3.47
CA TYR D 245 18.86 21.87 2.33
C TYR D 245 19.59 20.68 1.70
N ASN D 246 18.92 19.53 1.68
CA ASN D 246 19.46 18.31 1.06
C ASN D 246 18.37 17.47 0.38
N SER D 247 18.72 16.90 -0.77
CA SER D 247 17.82 16.02 -1.51
C SER D 247 18.28 14.57 -1.43
N PHE D 248 17.74 13.84 -0.46
CA PHE D 248 18.05 12.43 -0.26
C PHE D 248 17.33 11.57 -1.28
N SER D 249 18.09 10.78 -2.04
CA SER D 249 17.52 9.90 -3.06
C SER D 249 17.98 8.46 -2.84
N ILE D 250 17.03 7.62 -2.42
CA ILE D 250 17.30 6.20 -2.16
C ILE D 250 16.94 5.37 -3.38
N ASN D 251 17.90 4.58 -3.85
CA ASN D 251 17.70 3.72 -5.02
C ASN D 251 18.04 2.26 -4.73
N TYR D 252 17.11 1.37 -5.05
CA TYR D 252 17.33 -0.07 -4.91
C TYR D 252 16.60 -0.87 -5.99
N LYS D 253 17.18 -2.01 -6.35
CA LYS D 253 16.60 -2.88 -7.38
C LYS D 253 15.98 -4.13 -6.76
N THR D 254 14.93 -4.64 -7.40
CA THR D 254 14.26 -5.86 -6.96
C THR D 254 14.21 -6.91 -8.07
N LYS D 255 14.84 -8.05 -7.80
CA LYS D 255 14.90 -9.15 -8.77
C LYS D 255 13.52 -9.81 -8.90
N ILE D 256 12.99 -9.80 -10.13
CA ILE D 256 11.67 -10.35 -10.42
C ILE D 256 11.66 -11.88 -10.27
N THR D 257 10.78 -12.36 -9.42
CA THR D 257 10.61 -13.80 -9.17
C THR D 257 9.38 -14.37 -9.88
N ASN D 258 8.70 -13.51 -10.65
CA ASN D 258 7.52 -13.90 -11.41
C ASN D 258 7.33 -13.03 -12.65
N GLU D 259 7.89 -13.48 -13.78
CA GLU D 259 7.76 -12.78 -15.06
C GLU D 259 6.36 -12.91 -15.67
N GLN D 260 5.45 -13.52 -14.92
CA GLN D 260 4.08 -13.76 -15.37
C GLN D 260 3.09 -12.86 -14.62
N GLN D 261 3.61 -11.96 -13.79
CA GLN D 261 2.81 -11.02 -13.01
C GLN D 261 2.50 -9.78 -13.85
N LYS D 262 1.30 -9.23 -13.67
CA LYS D 262 0.83 -8.07 -14.43
C LYS D 262 1.59 -6.78 -14.07
N GLU D 263 1.69 -6.51 -12.76
CA GLU D 263 2.34 -5.29 -12.26
C GLU D 263 3.05 -5.53 -10.93
N PHE D 264 4.01 -4.67 -10.61
CA PHE D 264 4.78 -4.77 -9.38
C PHE D 264 4.50 -3.60 -8.45
N VAL D 265 4.15 -3.92 -7.20
CA VAL D 265 3.70 -2.94 -6.23
C VAL D 265 4.76 -2.71 -5.15
N ASN D 266 4.81 -1.48 -4.63
CA ASN D 266 5.70 -1.13 -3.52
C ASN D 266 5.11 0.03 -2.71
N ASN D 267 4.81 -0.25 -1.45
CA ASN D 267 4.15 0.71 -0.57
C ASN D 267 5.12 1.51 0.31
N SER D 268 4.74 2.74 0.63
CA SER D 268 5.54 3.61 1.49
C SER D 268 4.71 4.66 2.22
N GLN D 269 5.00 4.86 3.51
CA GLN D 269 4.34 5.89 4.31
C GLN D 269 5.34 6.97 4.68
N ALA D 270 4.88 8.22 4.77
CA ALA D 270 5.77 9.36 4.97
C ALA D 270 5.46 10.19 6.22
N TRP D 271 6.50 10.62 6.90
CA TRP D 271 6.41 11.54 8.04
C TRP D 271 7.39 12.69 7.83
N TYR D 272 6.89 13.83 7.34
CA TYR D 272 7.73 14.99 7.06
C TYR D 272 7.00 16.32 7.24
N GLN D 273 7.78 17.40 7.35
CA GLN D 273 7.24 18.76 7.36
C GLN D 273 8.22 19.76 6.73
N GLU D 274 7.70 20.57 5.81
CA GLU D 274 8.45 21.65 5.19
C GLU D 274 8.03 22.96 5.86
N HIS D 275 9.00 23.73 6.33
CA HIS D 275 8.71 24.99 7.04
C HIS D 275 8.05 26.00 6.12
N GLY D 276 6.81 26.35 6.43
CA GLY D 276 5.98 27.19 5.56
C GLY D 276 4.80 26.38 5.02
N LYS D 277 5.02 25.08 4.88
CA LYS D 277 3.98 24.15 4.42
C LYS D 277 3.42 23.33 5.58
N GLU D 278 2.41 22.51 5.29
CA GLU D 278 1.71 21.72 6.31
C GLU D 278 2.48 20.44 6.68
N GLU D 279 2.16 19.89 7.85
CA GLU D 279 2.79 18.68 8.36
C GLU D 279 2.13 17.42 7.78
N VAL D 280 2.96 16.44 7.41
CA VAL D 280 2.49 15.17 6.87
C VAL D 280 2.80 14.05 7.87
N ASN D 281 1.78 13.28 8.23
CA ASN D 281 1.93 12.21 9.22
C ASN D 281 1.32 10.88 8.78
N GLY D 282 2.17 9.97 8.31
CA GLY D 282 1.75 8.62 7.94
C GLY D 282 0.94 8.49 6.67
N LYS D 283 1.08 9.45 5.76
CA LYS D 283 0.40 9.41 4.47
C LYS D 283 1.07 8.41 3.53
N SER D 284 0.27 7.52 2.95
CA SER D 284 0.79 6.48 2.08
C SER D 284 1.06 6.98 0.66
N PHE D 285 2.31 6.82 0.22
CA PHE D 285 2.72 7.15 -1.14
C PHE D 285 3.08 5.88 -1.89
N ASN D 286 2.06 5.11 -2.25
CA ASN D 286 2.23 3.82 -2.93
C ASN D 286 2.44 4.01 -4.43
N HIS D 287 3.19 3.09 -5.04
CA HIS D 287 3.47 3.15 -6.48
C HIS D 287 3.50 1.77 -7.12
N THR D 288 3.00 1.71 -8.36
CA THR D 288 3.00 0.48 -9.15
C THR D 288 3.74 0.67 -10.47
N VAL D 289 4.55 -0.32 -10.84
CA VAL D 289 5.23 -0.34 -12.13
C VAL D 289 4.80 -1.55 -12.94
N HIS D 290 4.44 -1.33 -14.20
CA HIS D 290 3.90 -2.37 -15.06
C HIS D 290 4.96 -3.26 -15.70
N ASN D 291 4.65 -4.55 -15.78
CA ASN D 291 5.51 -5.52 -16.45
C ASN D 291 5.35 -5.43 -17.97
N ILE D 292 6.25 -6.07 -18.71
CA ILE D 292 6.30 -5.98 -20.17
C ILE D 292 5.26 -6.88 -20.83
N ASN D 293 4.42 -6.26 -21.66
CA ASN D 293 3.39 -6.98 -22.42
C ASN D 293 3.87 -7.35 -23.81
N ALA D 294 4.06 -8.65 -24.05
CA ALA D 294 4.51 -9.15 -25.34
C ALA D 294 3.92 -10.52 -25.66
N ASN D 295 3.27 -10.61 -26.82
CA ASN D 295 2.68 -11.86 -27.30
C ASN D 295 2.97 -12.08 -28.79
N ALA D 296 3.33 -13.33 -29.11
CA ALA D 296 3.63 -13.71 -30.49
C ALA D 296 2.73 -14.85 -30.95
N GLY D 297 1.80 -14.52 -31.86
CA GLY D 297 0.83 -15.50 -32.35
C GLY D 297 1.11 -15.93 -33.78
N ILE D 298 0.76 -17.18 -34.08
CA ILE D 298 0.95 -17.77 -35.40
C ILE D 298 -0.19 -18.72 -35.77
N GLU D 299 -1.06 -18.26 -36.68
CA GLU D 299 -2.20 -19.06 -37.14
C GLU D 299 -1.93 -19.67 -38.50
N GLY D 300 -1.73 -20.99 -38.52
CA GLY D 300 -1.43 -21.72 -39.75
C GLY D 300 -2.20 -23.02 -39.87
N THR D 301 -2.42 -23.45 -41.11
CA THR D 301 -3.15 -24.69 -41.40
C THR D 301 -2.16 -25.83 -41.59
N VAL D 302 -2.55 -27.02 -41.12
CA VAL D 302 -1.71 -28.22 -41.20
C VAL D 302 -1.52 -28.70 -42.65
N GLY E 1 -42.83 -20.23 3.31
CA GLY E 1 -41.38 -19.95 3.07
C GLY E 1 -40.48 -20.67 4.05
N PRO E 2 -39.82 -21.75 3.61
CA PRO E 2 -38.89 -22.52 4.44
C PRO E 2 -37.65 -21.70 4.84
N GLY E 4 -33.90 -20.23 5.89
CA GLY E 4 -32.65 -20.23 5.13
C GLY E 4 -31.51 -21.03 5.75
N PRO E 5 -30.48 -21.34 4.95
CA PRO E 5 -29.31 -22.11 5.39
C PRO E 5 -28.21 -21.26 6.02
N GLY E 7 -24.59 -19.43 6.92
CA GLY E 7 -23.71 -18.63 6.06
C GLY E 7 -22.31 -19.19 5.90
N PRO E 8 -21.45 -18.48 5.16
CA PRO E 8 -20.05 -18.88 4.92
C PRO E 8 -19.17 -18.68 6.15
N GLY E 10 -16.16 -17.50 8.70
CA GLY E 10 -15.67 -16.15 8.95
C GLY E 10 -14.23 -15.88 8.53
N PRO E 11 -13.81 -14.61 8.62
CA PRO E 11 -12.46 -14.20 8.28
C PRO E 11 -11.45 -14.42 9.42
N GLY E 13 -8.78 -13.56 12.20
CA GLY E 13 -8.84 -12.46 13.15
C GLY E 13 -7.74 -11.42 13.03
N PRO E 14 -7.74 -10.42 13.95
CA PRO E 14 -6.73 -9.37 13.96
C PRO E 14 -5.35 -9.87 14.42
N ARG E 15 -4.32 -9.12 14.08
CA ARG E 15 -2.96 -9.42 14.50
C ARG E 15 -2.84 -9.18 16.01
N GLY E 16 -2.02 -10.00 16.67
CA GLY E 16 -1.83 -9.92 18.12
C GLY E 16 -1.17 -8.64 18.59
N ARG E 17 -1.15 -8.44 19.90
CA ARG E 17 -0.54 -7.26 20.50
C ARG E 17 0.98 -7.29 20.32
N THR E 18 1.58 -6.10 20.28
CA THR E 18 3.03 -5.96 20.18
C THR E 18 3.67 -6.53 21.44
N GLY E 19 4.72 -7.33 21.26
CA GLY E 19 5.40 -8.01 22.36
C GLY E 19 5.98 -7.10 23.42
N PRO E 20 6.13 -7.62 24.65
CA PRO E 20 6.73 -6.86 25.77
C PRO E 20 8.20 -6.53 25.50
N GLY E 22 12.22 -6.03 25.58
CA GLY E 22 13.24 -7.03 25.83
C GLY E 22 13.97 -6.90 27.16
N PRO E 23 14.74 -7.94 27.54
CA PRO E 23 15.54 -7.92 28.77
C PRO E 23 16.70 -6.93 28.65
N GLY E 25 20.26 -5.18 28.38
CA GLY E 25 21.37 -5.62 27.53
C GLY E 25 22.56 -6.26 28.23
N PRO E 26 23.48 -6.84 27.45
CA PRO E 26 24.70 -7.45 27.99
C PRO E 26 25.70 -6.41 28.51
N GLY E 28 29.18 -4.55 28.66
CA GLY E 28 30.03 -4.20 27.52
C GLY E 28 31.40 -4.86 27.46
N PRO E 29 32.22 -4.45 26.47
CA PRO E 29 33.57 -5.00 26.26
C PRO E 29 34.59 -4.40 27.23
N GLY F 1 -37.38 -16.09 1.55
CA GLY F 1 -38.17 -16.16 2.81
C GLY F 1 -37.40 -15.64 4.02
N PRO F 2 -37.39 -16.41 5.12
CA PRO F 2 -36.67 -16.05 6.36
C PRO F 2 -35.16 -16.05 6.17
N GLY F 4 -31.21 -16.83 7.00
CA GLY F 4 -30.48 -17.96 7.57
C GLY F 4 -29.55 -17.55 8.70
N PRO F 5 -29.10 -18.53 9.51
CA PRO F 5 -28.14 -18.29 10.59
C PRO F 5 -26.76 -17.90 10.05
N GLY F 7 -22.56 -17.81 9.63
CA GLY F 7 -21.56 -18.86 9.50
C GLY F 7 -20.70 -19.06 10.73
N PRO F 8 -19.84 -20.10 10.71
CA PRO F 8 -18.93 -20.39 11.82
C PRO F 8 -17.80 -19.36 11.94
N GLY F 10 -14.25 -17.79 11.97
CA GLY F 10 -13.07 -18.13 11.18
C GLY F 10 -11.81 -18.41 11.98
N PRO F 11 -10.69 -18.67 11.29
CA PRO F 11 -9.39 -18.96 11.91
C PRO F 11 -8.85 -17.79 12.74
N GLY F 13 -6.08 -14.91 14.16
CA GLY F 13 -5.15 -14.00 13.50
C GLY F 13 -3.68 -14.37 13.66
N PRO F 14 -2.79 -13.62 13.01
CA PRO F 14 -1.35 -13.88 13.10
C PRO F 14 -0.77 -13.37 14.43
N ARG F 15 0.41 -13.87 14.78
CA ARG F 15 1.10 -13.46 16.00
C ARG F 15 1.55 -12.00 15.89
N GLY F 16 1.52 -11.29 17.02
CA GLY F 16 1.91 -9.89 17.07
C GLY F 16 3.34 -9.63 16.64
N ARG F 17 3.61 -8.38 16.25
CA ARG F 17 4.95 -7.97 15.81
C ARG F 17 5.93 -8.03 16.98
N THR F 18 7.14 -8.53 16.70
CA THR F 18 8.18 -8.71 17.72
C THR F 18 8.41 -7.44 18.55
N GLY F 19 8.55 -7.62 19.86
CA GLY F 19 8.67 -6.51 20.80
C GLY F 19 9.86 -5.60 20.60
N PRO F 20 9.84 -4.40 21.22
CA PRO F 20 10.94 -3.44 21.13
C PRO F 20 12.16 -3.91 21.94
N GLY F 22 15.23 -3.94 24.61
CA GLY F 22 15.28 -3.51 26.00
C GLY F 22 16.29 -2.41 26.30
N PRO F 23 16.43 -2.04 27.58
CA PRO F 23 17.39 -1.03 28.02
C PRO F 23 18.84 -1.49 27.85
N GLY F 25 22.89 -2.32 28.47
CA GLY F 25 23.57 -3.05 29.53
C GLY F 25 24.53 -2.22 30.37
N PRO F 26 25.10 -2.84 31.43
CA PRO F 26 26.10 -2.22 32.29
C PRO F 26 27.44 -2.02 31.57
N GLY F 28 31.51 -2.24 30.71
CA GLY F 28 32.40 -3.40 30.65
C GLY F 28 33.38 -3.54 31.80
N PRO F 29 34.08 -4.69 31.87
CA PRO F 29 35.06 -4.97 32.92
C PRO F 29 36.28 -4.06 32.86
N GLY G 1 -34.83 -19.61 1.88
CA GLY G 1 -34.66 -18.29 1.23
C GLY G 1 -33.21 -17.86 1.16
N PRO G 2 -32.92 -16.59 1.53
CA PRO G 2 -31.55 -16.07 1.52
C PRO G 2 -30.67 -16.69 2.60
N GLY G 4 -27.42 -16.95 5.37
CA GLY G 4 -26.97 -16.07 6.44
C GLY G 4 -25.69 -15.31 6.14
N PRO G 5 -25.34 -14.35 7.02
CA PRO G 5 -24.13 -13.53 6.90
C PRO G 5 -22.86 -14.36 7.11
N GLY G 7 -19.45 -15.61 8.81
CA GLY G 7 -19.16 -15.81 10.24
C GLY G 7 -18.40 -14.67 10.90
N PRO G 8 -18.49 -14.58 12.24
CA PRO G 8 -17.78 -13.54 12.99
C PRO G 8 -16.27 -13.74 12.92
N GLY G 10 -12.46 -14.34 13.60
CA GLY G 10 -11.84 -15.24 14.56
C GLY G 10 -11.15 -14.53 15.71
N PRO G 11 -10.82 -15.27 16.79
CA PRO G 11 -10.13 -14.67 17.94
C PRO G 11 -8.76 -14.12 17.54
N GLY G 13 -4.90 -12.97 17.14
CA GLY G 13 -3.69 -13.79 17.28
C GLY G 13 -3.03 -13.72 18.64
N PRO G 14 -1.99 -14.54 18.85
CA PRO G 14 -1.25 -14.63 20.11
C PRO G 14 -0.58 -13.31 20.51
N ARG G 15 0.60 -13.39 21.12
CA ARG G 15 1.29 -12.19 21.59
C ARG G 15 2.72 -12.18 21.08
N GLY G 16 3.15 -11.02 20.57
CA GLY G 16 4.47 -10.85 19.99
C GLY G 16 5.59 -11.43 20.84
N ARG G 17 6.54 -12.10 20.18
CA ARG G 17 7.68 -12.70 20.85
C ARG G 17 8.50 -11.60 21.53
N THR G 18 8.85 -11.83 22.79
CA THR G 18 9.55 -10.83 23.61
C THR G 18 10.72 -10.16 22.88
N GLY G 19 10.85 -8.86 23.08
CA GLY G 19 11.85 -8.04 22.38
C GLY G 19 13.27 -8.52 22.52
N PRO G 20 14.15 -8.12 21.57
CA PRO G 20 15.56 -8.48 21.62
C PRO G 20 16.25 -7.91 22.85
N GLY G 22 18.63 -5.83 25.02
CA GLY G 22 19.06 -4.46 24.73
C GLY G 22 20.49 -4.30 24.21
N PRO G 23 20.83 -3.09 23.72
CA PRO G 23 22.17 -2.79 23.23
C PRO G 23 23.25 -2.98 24.30
N GLY G 25 26.49 -2.47 26.78
CA GLY G 25 26.92 -1.32 27.57
C GLY G 25 28.22 -0.68 27.11
N PRO G 26 28.55 0.50 27.69
CA PRO G 26 29.78 1.23 27.35
C PRO G 26 31.04 0.46 27.79
N GLY G 28 34.84 -0.43 29.27
CA GLY G 28 35.48 -0.09 30.55
C GLY G 28 36.84 0.56 30.43
N PRO G 29 37.29 1.23 31.52
CA PRO G 29 38.59 1.91 31.60
C PRO G 29 39.69 1.00 32.14
N GLY H 1 45.24 6.65 -13.48
CA GLY H 1 43.94 6.38 -12.81
C GLY H 1 42.76 6.95 -13.57
N PRO H 2 42.09 6.10 -14.39
CA PRO H 2 40.94 6.53 -15.18
C PRO H 2 39.65 6.62 -14.35
N GLY H 4 35.42 6.57 -13.56
CA GLY H 4 34.32 5.67 -13.88
C GLY H 4 33.35 6.22 -14.91
N PRO H 5 32.82 5.35 -15.78
CA PRO H 5 31.85 5.74 -16.80
C PRO H 5 30.51 6.13 -16.17
N GLY H 7 26.96 6.85 -14.58
CA GLY H 7 26.06 5.90 -13.94
C GLY H 7 24.72 5.74 -14.62
N PRO H 8 23.78 5.01 -14.00
CA PRO H 8 22.45 4.76 -14.55
C PRO H 8 21.63 6.05 -14.72
N GLY H 10 18.46 8.68 -14.39
CA GLY H 10 17.65 9.04 -13.22
C GLY H 10 16.21 8.55 -13.23
N PRO H 11 15.52 8.65 -12.08
CA PRO H 11 14.11 8.26 -11.94
C PRO H 11 13.17 9.21 -12.68
N GLY H 13 9.73 11.63 -12.99
CA GLY H 13 9.16 12.62 -12.08
C GLY H 13 7.83 12.24 -11.46
N PRO H 14 7.31 13.11 -10.56
CA PRO H 14 6.01 12.89 -9.93
C PRO H 14 4.86 13.32 -10.83
N ARG H 15 3.63 13.00 -10.40
CA ARG H 15 2.43 13.46 -11.11
C ARG H 15 2.28 14.97 -10.94
N GLY H 16 1.78 15.63 -11.98
CA GLY H 16 1.60 17.08 -11.98
C GLY H 16 0.51 17.56 -11.03
N ARG H 17 0.24 18.86 -11.08
CA ARG H 17 -0.79 19.48 -10.26
C ARG H 17 -2.17 18.85 -10.51
N THR H 18 -2.96 18.74 -9.45
CA THR H 18 -4.36 18.34 -9.58
C THR H 18 -5.06 19.40 -10.43
N GLY H 19 -5.78 18.93 -11.45
CA GLY H 19 -6.39 19.80 -12.46
C GLY H 19 -7.23 20.95 -11.93
N PRO H 20 -7.36 22.03 -12.73
CA PRO H 20 -8.23 23.14 -12.36
C PRO H 20 -9.69 22.69 -12.23
N GLY H 22 -13.59 21.97 -12.45
CA GLY H 22 -14.41 21.85 -13.66
C GLY H 22 -15.38 23.00 -13.93
N PRO H 23 -15.99 23.01 -15.12
CA PRO H 23 -16.96 24.04 -15.47
C PRO H 23 -18.30 23.84 -14.76
N GLY H 25 -21.96 23.57 -14.34
CA GLY H 25 -22.79 22.37 -14.40
C GLY H 25 -24.15 22.55 -15.04
N PRO H 26 -24.98 21.48 -15.01
CA PRO H 26 -26.29 21.49 -15.66
C PRO H 26 -27.32 22.32 -14.90
N GLY H 28 -30.99 23.42 -13.43
CA GLY H 28 -31.95 22.59 -12.70
C GLY H 28 -33.10 22.02 -13.51
N PRO H 29 -33.75 20.96 -12.97
CA PRO H 29 -34.94 20.36 -13.58
C PRO H 29 -36.14 21.32 -13.57
N GLY I 1 38.73 5.02 -7.07
CA GLY I 1 39.64 6.20 -6.95
C GLY I 1 39.00 7.47 -7.47
N PRO I 2 39.18 7.77 -8.77
CA PRO I 2 38.62 8.95 -9.42
C PRO I 2 37.09 8.97 -9.43
N GLY I 4 32.93 9.65 -10.28
CA GLY I 4 32.04 9.17 -11.34
C GLY I 4 30.91 10.14 -11.63
N PRO I 5 30.84 10.65 -12.88
CA PRO I 5 29.79 11.56 -13.33
C PRO I 5 28.40 10.90 -13.32
N GLY I 7 24.35 10.16 -14.48
CA GLY I 7 23.69 9.90 -15.75
C GLY I 7 22.72 10.99 -16.19
N PRO I 8 22.03 10.77 -17.32
CA PRO I 8 21.05 11.72 -17.85
C PRO I 8 19.77 11.75 -17.02
N GLY I 10 15.86 11.66 -15.86
CA GLY I 10 14.78 10.75 -16.22
C GLY I 10 13.67 11.38 -17.04
N PRO I 11 12.76 10.54 -17.57
CA PRO I 11 11.63 11.03 -18.37
C PRO I 11 10.60 11.77 -17.51
N GLY I 13 7.25 12.72 -15.61
CA GLY I 13 6.34 11.84 -14.87
C GLY I 13 4.94 11.70 -15.44
N PRO I 14 4.04 11.03 -14.71
CA PRO I 14 2.67 10.82 -15.16
C PRO I 14 1.81 12.08 -15.04
N ARG I 15 0.62 12.03 -15.62
CA ARG I 15 -0.32 13.15 -15.58
C ARG I 15 -1.00 13.22 -14.22
N GLY I 16 -1.19 14.44 -13.71
CA GLY I 16 -1.84 14.66 -12.42
C GLY I 16 -3.31 14.23 -12.41
N ARG I 17 -3.83 13.97 -11.21
CA ARG I 17 -5.21 13.54 -11.05
C ARG I 17 -6.20 14.60 -11.51
N THR I 18 -7.34 14.14 -12.03
CA THR I 18 -8.40 15.03 -12.52
C THR I 18 -8.89 15.94 -11.41
N GLY I 19 -9.08 17.22 -11.74
CA GLY I 19 -9.47 18.24 -10.77
C GLY I 19 -10.82 18.06 -10.12
N PRO I 20 -11.13 18.88 -9.10
CA PRO I 20 -12.41 18.86 -8.40
C PRO I 20 -13.58 19.24 -9.32
N GLY I 22 -16.95 21.15 -10.65
CA GLY I 22 -17.35 22.55 -10.61
C GLY I 22 -18.51 22.87 -9.68
N PRO I 23 -18.80 24.17 -9.49
CA PRO I 23 -19.89 24.61 -8.62
C PRO I 23 -21.27 24.35 -9.23
N GLY I 25 -24.94 24.10 -10.81
CA GLY I 25 -25.52 24.97 -11.84
C GLY I 25 -26.66 25.87 -11.37
N PRO I 26 -27.21 26.67 -12.30
CA PRO I 26 -28.31 27.59 -11.99
C PRO I 26 -29.65 26.87 -11.85
N GLY I 28 -33.48 25.82 -12.57
CA GLY I 28 -34.16 25.59 -13.84
C GLY I 28 -35.33 26.53 -14.13
N PRO I 29 -35.83 26.53 -15.37
CA PRO I 29 -37.01 27.31 -15.74
C PRO I 29 -38.30 26.61 -15.28
N GLY J 1 37.71 3.05 -10.77
CA GLY J 1 36.56 3.90 -10.34
C GLY J 1 35.22 3.34 -10.78
N PRO J 2 34.27 3.23 -9.82
CA PRO J 2 32.93 2.73 -10.12
C PRO J 2 32.04 3.79 -10.78
N GLY J 4 29.12 6.46 -11.37
CA GLY J 4 28.58 7.46 -10.45
C GLY J 4 27.13 7.25 -10.08
N PRO J 5 26.52 8.24 -9.38
CA PRO J 5 25.13 8.17 -8.94
C PRO J 5 24.15 8.16 -10.11
N GLY J 7 21.27 9.57 -12.34
CA GLY J 7 21.07 10.97 -12.72
C GLY J 7 19.94 11.70 -12.02
N PRO J 8 19.76 12.99 -12.34
CA PRO J 8 18.68 13.81 -11.77
C PRO J 8 17.29 13.21 -12.05
N GLY J 10 13.26 12.99 -13.12
CA GLY J 10 12.49 13.57 -14.20
C GLY J 10 11.70 14.80 -13.76
N PRO J 11 11.48 15.75 -14.68
CA PRO J 11 10.66 16.91 -14.36
C PRO J 11 9.19 16.53 -14.22
N GLY J 13 5.52 15.66 -14.35
CA GLY J 13 4.76 15.45 -15.58
C GLY J 13 3.66 16.45 -15.86
N PRO J 14 3.04 16.35 -17.05
CA PRO J 14 1.96 17.26 -17.50
C PRO J 14 0.85 17.43 -16.47
N ARG J 15 0.28 18.62 -16.43
CA ARG J 15 -0.72 19.00 -15.43
C ARG J 15 -2.03 18.24 -15.63
N GLY J 16 -2.78 18.06 -14.56
CA GLY J 16 -4.08 17.38 -14.60
C GLY J 16 -5.10 18.12 -15.42
N ARG J 17 -5.99 17.38 -16.07
CA ARG J 17 -7.04 17.97 -16.89
C ARG J 17 -8.18 18.52 -16.02
N THR J 18 -8.98 19.41 -16.62
CA THR J 18 -10.12 20.04 -15.93
C THR J 18 -11.09 19.01 -15.35
N GLY J 19 -11.65 19.33 -14.19
CA GLY J 19 -12.56 18.44 -13.48
C GLY J 19 -13.91 18.25 -14.17
N PRO J 20 -14.77 17.40 -13.58
CA PRO J 20 -16.11 17.14 -14.12
C PRO J 20 -17.03 18.35 -13.94
N GLY J 22 -20.15 20.09 -12.48
CA GLY J 22 -20.72 19.86 -11.14
C GLY J 22 -22.13 19.29 -11.09
N PRO J 23 -22.73 19.26 -9.89
CA PRO J 23 -24.07 18.71 -9.69
C PRO J 23 -25.15 19.54 -10.37
N GLY J 25 -28.28 21.81 -11.09
CA GLY J 25 -28.77 22.95 -10.31
C GLY J 25 -30.02 22.67 -9.49
N PRO J 26 -30.26 23.49 -8.45
CA PRO J 26 -31.46 23.35 -7.62
C PRO J 26 -32.74 23.54 -8.45
N GLY J 28 -36.18 24.10 -10.50
CA GLY J 28 -36.83 25.37 -10.84
C GLY J 28 -38.01 25.72 -9.96
#